data_2BV8
#
_entry.id   2BV8
#
_cell.length_a   101.985
_cell.length_b   151.803
_cell.length_c   101.548
_cell.angle_alpha   90.00
_cell.angle_beta   117.45
_cell.angle_gamma   90.00
#
_symmetry.space_group_name_H-M   'P 1 21 1'
#
loop_
_entity.id
_entity.type
_entity.pdbx_description
1 polymer 'C-PHYCOCYANIN ALPHA SUBUNIT'
2 polymer 'C-PHYCOCYANIN BETA SUBUNIT'
3 non-polymer PHYCOCYANOBILIN
4 non-polymer PHYCOERYTHROBILIN
5 water water
#
loop_
_entity_poly.entity_id
_entity_poly.type
_entity_poly.pdbx_seq_one_letter_code
_entity_poly.pdbx_strand_id
1 'polypeptide(L)'
;MKTPITEAIASADSQGRFLSNGELQSINGRYQRATASLEAARSLTSNAERLISGAAQSVYSKFPYTTQMQGPNYAADATG
KAKCARDIGYYLRMVTYCLVVGATGPMDEYLIAGLSEINRSFELSPSWYIEALEYIKDSHALSGQAANEANTYLDYAINA
LS
;
A,C,E,K,M,O
2 'polypeptide(L)'
;MLDAFAKVVAQADARGEFLSNTQLDALANMIAEGNKRLDIVNRINSNASAIVSNSARALFAEQPQLIQPGG(MEN)AYTN
RRMAACLRDMEIVLRYVSYAEIAGDSSVLDDRCLNGLRETYQALGTPGSSVAVAIEKMKEASVSDANDSSGTPSGDCSSL
SAELGTYFDRAASAVS
;
B,D,F,L,N,P
#
loop_
_chem_comp.id
_chem_comp.type
_chem_comp.name
_chem_comp.formula
CYC non-polymer PHYCOCYANOBILIN 'C33 H40 N4 O6'
PEB non-polymer PHYCOERYTHROBILIN 'C33 H40 N4 O6'
#
# COMPACT_ATOMS: atom_id res chain seq x y z
N MET A 1 17.97 -17.30 12.10
CA MET A 1 18.53 -18.25 11.11
C MET A 1 17.43 -19.21 10.66
N LYS A 2 17.40 -19.49 9.39
CA LYS A 2 16.38 -20.35 8.88
C LYS A 2 16.76 -21.83 9.02
N THR A 3 15.98 -22.59 9.79
CA THR A 3 16.18 -24.04 9.90
C THR A 3 14.79 -24.66 9.65
N PRO A 4 14.71 -25.99 9.49
CA PRO A 4 13.38 -26.53 9.27
C PRO A 4 12.48 -26.20 10.45
N ILE A 5 13.04 -26.16 11.65
CA ILE A 5 12.27 -25.85 12.84
C ILE A 5 11.88 -24.36 12.92
N THR A 6 12.84 -23.45 12.80
CA THR A 6 12.49 -22.01 12.87
C THR A 6 11.56 -21.63 11.72
N GLU A 7 11.77 -22.26 10.58
CA GLU A 7 10.92 -21.98 9.47
C GLU A 7 9.48 -22.42 9.73
N ALA A 8 9.29 -23.62 10.28
CA ALA A 8 7.96 -24.10 10.61
C ALA A 8 7.32 -23.11 11.64
N ILE A 9 8.09 -22.71 12.64
CA ILE A 9 7.60 -21.75 13.62
C ILE A 9 7.22 -20.40 12.96
N ALA A 10 8.10 -19.84 12.10
CA ALA A 10 7.76 -18.55 11.50
C ALA A 10 6.48 -18.66 10.67
N SER A 11 6.25 -19.79 9.98
CA SER A 11 5.02 -19.93 9.18
C SER A 11 3.80 -20.02 10.07
N ALA A 12 3.86 -20.84 11.13
CA ALA A 12 2.71 -20.99 12.03
C ALA A 12 2.36 -19.64 12.66
N ASP A 13 3.40 -18.94 13.10
CA ASP A 13 3.27 -17.62 13.74
C ASP A 13 2.72 -16.59 12.74
N SER A 14 3.17 -16.62 11.49
CA SER A 14 2.66 -15.63 10.54
C SER A 14 1.17 -15.87 10.33
N GLN A 15 0.68 -17.07 10.66
CA GLN A 15 -0.75 -17.36 10.54
C GLN A 15 -1.50 -17.40 11.87
N GLY A 16 -0.85 -16.87 12.90
CA GLY A 16 -1.39 -16.86 14.23
C GLY A 16 -1.91 -18.17 14.72
N ARG A 17 -1.21 -19.27 14.43
CA ARG A 17 -1.71 -20.56 14.85
C ARG A 17 -0.60 -21.49 15.40
N PHE A 18 -1.07 -22.59 15.98
CA PHE A 18 -0.23 -23.63 16.53
C PHE A 18 0.37 -24.36 15.36
N LEU A 19 1.45 -25.06 15.61
CA LEU A 19 2.06 -25.78 14.53
C LEU A 19 1.08 -26.81 14.04
N SER A 20 1.18 -27.08 12.74
CA SER A 20 0.33 -28.09 12.11
C SER A 20 1.01 -29.45 12.17
N ASN A 21 0.22 -30.51 12.10
CA ASN A 21 0.80 -31.84 12.12
C ASN A 21 1.75 -31.97 10.89
N GLY A 22 1.43 -31.26 9.81
CA GLY A 22 2.26 -31.26 8.63
C GLY A 22 3.61 -30.69 9.02
N GLU A 23 3.61 -29.65 9.84
CA GLU A 23 4.86 -29.09 10.26
C GLU A 23 5.58 -30.03 11.26
N LEU A 24 4.84 -30.78 12.08
CA LEU A 24 5.51 -31.71 12.97
C LEU A 24 6.17 -32.79 12.16
N GLN A 25 5.51 -33.27 11.10
CA GLN A 25 6.11 -34.30 10.25
C GLN A 25 7.31 -33.70 9.57
N SER A 26 7.26 -32.40 9.29
CA SER A 26 8.41 -31.82 8.63
C SER A 26 9.62 -31.79 9.57
N ILE A 27 9.38 -31.50 10.84
CA ILE A 27 10.45 -31.48 11.79
C ILE A 27 10.92 -32.91 12.03
N ASN A 28 9.98 -33.85 11.99
CA ASN A 28 10.37 -35.24 12.16
C ASN A 28 11.28 -35.57 10.98
N GLY A 29 11.00 -34.99 9.80
CA GLY A 29 11.84 -35.27 8.63
C GLY A 29 13.31 -34.85 8.86
N ARG A 30 13.49 -33.69 9.47
CA ARG A 30 14.83 -33.19 9.80
C ARG A 30 15.44 -34.12 10.88
N TYR A 31 14.67 -34.50 11.91
CA TYR A 31 15.24 -35.37 12.96
C TYR A 31 15.72 -36.68 12.33
N GLN A 32 14.97 -37.21 11.36
CA GLN A 32 15.34 -38.45 10.69
C GLN A 32 16.61 -38.32 9.86
N ARG A 33 16.75 -37.22 9.13
CA ARG A 33 17.92 -37.01 8.27
C ARG A 33 19.19 -36.58 9.07
N ALA A 34 19.01 -36.11 10.30
CA ALA A 34 20.13 -35.60 11.11
C ALA A 34 21.24 -36.57 11.39
N THR A 35 20.94 -37.86 11.47
CA THR A 35 22.02 -38.79 11.75
C THR A 35 23.03 -38.78 10.63
N ALA A 36 22.53 -38.79 9.39
CA ALA A 36 23.42 -38.74 8.26
C ALA A 36 24.17 -37.36 8.21
N SER A 37 23.45 -36.26 8.45
CA SER A 37 24.07 -34.93 8.43
C SER A 37 25.17 -34.75 9.51
N LEU A 38 24.91 -35.27 10.71
CA LEU A 38 25.86 -35.11 11.80
C LEU A 38 27.09 -35.90 11.55
N GLU A 39 26.92 -37.04 10.88
CA GLU A 39 28.06 -37.88 10.54
C GLU A 39 28.86 -37.10 9.49
N ALA A 40 28.20 -36.53 8.47
CA ALA A 40 28.97 -35.75 7.49
C ALA A 40 29.72 -34.59 8.17
N ALA A 41 29.05 -33.90 9.08
CA ALA A 41 29.66 -32.77 9.78
C ALA A 41 30.93 -33.17 10.55
N ARG A 42 30.85 -34.33 11.24
CA ARG A 42 31.96 -34.87 12.02
C ARG A 42 33.13 -35.21 11.12
N SER A 43 32.86 -35.94 10.05
CA SER A 43 33.89 -36.33 9.10
C SER A 43 34.58 -35.14 8.41
N LEU A 44 33.81 -34.22 7.83
CA LEU A 44 34.43 -33.06 7.20
C LEU A 44 35.27 -32.29 8.21
N THR A 45 34.75 -32.14 9.41
CA THR A 45 35.47 -31.44 10.45
C THR A 45 36.78 -32.16 10.85
N SER A 46 36.79 -33.48 10.98
CA SER A 46 38.05 -34.11 11.37
C SER A 46 39.05 -34.04 10.22
N ASN A 47 38.57 -33.90 8.98
CA ASN A 47 39.47 -33.82 7.84
C ASN A 47 39.61 -32.41 7.32
N ALA A 48 39.21 -31.44 8.13
CA ALA A 48 39.21 -30.06 7.68
C ALA A 48 40.54 -29.54 7.13
N GLU A 49 41.65 -29.77 7.85
CA GLU A 49 42.92 -29.23 7.34
C GLU A 49 43.35 -29.78 6.03
N ARG A 50 43.29 -31.10 5.86
CA ARG A 50 43.72 -31.64 4.61
C ARG A 50 42.75 -31.26 3.46
N LEU A 51 41.46 -31.09 3.79
CA LEU A 51 40.54 -30.71 2.73
C LEU A 51 40.84 -29.26 2.28
N ILE A 52 41.04 -28.40 3.23
CA ILE A 52 41.28 -27.02 2.91
C ILE A 52 42.61 -26.85 2.13
N SER A 53 43.68 -27.47 2.63
CA SER A 53 44.99 -27.39 2.00
C SER A 53 44.91 -27.96 0.61
N GLY A 54 44.34 -29.15 0.51
CA GLY A 54 44.19 -29.75 -0.77
C GLY A 54 43.27 -28.90 -1.67
N ALA A 55 42.26 -28.24 -1.13
CA ALA A 55 41.41 -27.46 -2.06
C ALA A 55 42.18 -26.25 -2.61
N ALA A 56 42.93 -25.59 -1.74
CA ALA A 56 43.66 -24.42 -2.16
C ALA A 56 44.70 -24.80 -3.21
N GLN A 57 45.40 -25.91 -3.00
CA GLN A 57 46.39 -26.31 -3.97
C GLN A 57 45.72 -26.55 -5.31
N SER A 58 44.54 -27.17 -5.27
CA SER A 58 43.81 -27.47 -6.50
C SER A 58 43.44 -26.18 -7.25
N VAL A 59 43.13 -25.12 -6.52
CA VAL A 59 42.79 -23.84 -7.17
C VAL A 59 44.09 -23.23 -7.78
N TYR A 60 45.18 -23.32 -7.02
CA TYR A 60 46.48 -22.79 -7.51
C TYR A 60 46.93 -23.57 -8.76
N SER A 61 46.63 -24.84 -8.84
CA SER A 61 47.05 -25.58 -10.01
C SER A 61 46.16 -25.26 -11.18
N LYS A 62 44.87 -24.99 -10.93
CA LYS A 62 43.99 -24.69 -12.05
C LYS A 62 44.04 -23.25 -12.52
N PHE A 63 44.32 -22.34 -11.60
CA PHE A 63 44.42 -20.92 -11.94
C PHE A 63 45.82 -20.43 -11.56
N PRO A 64 46.86 -20.93 -12.27
CA PRO A 64 48.28 -20.59 -12.05
C PRO A 64 48.51 -19.09 -11.84
N TYR A 65 47.86 -18.29 -12.66
CA TYR A 65 47.95 -16.84 -12.61
C TYR A 65 47.62 -16.21 -11.23
N THR A 66 46.74 -16.81 -10.45
CA THR A 66 46.39 -16.24 -9.15
C THR A 66 47.59 -16.17 -8.21
N THR A 67 48.42 -17.22 -8.23
CA THR A 67 49.63 -17.26 -7.41
C THR A 67 50.80 -16.53 -8.11
N GLN A 68 50.56 -16.14 -9.37
CA GLN A 68 51.54 -15.44 -10.20
C GLN A 68 51.29 -13.93 -10.24
N MET A 69 50.09 -13.52 -10.66
CA MET A 69 49.72 -12.10 -10.73
C MET A 69 49.86 -11.45 -9.34
N GLN A 70 50.89 -10.64 -9.20
CA GLN A 70 51.20 -9.98 -7.94
C GLN A 70 50.50 -8.64 -7.69
N GLY A 71 49.58 -8.66 -6.73
CA GLY A 71 48.82 -7.47 -6.38
C GLY A 71 48.03 -7.76 -5.11
N PRO A 72 47.22 -6.82 -4.61
CA PRO A 72 46.48 -7.15 -3.39
C PRO A 72 45.49 -8.31 -3.62
N ASN A 73 44.88 -8.32 -4.80
CA ASN A 73 43.89 -9.33 -5.16
C ASN A 73 44.33 -10.79 -5.39
N TYR A 74 45.60 -11.04 -5.67
CA TYR A 74 46.03 -12.43 -5.90
C TYR A 74 46.89 -13.07 -4.82
N ALA A 75 46.71 -14.39 -4.67
CA ALA A 75 47.44 -15.20 -3.69
C ALA A 75 48.86 -15.40 -4.20
N ALA A 76 49.46 -14.33 -4.71
CA ALA A 76 50.81 -14.35 -5.25
C ALA A 76 51.77 -14.19 -4.07
N ASP A 77 51.19 -14.00 -2.90
CA ASP A 77 51.95 -13.80 -1.70
C ASP A 77 51.42 -14.62 -0.53
N ALA A 78 52.24 -14.67 0.52
CA ALA A 78 51.92 -15.41 1.73
C ALA A 78 50.59 -14.98 2.34
N THR A 79 50.30 -13.68 2.31
CA THR A 79 49.05 -13.16 2.86
C THR A 79 47.92 -13.58 1.93
N GLY A 80 48.18 -13.41 0.63
CA GLY A 80 47.23 -13.77 -0.39
C GLY A 80 46.77 -15.20 -0.30
N LYS A 81 47.72 -16.14 -0.13
CA LYS A 81 47.39 -17.56 -0.05
C LYS A 81 46.81 -17.85 1.32
N ALA A 82 47.25 -17.13 2.33
CA ALA A 82 46.66 -17.36 3.63
C ALA A 82 45.15 -17.00 3.58
N LYS A 83 44.80 -15.91 2.92
CA LYS A 83 43.41 -15.49 2.87
C LYS A 83 42.59 -16.46 2.05
N CYS A 84 43.24 -17.03 1.04
CA CYS A 84 42.60 -17.99 0.19
C CYS A 84 42.24 -19.24 1.00
N ALA A 85 43.18 -19.75 1.79
CA ALA A 85 42.91 -20.95 2.57
C ALA A 85 41.88 -20.60 3.63
N ARG A 86 41.96 -19.39 4.15
CA ARG A 86 41.02 -18.92 5.15
C ARG A 86 39.61 -18.88 4.51
N ASP A 87 39.48 -18.32 3.31
CA ASP A 87 38.19 -18.28 2.62
C ASP A 87 37.71 -19.71 2.39
N ILE A 88 38.60 -20.58 1.92
CA ILE A 88 38.20 -21.94 1.65
C ILE A 88 37.69 -22.62 2.89
N GLY A 89 38.38 -22.39 4.03
CA GLY A 89 37.91 -22.97 5.28
C GLY A 89 36.55 -22.38 5.73
N TYR A 90 36.26 -21.13 5.35
CA TYR A 90 34.98 -20.54 5.71
C TYR A 90 33.91 -21.31 4.99
N TYR A 91 34.13 -21.60 3.71
CA TYR A 91 33.14 -22.39 2.96
C TYR A 91 32.94 -23.74 3.63
N LEU A 92 34.03 -24.41 4.01
CA LEU A 92 33.87 -25.72 4.61
C LEU A 92 33.13 -25.64 5.92
N ARG A 93 33.48 -24.67 6.77
CA ARG A 93 32.85 -24.50 8.03
C ARG A 93 31.33 -24.21 7.87
N MET A 94 30.99 -23.36 6.91
CA MET A 94 29.57 -23.11 6.64
C MET A 94 28.87 -24.39 6.25
N VAL A 95 29.48 -25.17 5.38
CA VAL A 95 28.88 -26.42 5.00
C VAL A 95 28.55 -27.28 6.25
N THR A 96 29.48 -27.41 7.20
CA THR A 96 29.22 -28.20 8.42
C THR A 96 28.08 -27.55 9.26
N TYR A 97 27.95 -26.22 9.26
CA TYR A 97 26.84 -25.59 10.01
C TYR A 97 25.49 -25.93 9.38
N CYS A 98 25.45 -25.95 8.04
CA CYS A 98 24.24 -26.30 7.26
C CYS A 98 23.85 -27.73 7.66
N LEU A 99 24.84 -28.61 7.70
CA LEU A 99 24.59 -29.99 8.07
C LEU A 99 24.01 -30.08 9.45
N VAL A 100 24.61 -29.34 10.36
CA VAL A 100 24.20 -29.31 11.75
C VAL A 100 22.78 -28.81 11.94
N VAL A 101 22.38 -27.75 11.23
CA VAL A 101 21.00 -27.26 11.46
C VAL A 101 20.00 -27.84 10.48
N GLY A 102 20.50 -28.61 9.51
CA GLY A 102 19.67 -29.23 8.49
C GLY A 102 19.07 -28.25 7.46
N ALA A 103 19.82 -27.22 7.09
CA ALA A 103 19.29 -26.24 6.12
C ALA A 103 20.43 -25.38 5.66
N THR A 104 20.22 -24.63 4.57
CA THR A 104 21.24 -23.74 4.01
C THR A 104 21.36 -22.46 4.83
N GLY A 105 20.43 -22.23 5.75
CA GLY A 105 20.46 -21.00 6.56
C GLY A 105 21.80 -20.37 6.98
N PRO A 106 22.69 -21.15 7.60
CA PRO A 106 23.99 -20.60 8.03
C PRO A 106 24.81 -20.11 6.85
N MET A 107 24.84 -20.87 5.79
CA MET A 107 25.61 -20.42 4.64
C MET A 107 24.94 -19.21 3.94
N ASP A 108 23.61 -19.19 3.95
CA ASP A 108 22.91 -18.09 3.32
C ASP A 108 23.23 -16.80 4.07
N GLU A 109 23.14 -16.87 5.39
CA GLU A 109 23.35 -15.68 6.18
C GLU A 109 24.82 -15.26 6.39
N TYR A 110 25.72 -16.21 6.64
CA TYR A 110 27.11 -15.83 6.94
C TYR A 110 28.01 -15.65 5.75
N LEU A 111 27.63 -16.24 4.63
CA LEU A 111 28.47 -16.20 3.45
C LEU A 111 27.78 -15.74 2.16
N ILE A 112 26.61 -16.31 1.85
CA ILE A 112 26.01 -15.94 0.59
C ILE A 112 25.46 -14.49 0.63
N ALA A 113 24.88 -14.04 1.74
CA ALA A 113 24.39 -12.67 1.70
C ALA A 113 25.60 -11.72 1.54
N GLY A 114 25.58 -10.91 0.48
CA GLY A 114 26.65 -9.99 0.21
C GLY A 114 27.81 -10.62 -0.60
N LEU A 115 27.71 -11.90 -0.97
CA LEU A 115 28.80 -12.56 -1.69
C LEU A 115 29.11 -11.88 -3.01
N SER A 116 28.05 -11.55 -3.77
CA SER A 116 28.23 -10.90 -5.06
C SER A 116 29.02 -9.60 -4.92
N GLU A 117 28.65 -8.76 -3.96
CA GLU A 117 29.30 -7.50 -3.74
C GLU A 117 30.78 -7.66 -3.33
N ILE A 118 31.06 -8.64 -2.48
CA ILE A 118 32.43 -8.82 -2.02
C ILE A 118 33.31 -9.38 -3.16
N ASN A 119 32.77 -10.32 -3.92
CA ASN A 119 33.55 -10.89 -5.02
C ASN A 119 33.80 -9.87 -6.11
N ARG A 120 32.85 -8.98 -6.29
CA ARG A 120 33.00 -7.93 -7.29
C ARG A 120 33.98 -6.89 -6.76
N SER A 121 33.75 -6.38 -5.56
CA SER A 121 34.65 -5.35 -5.01
C SER A 121 36.12 -5.77 -4.84
N PHE A 122 36.35 -6.99 -4.40
CA PHE A 122 37.72 -7.38 -4.21
C PHE A 122 38.26 -8.20 -5.39
N GLU A 123 37.50 -8.23 -6.50
CA GLU A 123 37.85 -8.97 -7.71
C GLU A 123 38.22 -10.39 -7.44
N LEU A 124 37.38 -11.07 -6.65
CA LEU A 124 37.63 -12.49 -6.36
C LEU A 124 36.76 -13.25 -7.40
N SER A 125 37.34 -14.26 -8.05
CA SER A 125 36.63 -15.00 -9.04
C SER A 125 35.77 -16.13 -8.45
N PRO A 126 34.46 -16.18 -8.74
CA PRO A 126 33.64 -17.27 -8.20
C PRO A 126 34.20 -18.63 -8.66
N SER A 127 34.81 -18.66 -9.83
CA SER A 127 35.37 -19.89 -10.38
C SER A 127 36.43 -20.54 -9.53
N TRP A 128 37.15 -19.73 -8.76
CA TRP A 128 38.20 -20.20 -7.87
C TRP A 128 37.54 -21.03 -6.78
N TYR A 129 36.48 -20.48 -6.23
CA TYR A 129 35.79 -21.18 -5.16
C TYR A 129 35.06 -22.37 -5.69
N ILE A 130 34.53 -22.30 -6.91
CA ILE A 130 33.88 -23.47 -7.44
C ILE A 130 34.87 -24.64 -7.49
N GLU A 131 36.09 -24.39 -7.96
CA GLU A 131 37.10 -25.44 -8.01
C GLU A 131 37.46 -25.96 -6.59
N ALA A 132 37.54 -25.08 -5.60
CA ALA A 132 37.84 -25.56 -4.25
C ALA A 132 36.71 -26.51 -3.74
N LEU A 133 35.47 -26.14 -4.05
CA LEU A 133 34.34 -26.93 -3.56
C LEU A 133 34.29 -28.26 -4.30
N GLU A 134 34.58 -28.25 -5.61
CA GLU A 134 34.58 -29.48 -6.39
C GLU A 134 35.64 -30.37 -5.79
N TYR A 135 36.75 -29.76 -5.42
CA TYR A 135 37.81 -30.54 -4.82
C TYR A 135 37.35 -31.20 -3.54
N ILE A 136 36.68 -30.45 -2.67
CA ILE A 136 36.21 -31.05 -1.42
C ILE A 136 35.22 -32.21 -1.67
N LYS A 137 34.31 -32.02 -2.62
CA LYS A 137 33.34 -33.06 -2.95
C LYS A 137 34.09 -34.33 -3.37
N ASP A 138 35.15 -34.16 -4.17
CA ASP A 138 35.91 -35.32 -4.65
C ASP A 138 36.84 -35.88 -3.62
N SER A 139 36.98 -35.16 -2.51
CA SER A 139 37.93 -35.60 -1.53
C SER A 139 37.47 -35.96 -0.15
N HIS A 140 36.24 -35.61 0.23
CA HIS A 140 35.87 -35.91 1.61
C HIS A 140 35.83 -37.40 1.94
N ALA A 141 35.66 -38.24 0.95
CA ALA A 141 35.63 -39.68 1.14
C ALA A 141 34.41 -40.21 1.93
N LEU A 142 33.33 -39.42 2.04
CA LEU A 142 32.15 -39.89 2.74
C LEU A 142 31.47 -40.89 1.86
N SER A 143 30.51 -41.61 2.43
CA SER A 143 29.75 -42.62 1.68
C SER A 143 28.27 -42.54 2.12
N GLY A 144 27.41 -43.24 1.39
CA GLY A 144 25.98 -43.30 1.72
C GLY A 144 25.30 -41.95 1.83
N GLN A 145 24.37 -41.84 2.76
CA GLN A 145 23.64 -40.61 2.89
C GLN A 145 24.45 -39.49 3.53
N ALA A 146 25.48 -39.81 4.32
CA ALA A 146 26.31 -38.73 4.89
C ALA A 146 26.98 -38.02 3.71
N ALA A 147 27.42 -38.79 2.73
CA ALA A 147 28.02 -38.21 1.56
C ALA A 147 26.98 -37.36 0.77
N ASN A 148 25.74 -37.85 0.64
CA ASN A 148 24.67 -37.13 -0.07
C ASN A 148 24.49 -35.79 0.63
N GLU A 149 24.38 -35.82 1.94
CA GLU A 149 24.20 -34.60 2.68
C GLU A 149 25.30 -33.58 2.41
N ALA A 150 26.54 -34.01 2.58
CA ALA A 150 27.68 -33.15 2.37
C ALA A 150 27.67 -32.53 0.98
N ASN A 151 27.51 -33.39 -0.01
CA ASN A 151 27.51 -32.96 -1.37
C ASN A 151 26.36 -32.03 -1.75
N THR A 152 25.18 -32.23 -1.15
CA THR A 152 24.02 -31.39 -1.44
C THR A 152 24.34 -29.96 -1.03
N TYR A 153 24.91 -29.77 0.16
CA TYR A 153 25.30 -28.41 0.57
C TYR A 153 26.50 -27.90 -0.20
N LEU A 154 27.47 -28.76 -0.52
CA LEU A 154 28.64 -28.24 -1.28
C LEU A 154 28.15 -27.79 -2.69
N ASP A 155 27.20 -28.54 -3.29
CA ASP A 155 26.59 -28.21 -4.59
C ASP A 155 25.75 -26.92 -4.52
N TYR A 156 25.12 -26.69 -3.37
CA TYR A 156 24.34 -25.50 -3.12
C TYR A 156 25.25 -24.29 -3.18
N ALA A 157 26.42 -24.42 -2.56
CA ALA A 157 27.39 -23.33 -2.59
C ALA A 157 27.87 -23.12 -4.01
N ILE A 158 28.17 -24.22 -4.73
CA ILE A 158 28.62 -24.13 -6.13
C ILE A 158 27.57 -23.38 -6.93
N ASN A 159 26.30 -23.72 -6.74
CA ASN A 159 25.24 -22.99 -7.43
C ASN A 159 25.16 -21.52 -7.05
N ALA A 160 25.44 -21.13 -5.80
CA ALA A 160 25.38 -19.73 -5.43
C ALA A 160 26.46 -18.94 -6.17
N LEU A 161 27.54 -19.65 -6.54
CA LEU A 161 28.68 -19.06 -7.23
C LEU A 161 28.58 -19.07 -8.74
N SER A 162 27.54 -19.68 -9.32
CA SER A 162 27.40 -19.76 -10.76
C SER A 162 25.99 -19.52 -11.38
N MET B 1 15.23 -15.74 14.24
CA MET B 1 15.10 -16.53 15.51
C MET B 1 16.02 -17.74 15.45
N LEU B 2 16.18 -18.38 16.59
CA LEU B 2 17.07 -19.55 16.70
C LEU B 2 16.41 -20.77 17.30
N ASP B 3 16.76 -21.94 16.82
CA ASP B 3 16.32 -23.12 17.50
C ASP B 3 17.63 -23.57 18.24
N ALA B 4 17.60 -24.66 18.99
CA ALA B 4 18.80 -25.10 19.75
C ALA B 4 20.04 -25.36 18.89
N PHE B 5 19.85 -25.95 17.73
CA PHE B 5 20.94 -26.23 16.81
C PHE B 5 21.62 -24.90 16.31
N ALA B 6 20.80 -23.99 15.80
CA ALA B 6 21.25 -22.70 15.32
C ALA B 6 21.96 -21.90 16.43
N LYS B 7 21.51 -22.03 17.67
CA LYS B 7 22.14 -21.29 18.74
C LYS B 7 23.63 -21.73 18.86
N VAL B 8 23.84 -23.04 18.82
CA VAL B 8 25.19 -23.60 18.92
C VAL B 8 26.03 -23.14 17.70
N VAL B 9 25.42 -23.16 16.53
CA VAL B 9 26.12 -22.71 15.35
C VAL B 9 26.46 -21.20 15.43
N ALA B 10 25.54 -20.36 15.86
CA ALA B 10 25.88 -18.93 15.93
C ALA B 10 27.05 -18.66 16.92
N GLN B 11 27.09 -19.38 18.04
CA GLN B 11 28.15 -19.19 19.02
C GLN B 11 29.47 -19.63 18.42
N ALA B 12 29.42 -20.78 17.75
CA ALA B 12 30.59 -21.31 17.09
C ALA B 12 31.13 -20.36 16.01
N ASP B 13 30.22 -19.80 15.20
CA ASP B 13 30.65 -18.93 14.09
C ASP B 13 31.40 -17.69 14.57
N ALA B 14 30.84 -17.04 15.57
CA ALA B 14 31.40 -15.84 16.18
C ALA B 14 32.76 -16.14 16.73
N ARG B 15 33.05 -17.42 16.99
CA ARG B 15 34.38 -17.81 17.47
C ARG B 15 35.23 -18.38 16.31
N GLY B 16 34.66 -18.48 15.11
CA GLY B 16 35.43 -18.99 13.96
C GLY B 16 35.69 -20.49 14.00
N GLU B 17 34.91 -21.21 14.79
CA GLU B 17 35.14 -22.64 14.97
C GLU B 17 34.09 -23.63 14.50
N PHE B 18 34.59 -24.82 14.17
CA PHE B 18 33.73 -25.95 13.81
C PHE B 18 33.19 -26.44 15.13
N LEU B 19 32.04 -27.09 15.09
CA LEU B 19 31.47 -27.61 16.34
C LEU B 19 32.35 -28.80 16.78
N SER B 20 32.61 -28.92 18.08
CA SER B 20 33.40 -30.04 18.53
C SER B 20 32.57 -31.33 18.51
N ASN B 21 33.24 -32.46 18.63
CA ASN B 21 32.55 -33.71 18.70
C ASN B 21 31.62 -33.77 19.90
N THR B 22 31.95 -33.01 20.93
CA THR B 22 31.13 -33.01 22.13
C THR B 22 29.82 -32.30 21.81
N GLN B 23 29.92 -31.20 21.08
CA GLN B 23 28.76 -30.41 20.71
C GLN B 23 27.93 -31.21 19.74
N LEU B 24 28.59 -31.91 18.83
CA LEU B 24 27.83 -32.72 17.88
C LEU B 24 27.06 -33.82 18.66
N ASP B 25 27.71 -34.44 19.67
CA ASP B 25 27.00 -35.48 20.42
C ASP B 25 25.85 -34.88 21.25
N ALA B 26 26.06 -33.70 21.80
CA ALA B 26 25.00 -33.10 22.56
C ALA B 26 23.81 -32.81 21.61
N LEU B 27 24.09 -32.45 20.36
CA LEU B 27 22.97 -32.20 19.45
C LEU B 27 22.36 -33.53 19.07
N ALA B 28 23.15 -34.60 19.06
CA ALA B 28 22.55 -35.89 18.73
C ALA B 28 21.63 -36.30 19.91
N ASN B 29 21.92 -35.80 21.13
CA ASN B 29 21.03 -36.14 22.24
C ASN B 29 19.70 -35.41 22.03
N MET B 30 19.77 -34.27 21.36
CA MET B 30 18.53 -33.56 21.12
C MET B 30 17.75 -34.28 20.04
N ILE B 31 18.43 -34.82 19.05
CA ILE B 31 17.75 -35.53 17.99
C ILE B 31 17.07 -36.77 18.59
N ALA B 32 17.76 -37.46 19.50
CA ALA B 32 17.19 -38.67 20.10
C ALA B 32 15.93 -38.42 20.93
N GLU B 33 15.77 -37.23 21.49
CA GLU B 33 14.56 -36.95 22.24
C GLU B 33 13.51 -36.27 21.34
N GLY B 34 13.80 -36.17 20.04
CA GLY B 34 12.92 -35.49 19.10
C GLY B 34 11.50 -36.04 19.06
N ASN B 35 11.34 -37.35 18.91
CA ASN B 35 9.99 -37.91 18.92
C ASN B 35 9.26 -37.52 20.20
N LYS B 36 9.93 -37.54 21.34
CA LYS B 36 9.24 -37.13 22.55
C LYS B 36 8.85 -35.67 22.56
N ARG B 37 9.76 -34.83 22.04
CA ARG B 37 9.50 -33.40 22.02
C ARG B 37 8.30 -33.14 21.10
N LEU B 38 8.22 -33.92 20.02
CA LEU B 38 7.09 -33.80 19.10
C LEU B 38 5.79 -34.21 19.80
N ASP B 39 5.84 -35.29 20.61
CA ASP B 39 4.65 -35.73 21.33
C ASP B 39 4.13 -34.61 22.24
N ILE B 40 5.05 -33.96 22.97
CA ILE B 40 4.67 -32.88 23.89
C ILE B 40 4.01 -31.73 23.14
N VAL B 41 4.57 -31.36 22.00
CA VAL B 41 4.03 -30.28 21.18
C VAL B 41 2.68 -30.68 20.61
N ASN B 42 2.57 -31.92 20.16
CA ASN B 42 1.32 -32.43 19.64
C ASN B 42 0.25 -32.46 20.74
N ARG B 43 0.64 -32.77 21.98
CA ARG B 43 -0.34 -32.78 23.10
C ARG B 43 -0.89 -31.38 23.30
N ILE B 44 -0.02 -30.40 23.29
CA ILE B 44 -0.44 -29.02 23.46
C ILE B 44 -1.35 -28.63 22.27
N ASN B 45 -0.95 -28.89 21.01
CA ASN B 45 -1.77 -28.48 19.87
C ASN B 45 -3.14 -29.15 19.92
N SER B 46 -3.12 -30.42 20.25
CA SER B 46 -4.30 -31.23 20.27
C SER B 46 -5.25 -30.92 21.38
N ASN B 47 -4.80 -30.17 22.37
CA ASN B 47 -5.65 -29.81 23.49
C ASN B 47 -5.69 -28.31 23.70
N ALA B 48 -5.33 -27.55 22.68
CA ALA B 48 -5.20 -26.11 22.90
C ALA B 48 -6.43 -25.35 23.40
N SER B 49 -7.58 -25.60 22.79
CA SER B 49 -8.74 -24.89 23.22
C SER B 49 -9.16 -25.28 24.63
N ALA B 50 -8.94 -26.55 25.03
CA ALA B 50 -9.27 -26.96 26.39
C ALA B 50 -8.29 -26.33 27.42
N ILE B 51 -6.98 -26.39 27.14
CA ILE B 51 -5.96 -25.79 28.02
C ILE B 51 -6.33 -24.32 28.27
N VAL B 52 -6.65 -23.60 27.19
CA VAL B 52 -6.98 -22.19 27.33
C VAL B 52 -8.27 -21.96 28.07
N SER B 53 -9.36 -22.57 27.58
CA SER B 53 -10.67 -22.33 28.16
C SER B 53 -10.80 -22.80 29.60
N ASN B 54 -10.40 -24.03 29.88
CA ASN B 54 -10.49 -24.52 31.26
C ASN B 54 -9.61 -23.68 32.14
N SER B 55 -8.48 -23.19 31.59
CA SER B 55 -7.63 -22.37 32.48
C SER B 55 -8.27 -21.05 32.72
N ALA B 56 -8.88 -20.47 31.68
CA ALA B 56 -9.54 -19.18 31.87
C ALA B 56 -10.75 -19.33 32.83
N ARG B 57 -11.46 -20.45 32.70
CA ARG B 57 -12.62 -20.65 33.56
C ARG B 57 -12.20 -20.64 35.02
N ALA B 58 -11.12 -21.33 35.34
CA ALA B 58 -10.62 -21.38 36.71
C ALA B 58 -10.14 -19.99 37.16
N LEU B 59 -9.46 -19.26 36.27
CA LEU B 59 -9.04 -17.92 36.66
C LEU B 59 -10.28 -17.07 37.00
N PHE B 60 -11.31 -17.13 36.18
CA PHE B 60 -12.46 -16.30 36.48
C PHE B 60 -13.29 -16.77 37.65
N ALA B 61 -13.19 -18.06 38.01
CA ALA B 61 -13.93 -18.56 39.19
C ALA B 61 -13.16 -18.05 40.44
N GLU B 62 -11.84 -18.04 40.36
CA GLU B 62 -11.00 -17.54 41.46
C GLU B 62 -10.98 -16.03 41.56
N GLN B 63 -11.10 -15.37 40.42
CA GLN B 63 -11.06 -13.94 40.40
C GLN B 63 -12.26 -13.38 39.64
N PRO B 64 -13.48 -13.44 40.22
CA PRO B 64 -14.67 -12.91 39.52
C PRO B 64 -14.66 -11.42 39.27
N GLN B 65 -13.85 -10.69 40.01
CA GLN B 65 -13.81 -9.26 39.80
C GLN B 65 -13.36 -8.96 38.36
N LEU B 66 -12.60 -9.86 37.74
CA LEU B 66 -12.14 -9.54 36.37
C LEU B 66 -13.29 -9.46 35.41
N ILE B 67 -14.35 -10.24 35.65
CA ILE B 67 -15.44 -10.20 34.70
C ILE B 67 -16.65 -9.41 35.12
N GLN B 68 -16.68 -8.88 36.33
CA GLN B 68 -17.82 -8.07 36.72
C GLN B 68 -17.73 -6.73 35.95
N PRO B 69 -18.87 -6.06 35.75
CA PRO B 69 -18.83 -4.80 35.03
C PRO B 69 -17.72 -3.89 35.47
N GLY B 70 -16.95 -3.40 34.50
CA GLY B 70 -15.84 -2.53 34.82
C GLY B 70 -14.52 -3.27 34.89
N GLY B 71 -14.60 -4.58 35.09
CA GLY B 71 -13.39 -5.36 35.19
C GLY B 71 -12.69 -5.47 33.87
N MEN B 72 -11.41 -5.79 33.89
CA MEN B 72 -10.61 -5.89 32.68
C MEN B 72 -11.03 -6.94 31.68
O MEN B 72 -10.76 -6.78 30.51
CB MEN B 72 -9.13 -6.06 32.99
CG MEN B 72 -8.25 -5.56 31.85
OD1 MEN B 72 -7.49 -6.32 31.25
ND2 MEN B 72 -8.41 -4.28 31.54
CE2 MEN B 72 -7.72 -3.67 30.38
N ALA B 73 -11.75 -7.98 32.11
CA ALA B 73 -12.18 -9.03 31.17
C ALA B 73 -13.71 -8.94 30.91
N TYR B 74 -14.35 -7.87 31.38
CA TYR B 74 -15.75 -7.64 31.16
C TYR B 74 -15.93 -7.04 29.74
N THR B 75 -17.04 -7.43 29.09
CA THR B 75 -17.51 -7.16 27.68
C THR B 75 -16.89 -8.31 26.88
N ASN B 76 -17.53 -8.70 25.78
CA ASN B 76 -17.01 -9.80 25.04
C ASN B 76 -15.73 -9.47 24.30
N ARG B 77 -15.51 -8.19 23.95
CA ARG B 77 -14.28 -7.85 23.24
C ARG B 77 -13.09 -8.08 24.17
N ARG B 78 -13.22 -7.67 25.42
CA ARG B 78 -12.12 -7.87 26.35
C ARG B 78 -12.00 -9.32 26.74
N MET B 79 -13.12 -10.03 26.98
CA MET B 79 -13.02 -11.41 27.30
C MET B 79 -12.29 -12.09 26.15
N ALA B 80 -12.65 -11.75 24.92
CA ALA B 80 -12.01 -12.41 23.79
C ALA B 80 -10.52 -12.06 23.67
N ALA B 81 -10.16 -10.81 24.00
CA ALA B 81 -8.74 -10.43 23.90
C ALA B 81 -7.95 -11.24 24.96
N CYS B 82 -8.59 -11.44 26.12
CA CYS B 82 -7.96 -12.17 27.21
C CYS B 82 -7.72 -13.63 26.80
N LEU B 83 -8.72 -14.25 26.19
CA LEU B 83 -8.52 -15.62 25.76
C LEU B 83 -7.47 -15.69 24.65
N ARG B 84 -7.48 -14.70 23.77
CA ARG B 84 -6.48 -14.67 22.71
C ARG B 84 -5.09 -14.56 23.33
N ASP B 85 -4.89 -13.70 24.33
CA ASP B 85 -3.55 -13.62 24.94
C ASP B 85 -3.07 -14.95 25.53
N MET B 86 -4.00 -15.69 26.14
CA MET B 86 -3.65 -16.97 26.73
C MET B 86 -3.23 -17.87 25.60
N GLU B 87 -3.99 -17.85 24.51
CA GLU B 87 -3.66 -18.69 23.38
C GLU B 87 -2.32 -18.23 22.77
N ILE B 88 -2.08 -16.92 22.66
CA ILE B 88 -0.80 -16.41 22.08
C ILE B 88 0.36 -16.94 22.97
N VAL B 89 0.23 -16.79 24.28
CA VAL B 89 1.31 -17.32 25.14
C VAL B 89 1.47 -18.79 24.96
N LEU B 90 0.34 -19.52 24.88
CA LEU B 90 0.43 -20.98 24.71
C LEU B 90 1.12 -21.30 23.37
N ARG B 91 0.79 -20.58 22.30
CA ARG B 91 1.44 -20.83 21.00
C ARG B 91 2.96 -20.60 21.13
N TYR B 92 3.33 -19.47 21.78
CA TYR B 92 4.77 -19.14 21.87
C TYR B 92 5.57 -20.10 22.76
N VAL B 93 4.91 -20.61 23.79
CA VAL B 93 5.55 -21.60 24.64
C VAL B 93 5.73 -22.87 23.79
N SER B 94 4.71 -23.26 23.01
CA SER B 94 4.86 -24.46 22.20
C SER B 94 5.95 -24.28 21.12
N TYR B 95 6.15 -23.06 20.60
CA TYR B 95 7.21 -22.80 19.62
C TYR B 95 8.55 -22.93 20.35
N ALA B 96 8.69 -22.36 21.55
CA ALA B 96 9.93 -22.48 22.30
C ALA B 96 10.19 -23.95 22.54
N GLU B 97 9.14 -24.69 22.83
CA GLU B 97 9.31 -26.13 23.09
C GLU B 97 9.82 -26.95 21.89
N ILE B 98 9.35 -26.65 20.68
CA ILE B 98 9.80 -27.42 19.50
C ILE B 98 11.20 -26.93 19.11
N ALA B 99 11.49 -25.67 19.39
CA ALA B 99 12.80 -25.08 19.14
C ALA B 99 13.84 -25.55 20.16
N GLY B 100 13.38 -25.84 21.38
CA GLY B 100 14.30 -26.25 22.44
C GLY B 100 15.14 -25.04 22.80
N ASP B 101 14.54 -23.85 22.70
CA ASP B 101 15.21 -22.57 22.95
C ASP B 101 14.15 -21.52 23.18
N SER B 102 14.31 -20.69 24.21
CA SER B 102 13.33 -19.66 24.54
C SER B 102 13.32 -18.37 23.70
N SER B 103 14.28 -18.26 22.78
CA SER B 103 14.42 -17.05 21.95
C SER B 103 13.13 -16.52 21.28
N VAL B 104 12.44 -17.35 20.52
CA VAL B 104 11.22 -16.93 19.86
C VAL B 104 10.18 -16.39 20.84
N LEU B 105 10.07 -17.05 21.99
CA LEU B 105 9.15 -16.65 23.05
C LEU B 105 9.57 -15.35 23.72
N ASP B 106 10.85 -15.20 24.05
CA ASP B 106 11.32 -13.99 24.71
C ASP B 106 11.25 -12.78 23.74
N ASP B 107 11.62 -13.02 22.50
CA ASP B 107 11.68 -11.97 21.51
C ASP B 107 10.40 -11.50 20.90
N ARG B 108 9.64 -12.44 20.38
CA ARG B 108 8.40 -12.07 19.75
C ARG B 108 7.19 -11.99 20.67
N CYS B 109 7.30 -12.44 21.92
CA CYS B 109 6.10 -12.43 22.78
C CYS B 109 6.31 -11.76 24.13
N LEU B 110 7.30 -12.17 24.90
CA LEU B 110 7.48 -11.61 26.24
C LEU B 110 8.07 -10.19 26.33
N ASN B 111 9.05 -9.87 25.47
CA ASN B 111 9.70 -8.57 25.50
C ASN B 111 8.69 -7.44 25.39
N GLY B 112 8.63 -6.62 26.42
CA GLY B 112 7.69 -5.50 26.46
C GLY B 112 6.27 -5.77 26.98
N LEU B 113 5.94 -7.03 27.23
CA LEU B 113 4.61 -7.40 27.67
C LEU B 113 4.24 -6.82 29.04
N ARG B 114 5.18 -6.80 29.98
CA ARG B 114 4.98 -6.23 31.31
C ARG B 114 4.48 -4.77 31.15
N GLU B 115 5.20 -4.01 30.34
CA GLU B 115 4.84 -2.60 30.12
C GLU B 115 3.49 -2.48 29.40
N THR B 116 3.21 -3.36 28.46
CA THR B 116 1.96 -3.32 27.77
C THR B 116 0.77 -3.48 28.72
N TYR B 117 0.77 -4.52 29.57
CA TYR B 117 -0.32 -4.72 30.52
C TYR B 117 -0.45 -3.57 31.52
N GLN B 118 0.68 -3.02 31.95
CA GLN B 118 0.63 -1.88 32.88
C GLN B 118 -0.05 -0.70 32.15
N ALA B 119 0.31 -0.45 30.89
CA ALA B 119 -0.29 0.66 30.16
C ALA B 119 -1.79 0.45 29.97
N LEU B 120 -2.18 -0.81 29.74
CA LEU B 120 -3.60 -1.12 29.55
C LEU B 120 -4.37 -1.19 30.83
N GLY B 121 -3.72 -1.46 31.94
CA GLY B 121 -4.43 -1.60 33.18
C GLY B 121 -4.84 -3.06 33.39
N THR B 122 -4.35 -3.95 32.56
CA THR B 122 -4.63 -5.37 32.70
C THR B 122 -3.81 -5.84 33.93
N PRO B 123 -4.46 -6.49 34.92
CA PRO B 123 -3.67 -6.92 36.08
C PRO B 123 -2.67 -8.06 35.75
N GLY B 124 -1.37 -7.76 35.76
CA GLY B 124 -0.36 -8.79 35.41
C GLY B 124 -0.35 -10.05 36.29
N SER B 125 -0.57 -9.89 37.59
CA SER B 125 -0.59 -11.07 38.47
C SER B 125 -1.72 -12.03 38.08
N SER B 126 -2.82 -11.51 37.51
CA SER B 126 -3.94 -12.35 37.07
C SER B 126 -3.49 -13.05 35.77
N VAL B 127 -2.81 -12.34 34.89
CA VAL B 127 -2.27 -13.01 33.67
C VAL B 127 -1.31 -14.11 34.09
N ALA B 128 -0.42 -13.84 35.06
CA ALA B 128 0.51 -14.92 35.44
C ALA B 128 -0.24 -16.13 36.01
N VAL B 129 -1.33 -15.89 36.72
CA VAL B 129 -2.11 -17.01 37.25
C VAL B 129 -2.67 -17.79 36.04
N ALA B 130 -3.20 -17.06 35.05
CA ALA B 130 -3.71 -17.73 33.87
C ALA B 130 -2.66 -18.61 33.24
N ILE B 131 -1.44 -18.07 33.09
CA ILE B 131 -0.36 -18.81 32.46
C ILE B 131 0.06 -20.02 33.30
N GLU B 132 0.00 -19.89 34.62
CA GLU B 132 0.36 -21.02 35.48
C GLU B 132 -0.72 -22.14 35.38
N LYS B 133 -1.97 -21.80 35.18
CA LYS B 133 -3.02 -22.81 35.02
C LYS B 133 -2.78 -23.54 33.68
N MET B 134 -2.41 -22.81 32.62
CA MET B 134 -2.17 -23.46 31.34
C MET B 134 -0.95 -24.38 31.48
N LYS B 135 0.07 -23.96 32.22
CA LYS B 135 1.26 -24.83 32.47
C LYS B 135 0.85 -26.13 33.19
N GLU B 136 0.06 -25.97 34.24
CA GLU B 136 -0.43 -27.12 34.99
C GLU B 136 -1.18 -28.03 34.09
N ALA B 137 -2.09 -27.49 33.26
CA ALA B 137 -2.84 -28.37 32.36
C ALA B 137 -1.95 -29.04 31.33
N SER B 138 -1.01 -28.28 30.77
CA SER B 138 -0.12 -28.82 29.74
C SER B 138 0.85 -29.85 30.26
N VAL B 139 1.37 -29.62 31.45
CA VAL B 139 2.32 -30.58 32.01
C VAL B 139 1.51 -31.83 32.41
N SER B 140 0.27 -31.65 32.85
CA SER B 140 -0.51 -32.82 33.20
C SER B 140 -0.72 -33.63 31.90
N ASP B 141 -1.04 -32.98 30.79
CA ASP B 141 -1.18 -33.69 29.52
C ASP B 141 0.12 -34.38 29.13
N ALA B 142 1.23 -33.67 29.30
CA ALA B 142 2.56 -34.17 28.92
C ALA B 142 2.98 -35.43 29.67
N ASN B 143 2.60 -35.52 30.95
CA ASN B 143 2.92 -36.68 31.80
C ASN B 143 1.93 -37.83 31.59
N ASP B 144 0.99 -37.64 30.68
CA ASP B 144 -0.03 -38.63 30.39
C ASP B 144 0.41 -39.62 29.31
N SER B 145 0.82 -40.82 29.71
CA SER B 145 1.34 -41.79 28.74
C SER B 145 0.32 -42.40 27.80
N SER B 146 -0.96 -42.09 27.99
CA SER B 146 -1.99 -42.60 27.08
C SER B 146 -1.69 -42.04 25.68
N GLY B 147 -1.50 -42.89 24.69
CA GLY B 147 -1.19 -42.37 23.35
C GLY B 147 0.30 -42.23 23.01
N THR B 148 1.17 -42.81 23.84
CA THR B 148 2.60 -42.79 23.60
C THR B 148 3.26 -44.03 24.17
N PRO B 149 4.39 -44.41 23.61
CA PRO B 149 5.08 -45.58 24.18
C PRO B 149 5.44 -45.06 25.58
N SER B 150 5.39 -45.93 26.59
CA SER B 150 5.69 -45.53 27.96
C SER B 150 7.19 -45.27 28.12
N GLY B 151 7.54 -44.20 28.81
CA GLY B 151 8.93 -43.85 28.99
C GLY B 151 9.04 -42.65 29.88
N ASP B 152 10.27 -42.18 30.09
CA ASP B 152 10.49 -41.02 30.95
C ASP B 152 10.67 -39.70 30.17
N CYS B 153 9.79 -38.74 30.41
CA CYS B 153 9.92 -37.48 29.72
C CYS B 153 10.12 -36.35 30.70
N SER B 154 10.51 -36.68 31.95
CA SER B 154 10.62 -35.67 33.01
C SER B 154 11.54 -34.52 32.64
N SER B 155 12.55 -34.80 31.84
CA SER B 155 13.47 -33.76 31.45
C SER B 155 12.74 -32.75 30.49
N LEU B 156 12.00 -33.28 29.52
CA LEU B 156 11.25 -32.45 28.59
C LEU B 156 10.10 -31.69 29.28
N SER B 157 9.42 -32.35 30.22
CA SER B 157 8.33 -31.72 30.94
C SER B 157 8.89 -30.64 31.81
N ALA B 158 10.07 -30.84 32.38
CA ALA B 158 10.66 -29.77 33.16
C ALA B 158 10.98 -28.56 32.25
N GLU B 159 11.55 -28.82 31.08
CA GLU B 159 11.91 -27.74 30.13
C GLU B 159 10.65 -26.98 29.72
N LEU B 160 9.57 -27.73 29.42
CA LEU B 160 8.31 -27.11 29.05
C LEU B 160 7.84 -26.16 30.19
N GLY B 161 7.93 -26.64 31.44
CA GLY B 161 7.53 -25.81 32.57
C GLY B 161 8.32 -24.53 32.70
N THR B 162 9.61 -24.61 32.34
CA THR B 162 10.51 -23.47 32.37
C THR B 162 10.03 -22.42 31.38
N TYR B 163 9.62 -22.84 30.19
CA TYR B 163 9.11 -21.86 29.23
C TYR B 163 7.89 -21.19 29.78
N PHE B 164 6.97 -21.95 30.36
CA PHE B 164 5.77 -21.32 30.92
C PHE B 164 6.16 -20.32 32.02
N ASP B 165 7.09 -20.73 32.87
CA ASP B 165 7.49 -19.85 33.96
C ASP B 165 8.07 -18.57 33.43
N ARG B 166 8.89 -18.63 32.38
CA ARG B 166 9.47 -17.41 31.77
C ARG B 166 8.34 -16.45 31.36
N ALA B 167 7.25 -17.00 30.82
CA ALA B 167 6.15 -16.15 30.42
C ALA B 167 5.44 -15.56 31.61
N ALA B 168 5.24 -16.36 32.66
CA ALA B 168 4.51 -15.83 33.83
C ALA B 168 5.28 -14.72 34.54
N SER B 169 6.61 -14.86 34.63
CA SER B 169 7.41 -13.83 35.26
C SER B 169 7.46 -12.60 34.38
N ALA B 170 7.41 -12.78 33.07
CA ALA B 170 7.50 -11.62 32.17
C ALA B 170 6.28 -10.69 32.19
N VAL B 171 5.09 -11.21 32.50
CA VAL B 171 3.90 -10.35 32.48
C VAL B 171 3.68 -9.47 33.67
N SER B 172 4.46 -9.65 34.72
CA SER B 172 4.33 -8.83 35.94
C SER B 172 5.60 -8.03 36.32
N MET C 1 -17.81 5.39 20.43
CA MET C 1 -19.06 4.61 20.22
C MET C 1 -19.82 5.22 19.07
N LYS C 2 -20.32 4.35 18.19
CA LYS C 2 -21.08 4.82 17.05
C LYS C 2 -22.50 5.22 17.46
N THR C 3 -22.87 6.47 17.14
CA THR C 3 -24.23 6.99 17.39
C THR C 3 -24.57 7.80 16.14
N PRO C 4 -25.85 8.17 15.94
CA PRO C 4 -26.08 8.96 14.72
C PRO C 4 -25.25 10.25 14.71
N ILE C 5 -25.00 10.77 15.90
CA ILE C 5 -24.23 11.99 16.04
C ILE C 5 -22.73 11.79 15.89
N THR C 6 -22.18 10.72 16.47
CA THR C 6 -20.74 10.55 16.32
C THR C 6 -20.45 10.07 14.93
N GLU C 7 -21.40 9.36 14.35
CA GLU C 7 -21.16 8.89 13.00
C GLU C 7 -21.14 10.10 12.04
N ALA C 8 -22.00 11.11 12.27
CA ALA C 8 -22.04 12.30 11.41
C ALA C 8 -20.69 13.04 11.53
N ILE C 9 -20.28 13.26 12.77
CA ILE C 9 -19.02 13.89 13.03
C ILE C 9 -17.89 13.14 12.28
N ALA C 10 -17.74 11.83 12.50
CA ALA C 10 -16.69 11.04 11.82
C ALA C 10 -16.66 11.30 10.32
N SER C 11 -17.81 11.24 9.69
CA SER C 11 -17.81 11.49 8.28
C SER C 11 -17.38 12.92 7.90
N ALA C 12 -17.81 13.92 8.67
CA ALA C 12 -17.44 15.30 8.32
C ALA C 12 -15.92 15.45 8.44
N ASP C 13 -15.42 14.97 9.56
CA ASP C 13 -14.04 15.01 9.91
C ASP C 13 -13.19 14.21 8.93
N SER C 14 -13.77 13.13 8.40
CA SER C 14 -13.06 12.28 7.48
C SER C 14 -12.86 13.05 6.19
N GLN C 15 -13.61 14.14 6.03
CA GLN C 15 -13.46 14.96 4.82
C GLN C 15 -12.97 16.35 5.11
N GLY C 16 -12.43 16.54 6.31
CA GLY C 16 -11.91 17.84 6.70
C GLY C 16 -12.90 18.96 6.54
N ARG C 17 -14.16 18.73 6.90
CA ARG C 17 -15.16 19.76 6.72
C ARG C 17 -16.16 19.85 7.85
N PHE C 18 -16.88 20.95 7.88
CA PHE C 18 -17.93 21.13 8.86
C PHE C 18 -19.06 20.21 8.41
N LEU C 19 -20.01 19.99 9.31
CA LEU C 19 -21.19 19.20 8.97
C LEU C 19 -21.94 20.09 7.99
N SER C 20 -22.76 19.50 7.11
CA SER C 20 -23.57 20.35 6.20
C SER C 20 -25.01 20.05 6.53
N ASN C 21 -25.91 20.75 5.89
CA ASN C 21 -27.32 20.58 6.19
C ASN C 21 -27.79 19.14 6.24
N GLY C 22 -27.34 18.34 5.27
CA GLY C 22 -27.74 16.95 5.23
C GLY C 22 -27.58 16.20 6.54
N GLU C 23 -26.45 16.43 7.20
CA GLU C 23 -26.12 15.78 8.45
C GLU C 23 -26.86 16.34 9.67
N LEU C 24 -27.10 17.65 9.70
CA LEU C 24 -27.88 18.22 10.80
C LEU C 24 -29.28 17.61 10.74
N GLN C 25 -29.77 17.52 9.51
CA GLN C 25 -31.05 16.95 9.18
C GLN C 25 -31.08 15.51 9.72
N SER C 26 -29.98 14.79 9.55
CA SER C 26 -29.90 13.41 10.03
C SER C 26 -29.98 13.30 11.52
N ILE C 27 -29.27 14.19 12.21
CA ILE C 27 -29.31 14.20 13.68
C ILE C 27 -30.68 14.61 14.18
N ASN C 28 -31.36 15.44 13.40
CA ASN C 28 -32.70 15.83 13.81
C ASN C 28 -33.63 14.61 13.78
N GLY C 29 -33.30 13.66 12.90
CA GLY C 29 -34.06 12.42 12.75
C GLY C 29 -33.92 11.60 14.02
N ARG C 30 -32.73 11.64 14.60
CA ARG C 30 -32.50 10.91 15.85
C ARG C 30 -33.23 11.64 16.96
N TYR C 31 -33.13 12.97 16.99
CA TYR C 31 -33.87 13.68 18.06
C TYR C 31 -35.41 13.41 18.03
N GLN C 32 -36.00 13.32 16.84
CA GLN C 32 -37.46 13.13 16.72
C GLN C 32 -37.87 11.72 17.13
N ARG C 33 -36.99 10.75 16.90
CA ARG C 33 -37.24 9.34 17.22
C ARG C 33 -36.98 9.05 18.67
N ALA C 34 -36.12 9.87 19.28
CA ALA C 34 -35.73 9.71 20.67
C ALA C 34 -36.86 9.63 21.70
N THR C 35 -37.97 10.31 21.47
CA THR C 35 -39.03 10.24 22.50
C THR C 35 -39.54 8.80 22.64
N ALA C 36 -39.75 8.15 21.50
CA ALA C 36 -40.20 6.77 21.51
C ALA C 36 -39.06 5.92 22.05
N SER C 37 -37.80 6.27 21.73
CA SER C 37 -36.67 5.46 22.22
C SER C 37 -36.57 5.54 23.72
N LEU C 38 -36.63 6.75 24.28
CA LEU C 38 -36.55 6.85 25.74
C LEU C 38 -37.77 6.27 26.47
N GLU C 39 -38.92 6.20 25.79
CA GLU C 39 -40.09 5.62 26.45
C GLU C 39 -39.84 4.13 26.56
N ALA C 40 -39.31 3.54 25.49
CA ALA C 40 -39.00 2.11 25.50
C ALA C 40 -37.92 1.84 26.53
N ALA C 41 -36.86 2.67 26.57
CA ALA C 41 -35.78 2.43 27.54
C ALA C 41 -36.28 2.52 28.99
N ARG C 42 -37.10 3.53 29.27
CA ARG C 42 -37.61 3.68 30.64
C ARG C 42 -38.46 2.47 31.05
N SER C 43 -39.30 1.98 30.13
CA SER C 43 -40.16 0.87 30.47
C SER C 43 -39.37 -0.45 30.63
N LEU C 44 -38.49 -0.76 29.69
CA LEU C 44 -37.69 -2.00 29.81
C LEU C 44 -36.86 -1.99 31.11
N THR C 45 -36.40 -0.80 31.51
CA THR C 45 -35.64 -0.67 32.74
C THR C 45 -36.55 -0.89 33.95
N SER C 46 -37.70 -0.22 34.02
CA SER C 46 -38.55 -0.45 35.22
C SER C 46 -39.03 -1.91 35.33
N ASN C 47 -39.08 -2.65 34.22
CA ASN C 47 -39.53 -4.02 34.23
C ASN C 47 -38.38 -5.02 34.04
N ALA C 48 -37.15 -4.54 34.17
CA ALA C 48 -35.99 -5.39 33.96
C ALA C 48 -35.99 -6.72 34.73
N GLU C 49 -36.22 -6.62 36.03
CA GLU C 49 -36.21 -7.82 36.86
C GLU C 49 -37.22 -8.86 36.41
N ARG C 50 -38.47 -8.48 36.20
CA ARG C 50 -39.37 -9.54 35.82
C ARG C 50 -39.12 -9.98 34.37
N LEU C 51 -38.59 -9.08 33.52
CA LEU C 51 -38.30 -9.48 32.14
C LEU C 51 -37.12 -10.45 32.12
N ILE C 52 -36.12 -10.16 32.94
CA ILE C 52 -34.95 -11.00 32.99
C ILE C 52 -35.29 -12.38 33.57
N SER C 53 -35.99 -12.38 34.71
CA SER C 53 -36.34 -13.64 35.32
C SER C 53 -37.20 -14.45 34.41
N GLY C 54 -38.20 -13.82 33.84
CA GLY C 54 -39.07 -14.52 32.92
C GLY C 54 -38.29 -15.08 31.74
N ALA C 55 -37.35 -14.29 31.21
CA ALA C 55 -36.56 -14.74 30.07
C ALA C 55 -35.74 -15.98 30.43
N ALA C 56 -35.08 -15.99 31.57
CA ALA C 56 -34.30 -17.17 31.97
C ALA C 56 -35.22 -18.42 32.04
N GLN C 57 -36.34 -18.29 32.75
CA GLN C 57 -37.29 -19.42 32.87
C GLN C 57 -37.68 -19.90 31.49
N SER C 58 -37.94 -18.96 30.59
CA SER C 58 -38.33 -19.37 29.26
C SER C 58 -37.28 -20.21 28.57
N VAL C 59 -36.03 -19.93 28.87
CA VAL C 59 -34.93 -20.64 28.27
C VAL C 59 -34.84 -21.99 28.94
N TYR C 60 -34.99 -22.03 30.26
CA TYR C 60 -34.93 -23.32 30.96
C TYR C 60 -36.02 -24.29 30.47
N SER C 61 -37.21 -23.80 30.13
CA SER C 61 -38.26 -24.68 29.64
C SER C 61 -37.99 -25.15 28.21
N LYS C 62 -37.56 -24.24 27.34
CA LYS C 62 -37.31 -24.66 25.98
C LYS C 62 -36.12 -25.60 25.86
N PHE C 63 -35.12 -25.40 26.71
CA PHE C 63 -33.89 -26.22 26.66
C PHE C 63 -33.69 -26.89 28.01
N PRO C 64 -34.50 -27.92 28.29
CA PRO C 64 -34.42 -28.65 29.55
C PRO C 64 -33.06 -29.23 29.90
N TYR C 65 -32.26 -29.59 28.91
CA TYR C 65 -30.94 -30.18 29.19
C TYR C 65 -30.07 -29.33 30.10
N THR C 66 -29.94 -28.06 29.75
CA THR C 66 -29.14 -27.09 30.50
C THR C 66 -29.54 -26.95 31.98
N THR C 67 -30.77 -27.34 32.32
CA THR C 67 -31.24 -27.27 33.71
C THR C 67 -30.80 -28.56 34.43
N GLN C 68 -30.70 -29.65 33.64
CA GLN C 68 -30.29 -30.97 34.14
C GLN C 68 -28.80 -31.17 33.91
N MET C 69 -28.43 -31.39 32.64
CA MET C 69 -27.04 -31.61 32.22
C MET C 69 -26.01 -30.92 33.13
N GLN C 70 -25.16 -31.73 33.75
CA GLN C 70 -24.11 -31.22 34.64
C GLN C 70 -23.07 -30.46 33.81
N GLY C 71 -22.26 -29.66 34.49
CA GLY C 71 -21.23 -28.89 33.82
C GLY C 71 -21.29 -27.42 34.15
N PRO C 72 -20.13 -26.75 34.17
CA PRO C 72 -20.13 -25.32 34.49
C PRO C 72 -20.98 -24.55 33.47
N ASN C 73 -20.69 -24.76 32.18
CA ASN C 73 -21.37 -24.08 31.08
C ASN C 73 -22.89 -24.27 30.99
N TYR C 74 -23.37 -25.36 31.59
CA TYR C 74 -24.80 -25.61 31.61
C TYR C 74 -25.25 -25.22 33.02
N ALA C 75 -26.41 -24.55 33.09
CA ALA C 75 -26.96 -24.10 34.37
C ALA C 75 -27.51 -25.27 35.20
N ALA C 76 -26.67 -26.30 35.37
CA ALA C 76 -27.03 -27.49 36.16
C ALA C 76 -26.76 -27.21 37.63
N ASP C 77 -26.42 -25.94 37.91
CA ASP C 77 -26.14 -25.53 39.27
C ASP C 77 -26.63 -24.12 39.50
N ALA C 78 -26.44 -23.63 40.72
CA ALA C 78 -26.85 -22.30 41.10
C ALA C 78 -26.03 -21.27 40.31
N THR C 79 -24.73 -21.52 40.20
CA THR C 79 -23.84 -20.64 39.48
C THR C 79 -24.18 -20.51 38.00
N GLY C 80 -24.40 -21.65 37.37
CA GLY C 80 -24.71 -21.66 35.96
C GLY C 80 -25.95 -20.85 35.70
N LYS C 81 -26.93 -20.99 36.58
CA LYS C 81 -28.18 -20.26 36.39
C LYS C 81 -28.02 -18.80 36.76
N ALA C 82 -27.12 -18.50 37.69
CA ALA C 82 -26.90 -17.11 38.02
C ALA C 82 -26.19 -16.42 36.82
N LYS C 83 -25.24 -17.11 36.21
CA LYS C 83 -24.56 -16.56 35.04
C LYS C 83 -25.58 -16.41 33.93
N CYS C 84 -26.54 -17.33 33.87
CA CYS C 84 -27.51 -17.22 32.80
C CYS C 84 -28.35 -15.92 32.97
N ALA C 85 -28.97 -15.73 34.12
CA ALA C 85 -29.75 -14.51 34.39
C ALA C 85 -28.85 -13.28 34.18
N ARG C 86 -27.57 -13.40 34.57
CA ARG C 86 -26.60 -12.33 34.40
C ARG C 86 -26.45 -11.97 32.89
N ASP C 87 -26.20 -12.97 32.06
CA ASP C 87 -26.06 -12.68 30.62
C ASP C 87 -27.32 -12.07 30.04
N ILE C 88 -28.48 -12.59 30.45
CA ILE C 88 -29.71 -12.09 29.88
C ILE C 88 -29.88 -10.64 30.25
N GLY C 89 -29.56 -10.31 31.49
CA GLY C 89 -29.63 -8.95 31.97
C GLY C 89 -28.70 -8.04 31.17
N TYR C 90 -27.54 -8.59 30.74
CA TYR C 90 -26.58 -7.83 29.93
C TYR C 90 -27.24 -7.49 28.58
N TYR C 91 -27.84 -8.49 27.93
CA TYR C 91 -28.52 -8.23 26.68
C TYR C 91 -29.61 -7.17 26.86
N LEU C 92 -30.36 -7.21 27.97
CA LEU C 92 -31.44 -6.23 28.16
C LEU C 92 -30.82 -4.87 28.43
N ARG C 93 -29.84 -4.85 29.32
CA ARG C 93 -29.19 -3.60 29.59
C ARG C 93 -28.59 -2.99 28.28
N MET C 94 -27.93 -3.80 27.43
CA MET C 94 -27.37 -3.27 26.18
C MET C 94 -28.52 -2.75 25.28
N VAL C 95 -29.68 -3.42 25.32
CA VAL C 95 -30.79 -2.94 24.51
C VAL C 95 -31.20 -1.52 24.97
N THR C 96 -31.29 -1.30 26.28
CA THR C 96 -31.68 0.04 26.74
C THR C 96 -30.62 1.09 26.35
N TYR C 97 -29.33 0.70 26.30
CA TYR C 97 -28.25 1.66 25.91
C TYR C 97 -28.41 2.10 24.48
N CYS C 98 -28.74 1.16 23.61
CA CYS C 98 -28.97 1.43 22.20
C CYS C 98 -30.11 2.39 22.03
N LEU C 99 -31.14 2.19 22.84
CA LEU C 99 -32.31 3.01 22.77
C LEU C 99 -31.97 4.43 23.19
N VAL C 100 -31.08 4.54 24.16
CA VAL C 100 -30.66 5.82 24.67
C VAL C 100 -29.76 6.54 23.66
N VAL C 101 -28.84 5.83 23.00
CA VAL C 101 -27.97 6.60 22.08
C VAL C 101 -28.53 6.66 20.68
N GLY C 102 -29.58 5.88 20.43
CA GLY C 102 -30.20 5.87 19.11
C GLY C 102 -29.43 5.04 18.10
N ALA C 103 -28.67 4.04 18.55
CA ALA C 103 -28.00 3.20 17.58
C ALA C 103 -27.53 1.92 18.25
N THR C 104 -27.04 1.00 17.45
CA THR C 104 -26.60 -0.28 17.97
C THR C 104 -25.22 -0.20 18.62
N GLY C 105 -24.53 0.93 18.46
CA GLY C 105 -23.17 1.12 19.03
C GLY C 105 -22.86 0.46 20.36
N PRO C 106 -23.62 0.73 21.43
CA PRO C 106 -23.34 0.11 22.73
C PRO C 106 -23.36 -1.40 22.64
N MET C 107 -24.38 -1.95 21.97
CA MET C 107 -24.49 -3.40 21.86
C MET C 107 -23.35 -3.96 21.02
N ASP C 108 -23.04 -3.29 19.92
CA ASP C 108 -21.96 -3.69 19.04
C ASP C 108 -20.66 -3.69 19.82
N GLU C 109 -20.40 -2.66 20.60
CA GLU C 109 -19.14 -2.60 21.34
C GLU C 109 -18.95 -3.47 22.58
N TYR C 110 -19.96 -3.50 23.43
CA TYR C 110 -19.88 -4.23 24.69
C TYR C 110 -20.24 -5.69 24.68
N LEU C 111 -20.99 -6.09 23.67
CA LEU C 111 -21.50 -7.44 23.60
C LEU C 111 -21.26 -8.14 22.30
N ILE C 112 -21.52 -7.52 21.16
CA ILE C 112 -21.36 -8.29 19.91
C ILE C 112 -19.91 -8.52 19.46
N ALA C 113 -19.06 -7.54 19.70
CA ALA C 113 -17.65 -7.69 19.30
C ALA C 113 -17.14 -8.79 20.23
N GLY C 114 -16.61 -9.86 19.64
CA GLY C 114 -16.09 -11.00 20.42
C GLY C 114 -17.16 -12.06 20.77
N LEU C 115 -18.44 -11.81 20.47
CA LEU C 115 -19.55 -12.74 20.82
C LEU C 115 -19.37 -14.16 20.26
N SER C 116 -19.00 -14.25 18.99
CA SER C 116 -18.82 -15.57 18.40
C SER C 116 -17.68 -16.33 19.12
N GLU C 117 -16.58 -15.65 19.44
CA GLU C 117 -15.44 -16.25 20.12
C GLU C 117 -15.86 -16.77 21.51
N ILE C 118 -16.60 -15.95 22.24
CA ILE C 118 -17.04 -16.33 23.56
C ILE C 118 -18.00 -17.50 23.54
N ASN C 119 -18.99 -17.47 22.65
CA ASN C 119 -19.99 -18.54 22.62
C ASN C 119 -19.38 -19.88 22.21
N ARG C 120 -18.40 -19.83 21.33
CA ARG C 120 -17.71 -21.00 20.89
C ARG C 120 -16.79 -21.53 21.98
N SER C 121 -16.01 -20.66 22.60
CA SER C 121 -15.10 -21.11 23.65
C SER C 121 -15.77 -21.65 24.88
N PHE C 122 -16.85 -20.99 25.30
CA PHE C 122 -17.55 -21.40 26.50
C PHE C 122 -18.72 -22.33 26.17
N GLU C 123 -18.85 -22.64 24.89
CA GLU C 123 -19.88 -23.56 24.43
C GLU C 123 -21.24 -23.12 24.85
N LEU C 124 -21.53 -21.85 24.61
CA LEU C 124 -22.80 -21.30 24.95
C LEU C 124 -23.58 -21.31 23.63
N SER C 125 -24.87 -21.67 23.73
CA SER C 125 -25.66 -21.75 22.54
C SER C 125 -26.36 -20.47 22.17
N PRO C 126 -26.07 -19.96 20.97
CA PRO C 126 -26.71 -18.74 20.55
C PRO C 126 -28.26 -18.89 20.62
N SER C 127 -28.79 -20.12 20.48
CA SER C 127 -30.26 -20.34 20.52
C SER C 127 -30.86 -20.09 21.88
N TRP C 128 -30.06 -20.26 22.93
CA TRP C 128 -30.58 -19.99 24.25
C TRP C 128 -30.87 -18.51 24.35
N TYR C 129 -29.97 -17.69 23.81
CA TYR C 129 -30.19 -16.25 23.94
C TYR C 129 -31.29 -15.74 23.03
N ILE C 130 -31.49 -16.41 21.92
CA ILE C 130 -32.55 -15.98 21.01
C ILE C 130 -33.88 -16.21 21.72
N GLU C 131 -33.99 -17.36 22.38
CA GLU C 131 -35.19 -17.69 23.14
C GLU C 131 -35.44 -16.60 24.15
N ALA C 132 -34.42 -16.22 24.92
CA ALA C 132 -34.60 -15.13 25.92
C ALA C 132 -34.99 -13.79 25.26
N LEU C 133 -34.41 -13.45 24.11
CA LEU C 133 -34.76 -12.21 23.44
C LEU C 133 -36.21 -12.26 22.91
N GLU C 134 -36.62 -13.41 22.35
CA GLU C 134 -37.99 -13.53 21.84
C GLU C 134 -38.91 -13.33 23.02
N TYR C 135 -38.61 -13.97 24.14
CA TYR C 135 -39.47 -13.80 25.31
C TYR C 135 -39.57 -12.35 25.75
N ILE C 136 -38.46 -11.60 25.68
CA ILE C 136 -38.54 -10.20 26.08
C ILE C 136 -39.41 -9.41 25.12
N LYS C 137 -39.30 -9.72 23.83
CA LYS C 137 -40.08 -9.03 22.83
C LYS C 137 -41.57 -9.30 23.12
N ASP C 138 -41.91 -10.55 23.43
CA ASP C 138 -43.30 -10.94 23.71
C ASP C 138 -43.76 -10.54 25.08
N SER C 139 -42.87 -10.02 25.92
CA SER C 139 -43.34 -9.70 27.26
C SER C 139 -43.19 -8.30 27.73
N HIS C 140 -42.58 -7.41 26.92
CA HIS C 140 -42.39 -6.05 27.44
C HIS C 140 -43.71 -5.27 27.44
N ALA C 141 -44.65 -5.69 26.59
CA ALA C 141 -45.96 -5.04 26.59
C ALA C 141 -45.93 -3.59 26.09
N LEU C 142 -44.84 -3.12 25.52
CA LEU C 142 -44.85 -1.73 25.05
C LEU C 142 -45.77 -1.67 23.85
N SER C 143 -46.14 -0.46 23.46
CA SER C 143 -46.96 -0.31 22.27
C SER C 143 -46.44 0.82 21.42
N GLY C 144 -47.06 0.95 20.26
CA GLY C 144 -46.72 2.03 19.36
C GLY C 144 -45.28 1.99 18.91
N GLN C 145 -44.73 3.17 18.67
CA GLN C 145 -43.36 3.30 18.22
C GLN C 145 -42.33 2.89 19.28
N ALA C 146 -42.64 3.07 20.55
CA ALA C 146 -41.73 2.66 21.62
C ALA C 146 -41.51 1.13 21.51
N ALA C 147 -42.56 0.40 21.14
CA ALA C 147 -42.43 -1.04 20.97
C ALA C 147 -41.60 -1.29 19.72
N ASN C 148 -41.82 -0.48 18.69
CA ASN C 148 -41.07 -0.63 17.47
C ASN C 148 -39.57 -0.42 17.80
N GLU C 149 -39.24 0.65 18.52
CA GLU C 149 -37.86 0.90 18.92
C GLU C 149 -37.30 -0.28 19.74
N ALA C 150 -38.03 -0.72 20.77
CA ALA C 150 -37.55 -1.84 21.56
C ALA C 150 -37.29 -3.12 20.72
N ASN C 151 -38.22 -3.53 19.87
CA ASN C 151 -38.09 -4.74 19.08
C ASN C 151 -37.04 -4.63 18.02
N THR C 152 -36.85 -3.44 17.46
CA THR C 152 -35.83 -3.32 16.42
C THR C 152 -34.49 -3.70 17.04
N TYR C 153 -34.19 -3.21 18.23
CA TYR C 153 -32.88 -3.58 18.81
C TYR C 153 -32.84 -5.02 19.33
N LEU C 154 -33.97 -5.53 19.81
CA LEU C 154 -33.99 -6.90 20.26
C LEU C 154 -33.83 -7.77 19.01
N ASP C 155 -34.45 -7.40 17.88
CA ASP C 155 -34.24 -8.24 16.70
C ASP C 155 -32.82 -8.08 16.16
N TYR C 156 -32.22 -6.93 16.33
CA TYR C 156 -30.82 -6.79 15.88
C TYR C 156 -29.92 -7.80 16.68
N ALA C 157 -30.13 -7.94 18.00
CA ALA C 157 -29.39 -8.93 18.80
C ALA C 157 -29.69 -10.35 18.27
N ILE C 158 -30.97 -10.66 18.04
CA ILE C 158 -31.32 -11.96 17.48
C ILE C 158 -30.57 -12.23 16.16
N ASN C 159 -30.48 -11.22 15.29
CA ASN C 159 -29.80 -11.40 14.04
C ASN C 159 -28.29 -11.60 14.23
N ALA C 160 -27.72 -10.98 15.26
CA ALA C 160 -26.30 -11.14 15.59
C ALA C 160 -26.02 -12.60 16.06
N LEU C 161 -27.06 -13.23 16.61
CA LEU C 161 -26.93 -14.59 17.11
C LEU C 161 -27.27 -15.66 16.06
N SER C 162 -27.64 -15.25 14.86
CA SER C 162 -28.04 -16.22 13.87
C SER C 162 -27.69 -15.87 12.43
N MET D 1 -15.06 8.39 19.65
CA MET D 1 -15.51 9.58 20.41
C MET D 1 -16.85 9.29 21.06
N LEU D 2 -17.27 10.18 21.94
CA LEU D 2 -18.51 10.04 22.63
C LEU D 2 -19.42 11.25 22.43
N ASP D 3 -20.72 11.04 22.32
CA ASP D 3 -21.58 12.23 22.29
C ASP D 3 -22.12 12.27 23.73
N ALA D 4 -23.02 13.21 24.08
CA ALA D 4 -23.48 13.29 25.48
C ALA D 4 -24.24 12.02 25.96
N PHE D 5 -24.97 11.38 25.06
CA PHE D 5 -25.72 10.18 25.41
C PHE D 5 -24.76 8.99 25.68
N ALA D 6 -23.85 8.72 24.73
CA ALA D 6 -22.87 7.66 24.85
C ALA D 6 -22.02 7.81 26.12
N LYS D 7 -21.65 9.04 26.45
CA LYS D 7 -20.86 9.22 27.67
C LYS D 7 -21.67 8.73 28.86
N VAL D 8 -22.96 9.00 28.89
CA VAL D 8 -23.71 8.54 30.06
C VAL D 8 -23.83 7.02 30.02
N VAL D 9 -24.06 6.46 28.84
CA VAL D 9 -24.13 4.99 28.73
C VAL D 9 -22.79 4.36 29.15
N ALA D 10 -21.68 4.95 28.67
CA ALA D 10 -20.35 4.41 28.97
C ALA D 10 -20.08 4.34 30.46
N GLN D 11 -20.45 5.39 31.19
CA GLN D 11 -20.27 5.42 32.63
C GLN D 11 -21.19 4.42 33.31
N ALA D 12 -22.41 4.28 32.80
CA ALA D 12 -23.36 3.34 33.39
C ALA D 12 -22.88 1.92 33.15
N ASP D 13 -22.33 1.65 31.95
CA ASP D 13 -21.86 0.29 31.67
C ASP D 13 -20.73 -0.13 32.57
N ALA D 14 -19.81 0.80 32.84
CA ALA D 14 -18.68 0.47 33.69
C ALA D 14 -19.19 0.11 35.11
N ARG D 15 -20.36 0.60 35.49
CA ARG D 15 -20.89 0.26 36.80
C ARG D 15 -21.89 -0.88 36.62
N GLY D 16 -22.07 -1.39 35.40
CA GLY D 16 -23.04 -2.44 35.15
C GLY D 16 -24.46 -1.98 35.50
N GLU D 17 -24.81 -0.75 35.19
CA GLU D 17 -26.14 -0.30 35.59
C GLU D 17 -27.00 0.26 34.49
N PHE D 18 -28.30 0.15 34.69
CA PHE D 18 -29.28 0.73 33.76
C PHE D 18 -29.29 2.22 34.13
N LEU D 19 -29.56 3.07 33.15
CA LEU D 19 -29.64 4.50 33.45
C LEU D 19 -30.82 4.68 34.41
N SER D 20 -30.70 5.59 35.35
CA SER D 20 -31.82 5.84 36.29
C SER D 20 -32.87 6.75 35.61
N ASN D 21 -34.05 6.91 36.22
CA ASN D 21 -35.07 7.79 35.63
C ASN D 21 -34.57 9.23 35.60
N THR D 22 -33.74 9.62 36.54
CA THR D 22 -33.25 10.98 36.54
C THR D 22 -32.29 11.15 35.36
N GLN D 23 -31.47 10.16 35.11
CA GLN D 23 -30.56 10.29 33.96
C GLN D 23 -31.36 10.34 32.67
N LEU D 24 -32.40 9.52 32.60
CA LEU D 24 -33.24 9.47 31.44
C LEU D 24 -33.92 10.84 31.29
N ASP D 25 -34.28 11.47 32.41
CA ASP D 25 -34.91 12.79 32.30
C ASP D 25 -33.91 13.83 31.77
N ALA D 26 -32.64 13.69 32.15
CA ALA D 26 -31.63 14.62 31.70
C ALA D 26 -31.44 14.46 30.22
N LEU D 27 -31.40 13.23 29.75
CA LEU D 27 -31.21 13.06 28.33
C LEU D 27 -32.41 13.60 27.56
N ALA D 28 -33.63 13.46 28.11
CA ALA D 28 -34.87 13.97 27.44
C ALA D 28 -34.80 15.51 27.33
N ASN D 29 -34.21 16.16 28.31
CA ASN D 29 -34.09 17.62 28.21
C ASN D 29 -33.12 17.95 27.06
N MET D 30 -32.10 17.14 26.88
CA MET D 30 -31.16 17.35 25.81
C MET D 30 -31.85 17.23 24.46
N ILE D 31 -32.77 16.27 24.34
CA ILE D 31 -33.48 16.10 23.09
C ILE D 31 -34.35 17.36 22.85
N ALA D 32 -34.94 17.88 23.93
CA ALA D 32 -35.75 19.07 23.88
C ALA D 32 -34.87 20.25 23.41
N GLU D 33 -33.62 20.30 23.83
CA GLU D 33 -32.71 21.38 23.42
C GLU D 33 -32.14 21.19 22.01
N GLY D 34 -32.49 20.07 21.38
CA GLY D 34 -31.94 19.72 20.09
C GLY D 34 -32.03 20.68 18.91
N ASN D 35 -33.22 21.19 18.63
CA ASN D 35 -33.33 22.11 17.49
C ASN D 35 -32.44 23.34 17.67
N LYS D 36 -32.43 23.86 18.89
CA LYS D 36 -31.64 25.04 19.18
C LYS D 36 -30.15 24.72 19.03
N ARG D 37 -29.76 23.53 19.46
CA ARG D 37 -28.39 23.07 19.36
C ARG D 37 -28.06 22.94 17.86
N LEU D 38 -29.02 22.46 17.07
CA LEU D 38 -28.81 22.37 15.63
C LEU D 38 -28.67 23.79 15.02
N ASP D 39 -29.45 24.76 15.49
CA ASP D 39 -29.33 26.14 14.99
C ASP D 39 -27.94 26.69 15.28
N ILE D 40 -27.38 26.41 16.45
CA ILE D 40 -26.07 26.95 16.76
C ILE D 40 -25.01 26.41 15.83
N VAL D 41 -25.01 25.09 15.60
CA VAL D 41 -24.03 24.48 14.73
C VAL D 41 -24.22 25.01 13.30
N ASN D 42 -25.48 25.17 12.87
CA ASN D 42 -25.75 25.67 11.51
C ASN D 42 -25.18 27.08 11.34
N ARG D 43 -25.33 27.93 12.35
CA ARG D 43 -24.80 29.29 12.31
C ARG D 43 -23.28 29.29 12.10
N ILE D 44 -22.58 28.39 12.77
CA ILE D 44 -21.16 28.29 12.62
C ILE D 44 -20.85 27.79 11.21
N ASN D 45 -21.54 26.74 10.79
CA ASN D 45 -21.34 26.17 9.47
C ASN D 45 -21.60 27.23 8.43
N SER D 46 -22.68 27.98 8.61
CA SER D 46 -23.03 28.94 7.60
C SER D 46 -22.18 30.17 7.56
N ASN D 47 -21.34 30.36 8.59
CA ASN D 47 -20.52 31.55 8.64
C ASN D 47 -19.08 31.15 8.83
N ALA D 48 -18.72 29.91 8.56
CA ALA D 48 -17.35 29.45 8.88
C ALA D 48 -16.23 30.24 8.26
N SER D 49 -16.37 30.56 6.97
CA SER D 49 -15.34 31.30 6.25
C SER D 49 -15.18 32.68 6.81
N ALA D 50 -16.29 33.35 7.10
CA ALA D 50 -16.21 34.66 7.70
C ALA D 50 -15.63 34.65 9.12
N ILE D 51 -16.06 33.68 9.93
CA ILE D 51 -15.57 33.58 11.31
C ILE D 51 -14.04 33.41 11.30
N VAL D 52 -13.55 32.47 10.49
CA VAL D 52 -12.15 32.23 10.39
C VAL D 52 -11.40 33.47 9.78
N SER D 53 -11.77 33.89 8.57
CA SER D 53 -11.07 35.02 7.94
C SER D 53 -11.14 36.35 8.71
N ASN D 54 -12.32 36.75 9.15
CA ASN D 54 -12.42 38.00 9.92
C ASN D 54 -11.63 37.90 11.20
N SER D 55 -11.58 36.73 11.82
CA SER D 55 -10.81 36.59 13.06
C SER D 55 -9.31 36.71 12.79
N ALA D 56 -8.87 36.08 11.70
CA ALA D 56 -7.47 36.12 11.30
C ALA D 56 -7.07 37.57 10.96
N ARG D 57 -7.96 38.28 10.28
CA ARG D 57 -7.71 39.66 9.88
C ARG D 57 -7.46 40.48 11.10
N ALA D 58 -8.32 40.34 12.11
CA ALA D 58 -8.15 41.09 13.34
C ALA D 58 -6.86 40.68 14.08
N LEU D 59 -6.53 39.42 14.12
CA LEU D 59 -5.31 39.01 14.80
C LEU D 59 -4.12 39.67 14.08
N PHE D 60 -4.08 39.56 12.75
CA PHE D 60 -2.95 40.15 12.00
C PHE D 60 -2.91 41.66 12.06
N ALA D 61 -4.05 42.30 12.31
CA ALA D 61 -4.01 43.75 12.45
C ALA D 61 -3.42 44.10 13.83
N GLU D 62 -3.66 43.31 14.84
CA GLU D 62 -3.06 43.72 16.11
C GLU D 62 -1.65 43.17 16.29
N GLN D 63 -1.32 42.12 15.56
CA GLN D 63 0.01 41.51 15.67
C GLN D 63 0.64 41.39 14.27
N PRO D 64 0.92 42.52 13.61
CA PRO D 64 1.53 42.53 12.27
C PRO D 64 2.85 41.81 12.24
N GLN D 65 3.53 41.73 13.38
CA GLN D 65 4.81 41.03 13.40
C GLN D 65 4.61 39.58 12.94
N LEU D 66 3.41 39.00 13.10
CA LEU D 66 3.29 37.61 12.64
C LEU D 66 3.39 37.50 11.14
N ILE D 67 3.02 38.54 10.41
CA ILE D 67 3.10 38.34 8.98
C ILE D 67 4.26 39.00 8.29
N GLN D 68 5.00 39.86 8.95
CA GLN D 68 6.16 40.44 8.28
C GLN D 68 7.23 39.32 8.06
N PRO D 69 8.17 39.52 7.11
CA PRO D 69 9.17 38.47 6.88
C PRO D 69 9.80 37.97 8.21
N GLY D 70 10.00 36.65 8.31
CA GLY D 70 10.55 36.08 9.52
C GLY D 70 9.44 35.69 10.51
N GLY D 71 8.25 36.27 10.33
CA GLY D 71 7.10 35.99 11.22
C GLY D 71 6.57 34.59 10.99
N MEN D 72 5.96 34.00 12.02
CA MEN D 72 5.47 32.65 11.87
C MEN D 72 4.40 32.50 10.81
O MEN D 72 4.27 31.43 10.27
CB MEN D 72 4.91 32.11 13.19
CG MEN D 72 4.82 30.60 13.19
OD1 MEN D 72 3.74 29.99 13.32
ND2 MEN D 72 5.96 29.98 13.00
CE2 MEN D 72 6.03 28.51 12.83
N ALA D 73 3.64 33.55 10.54
CA ALA D 73 2.60 33.48 9.51
C ALA D 73 3.02 34.11 8.16
N TYR D 74 4.31 34.43 8.01
CA TYR D 74 4.87 34.97 6.74
C TYR D 74 5.06 33.81 5.73
N THR D 75 4.84 34.10 4.42
CA THR D 75 4.81 33.18 3.24
C THR D 75 3.39 32.62 3.18
N ASN D 76 2.88 32.36 1.97
CA ASN D 76 1.51 31.87 1.81
C ASN D 76 1.32 30.49 2.39
N ARG D 77 2.38 29.70 2.40
CA ARG D 77 2.30 28.37 2.96
C ARG D 77 1.99 28.45 4.44
N ARG D 78 2.72 29.31 5.16
CA ARG D 78 2.50 29.47 6.58
C ARG D 78 1.17 30.18 6.86
N MET D 79 0.79 31.17 6.06
CA MET D 79 -0.52 31.79 6.28
C MET D 79 -1.58 30.73 6.04
N ALA D 80 -1.41 29.92 5.01
CA ALA D 80 -2.43 28.92 4.72
C ALA D 80 -2.59 27.94 5.89
N ALA D 81 -1.48 27.58 6.52
CA ALA D 81 -1.47 26.66 7.66
C ALA D 81 -2.14 27.33 8.85
N CYS D 82 -1.86 28.62 9.08
CA CYS D 82 -2.48 29.34 10.18
C CYS D 82 -4.03 29.38 9.95
N LEU D 83 -4.48 29.73 8.74
CA LEU D 83 -5.93 29.74 8.49
C LEU D 83 -6.53 28.34 8.68
N ARG D 84 -5.78 27.34 8.22
CA ARG D 84 -6.20 25.96 8.33
C ARG D 84 -6.35 25.60 9.81
N ASP D 85 -5.39 25.98 10.67
CA ASP D 85 -5.49 25.67 12.07
C ASP D 85 -6.72 26.35 12.70
N MET D 86 -7.03 27.58 12.30
CA MET D 86 -8.24 28.22 12.85
C MET D 86 -9.49 27.44 12.42
N GLU D 87 -9.55 27.04 11.16
CA GLU D 87 -10.68 26.30 10.66
C GLU D 87 -10.81 24.95 11.37
N ILE D 88 -9.67 24.30 11.58
CA ILE D 88 -9.66 23.01 12.25
C ILE D 88 -10.24 23.24 13.65
N VAL D 89 -9.74 24.24 14.36
CA VAL D 89 -10.24 24.47 15.72
C VAL D 89 -11.75 24.75 15.66
N LEU D 90 -12.18 25.59 14.72
CA LEU D 90 -13.61 25.92 14.62
C LEU D 90 -14.39 24.63 14.33
N ARG D 91 -13.85 23.85 13.42
CA ARG D 91 -14.47 22.62 13.04
C ARG D 91 -14.62 21.69 14.25
N TYR D 92 -13.58 21.57 15.09
CA TYR D 92 -13.70 20.68 16.23
C TYR D 92 -14.61 21.24 17.30
N VAL D 93 -14.62 22.55 17.42
CA VAL D 93 -15.53 23.13 18.37
C VAL D 93 -16.97 22.86 17.95
N SER D 94 -17.23 22.94 16.66
CA SER D 94 -18.60 22.71 16.22
C SER D 94 -19.01 21.22 16.39
N TYR D 95 -18.04 20.31 16.41
CA TYR D 95 -18.35 18.90 16.58
C TYR D 95 -18.67 18.69 18.03
N ALA D 96 -17.88 19.30 18.92
CA ALA D 96 -18.14 19.19 20.36
C ALA D 96 -19.51 19.74 20.67
N GLU D 97 -19.85 20.84 19.98
CA GLU D 97 -21.16 21.46 20.19
C GLU D 97 -22.31 20.55 19.74
N ILE D 98 -22.17 19.91 18.58
CA ILE D 98 -23.25 19.05 18.14
C ILE D 98 -23.32 17.76 18.94
N ALA D 99 -22.20 17.38 19.51
CA ALA D 99 -22.13 16.18 20.30
C ALA D 99 -22.54 16.44 21.74
N GLY D 100 -22.47 17.70 22.16
CA GLY D 100 -22.76 18.05 23.55
C GLY D 100 -21.73 17.46 24.49
N ASP D 101 -20.53 17.21 23.99
CA ASP D 101 -19.45 16.65 24.79
C ASP D 101 -18.16 17.08 24.13
N SER D 102 -17.17 17.45 24.93
CA SER D 102 -15.91 17.91 24.39
C SER D 102 -14.90 16.83 24.00
N SER D 103 -15.31 15.55 24.02
CA SER D 103 -14.37 14.46 23.74
C SER D 103 -13.73 14.42 22.39
N VAL D 104 -14.47 14.69 21.32
CA VAL D 104 -13.88 14.68 19.99
C VAL D 104 -12.89 15.83 19.84
N LEU D 105 -13.11 16.90 20.59
CA LEU D 105 -12.26 18.10 20.54
C LEU D 105 -10.95 17.85 21.26
N ASP D 106 -11.08 17.26 22.44
CA ASP D 106 -9.94 16.94 23.28
C ASP D 106 -9.04 15.86 22.66
N ASP D 107 -9.65 14.81 22.14
CA ASP D 107 -8.88 13.72 21.56
C ASP D 107 -8.33 13.91 20.18
N ARG D 108 -9.14 14.41 19.27
CA ARG D 108 -8.67 14.56 17.90
C ARG D 108 -7.96 15.85 17.59
N CYS D 109 -8.11 16.84 18.47
CA CYS D 109 -7.52 18.13 18.17
C CYS D 109 -6.60 18.80 19.18
N LEU D 110 -7.05 18.93 20.42
CA LEU D 110 -6.25 19.62 21.40
C LEU D 110 -5.14 18.85 22.10
N ASN D 111 -5.31 17.54 22.28
CA ASN D 111 -4.25 16.83 22.98
C ASN D 111 -2.99 16.74 22.15
N GLY D 112 -1.91 17.35 22.67
CA GLY D 112 -0.62 17.37 21.99
C GLY D 112 -0.36 18.67 21.23
N LEU D 113 -1.40 19.48 21.08
CA LEU D 113 -1.32 20.73 20.34
C LEU D 113 -0.35 21.73 20.89
N ARG D 114 -0.38 21.93 22.19
CA ARG D 114 0.52 22.89 22.83
C ARG D 114 1.97 22.47 22.50
N GLU D 115 2.27 21.18 22.55
CA GLU D 115 3.61 20.68 22.25
C GLU D 115 3.98 21.05 20.83
N THR D 116 3.10 20.70 19.92
CA THR D 116 3.31 20.99 18.51
C THR D 116 3.72 22.46 18.27
N TYR D 117 2.92 23.40 18.79
CA TYR D 117 3.23 24.81 18.60
C TYR D 117 4.57 25.22 19.18
N GLN D 118 4.90 24.70 20.35
CA GLN D 118 6.17 25.00 20.99
C GLN D 118 7.33 24.56 20.09
N ALA D 119 7.24 23.32 19.60
CA ALA D 119 8.30 22.77 18.78
C ALA D 119 8.41 23.50 17.45
N LEU D 120 7.26 23.96 16.97
CA LEU D 120 7.18 24.67 15.70
C LEU D 120 7.70 26.10 15.79
N GLY D 121 7.58 26.69 16.96
CA GLY D 121 7.98 28.08 17.08
C GLY D 121 6.75 28.94 16.87
N THR D 122 5.56 28.33 16.86
CA THR D 122 4.35 29.10 16.70
C THR D 122 3.97 29.66 18.06
N PRO D 123 3.72 30.96 18.15
CA PRO D 123 3.36 31.58 19.42
C PRO D 123 1.96 31.19 19.89
N GLY D 124 1.91 30.24 20.83
CA GLY D 124 0.65 29.79 21.36
C GLY D 124 -0.30 30.90 21.79
N SER D 125 0.23 31.94 22.42
CA SER D 125 -0.61 33.02 22.89
C SER D 125 -1.35 33.73 21.71
N SER D 126 -0.73 33.79 20.53
CA SER D 126 -1.38 34.40 19.35
C SER D 126 -2.50 33.45 18.86
N VAL D 127 -2.24 32.15 18.95
CA VAL D 127 -3.24 31.18 18.52
C VAL D 127 -4.44 31.30 19.45
N ALA D 128 -4.20 31.57 20.74
CA ALA D 128 -5.32 31.71 21.72
C ALA D 128 -6.15 32.94 21.42
N VAL D 129 -5.46 33.99 21.01
CA VAL D 129 -6.14 35.22 20.64
C VAL D 129 -7.01 34.93 19.41
N ALA D 130 -6.48 34.17 18.45
CA ALA D 130 -7.24 33.88 17.24
C ALA D 130 -8.49 33.11 17.64
N ILE D 131 -8.32 32.16 18.54
CA ILE D 131 -9.44 31.39 19.01
C ILE D 131 -10.46 32.25 19.77
N GLU D 132 -9.99 33.18 20.61
CA GLU D 132 -10.91 34.03 21.35
C GLU D 132 -11.67 34.91 20.36
N LYS D 133 -11.04 35.30 19.25
CA LYS D 133 -11.80 36.10 18.28
C LYS D 133 -12.86 35.22 17.60
N MET D 134 -12.56 33.97 17.29
CA MET D 134 -13.58 33.13 16.67
C MET D 134 -14.71 32.88 17.67
N LYS D 135 -14.36 32.64 18.92
CA LYS D 135 -15.38 32.42 19.92
C LYS D 135 -16.31 33.63 20.00
N GLU D 136 -15.74 34.84 20.03
CA GLU D 136 -16.58 36.02 20.12
C GLU D 136 -17.46 36.14 18.86
N ALA D 137 -16.90 35.89 17.67
CA ALA D 137 -17.73 36.00 16.47
C ALA D 137 -18.83 34.93 16.49
N SER D 138 -18.47 33.73 16.94
CA SER D 138 -19.42 32.62 16.95
C SER D 138 -20.56 32.78 17.95
N VAL D 139 -20.23 33.21 19.17
CA VAL D 139 -21.22 33.43 20.23
C VAL D 139 -22.15 34.56 19.82
N SER D 140 -21.56 35.60 19.23
CA SER D 140 -22.36 36.70 18.76
C SER D 140 -23.42 36.18 17.77
N ASP D 141 -23.02 35.37 16.79
CA ASP D 141 -23.96 34.83 15.82
C ASP D 141 -25.03 33.95 16.53
N ALA D 142 -24.57 33.07 17.41
CA ALA D 142 -25.49 32.19 18.11
C ALA D 142 -26.56 32.91 18.95
N ASN D 143 -26.28 34.12 19.44
CA ASN D 143 -27.24 34.87 20.26
C ASN D 143 -28.10 35.78 19.39
N ASP D 144 -27.91 35.71 18.08
CA ASP D 144 -28.65 36.54 17.14
C ASP D 144 -29.93 35.83 16.68
N SER D 145 -31.09 36.34 17.10
CA SER D 145 -32.36 35.72 16.73
C SER D 145 -32.76 35.79 15.26
N SER D 146 -32.04 36.57 14.47
CA SER D 146 -32.32 36.64 13.03
C SER D 146 -32.36 35.20 12.45
N GLY D 147 -33.53 34.78 11.95
CA GLY D 147 -33.60 33.45 11.35
C GLY D 147 -33.93 32.25 12.24
N THR D 148 -34.21 32.51 13.52
CA THR D 148 -34.59 31.45 14.45
C THR D 148 -35.74 32.00 15.21
N PRO D 149 -36.64 31.12 15.69
CA PRO D 149 -37.80 31.57 16.48
C PRO D 149 -37.11 32.26 17.68
N SER D 150 -37.64 33.38 18.16
CA SER D 150 -37.01 34.04 19.29
C SER D 150 -37.17 33.20 20.55
N GLY D 151 -36.08 33.00 21.28
CA GLY D 151 -36.19 32.21 22.49
C GLY D 151 -34.91 32.24 23.29
N ASP D 152 -34.80 31.32 24.24
CA ASP D 152 -33.68 31.28 25.16
C ASP D 152 -32.67 30.24 24.77
N CYS D 153 -31.43 30.66 24.52
CA CYS D 153 -30.39 29.70 24.16
C CYS D 153 -29.18 29.97 25.06
N SER D 154 -29.44 30.52 26.23
CA SER D 154 -28.33 30.90 27.11
C SER D 154 -27.46 29.74 27.58
N SER D 155 -28.11 28.62 27.85
CA SER D 155 -27.39 27.47 28.31
C SER D 155 -26.46 26.95 27.21
N LEU D 156 -27.01 26.80 26.02
CA LEU D 156 -26.24 26.32 24.90
C LEU D 156 -25.13 27.27 24.48
N SER D 157 -25.39 28.59 24.50
CA SER D 157 -24.36 29.48 24.03
C SER D 157 -23.26 29.55 25.08
N ALA D 158 -23.63 29.30 26.34
CA ALA D 158 -22.62 29.30 27.41
C ALA D 158 -21.75 28.05 27.23
N GLU D 159 -22.37 26.92 26.86
CA GLU D 159 -21.65 25.68 26.59
C GLU D 159 -20.68 25.87 25.37
N LEU D 160 -21.18 26.52 24.32
CA LEU D 160 -20.35 26.77 23.15
C LEU D 160 -19.08 27.51 23.60
N GLY D 161 -19.28 28.53 24.43
CA GLY D 161 -18.17 29.32 24.96
C GLY D 161 -17.15 28.47 25.70
N THR D 162 -17.64 27.54 26.48
CA THR D 162 -16.75 26.62 27.17
C THR D 162 -15.88 25.82 26.17
N TYR D 163 -16.43 25.36 25.06
CA TYR D 163 -15.58 24.60 24.16
C TYR D 163 -14.47 25.50 23.56
N PHE D 164 -14.81 26.73 23.20
CA PHE D 164 -13.78 27.59 22.66
C PHE D 164 -12.72 27.82 23.74
N ASP D 165 -13.13 28.10 24.98
CA ASP D 165 -12.14 28.34 26.04
C ASP D 165 -11.23 27.14 26.21
N ARG D 166 -11.77 25.92 26.14
CA ARG D 166 -10.92 24.74 26.27
C ARG D 166 -9.85 24.73 25.19
N ALA D 167 -10.22 25.11 23.97
CA ALA D 167 -9.25 25.12 22.89
C ALA D 167 -8.23 26.22 23.15
N ALA D 168 -8.70 27.39 23.53
CA ALA D 168 -7.79 28.49 23.78
C ALA D 168 -6.76 28.13 24.86
N SER D 169 -7.20 27.46 25.92
CA SER D 169 -6.28 27.10 26.99
C SER D 169 -5.33 26.00 26.53
N ALA D 170 -5.80 25.10 25.68
CA ALA D 170 -4.94 24.02 25.24
C ALA D 170 -3.79 24.40 24.32
N VAL D 171 -3.83 25.57 23.66
CA VAL D 171 -2.72 25.90 22.77
C VAL D 171 -1.51 26.60 23.40
N SER D 172 -1.67 27.10 24.63
CA SER D 172 -0.61 27.81 25.35
C SER D 172 0.10 26.88 26.34
N MET E 1 14.80 23.62 -0.55
CA MET E 1 14.41 24.57 -1.66
C MET E 1 14.88 23.94 -2.95
N LYS E 2 14.07 24.03 -4.00
CA LYS E 2 14.48 23.41 -5.24
C LYS E 2 15.35 24.33 -6.08
N THR E 3 16.52 23.81 -6.43
CA THR E 3 17.45 24.50 -7.30
C THR E 3 17.97 23.35 -8.17
N PRO E 4 18.71 23.70 -9.23
CA PRO E 4 19.20 22.62 -10.06
C PRO E 4 20.16 21.73 -9.29
N ILE E 5 20.92 22.30 -8.37
CA ILE E 5 21.86 21.46 -7.62
C ILE E 5 21.12 20.59 -6.53
N THR E 6 20.22 21.20 -5.75
CA THR E 6 19.54 20.41 -4.72
C THR E 6 18.72 19.34 -5.39
N GLU E 7 18.14 19.69 -6.52
CA GLU E 7 17.34 18.71 -7.22
C GLU E 7 18.20 17.54 -7.71
N ALA E 8 19.40 17.79 -8.22
CA ALA E 8 20.22 16.66 -8.69
C ALA E 8 20.63 15.80 -7.48
N ILE E 9 21.04 16.44 -6.40
CA ILE E 9 21.42 15.76 -5.18
C ILE E 9 20.20 14.91 -4.69
N ALA E 10 19.00 15.52 -4.59
CA ALA E 10 17.84 14.75 -4.13
C ALA E 10 17.59 13.52 -5.04
N SER E 11 17.68 13.66 -6.36
CA SER E 11 17.47 12.48 -7.17
C SER E 11 18.59 11.42 -6.89
N ALA E 12 19.88 11.81 -6.92
CA ALA E 12 20.95 10.81 -6.71
C ALA E 12 20.76 10.08 -5.36
N ASP E 13 20.44 10.85 -4.32
CA ASP E 13 20.22 10.23 -3.02
C ASP E 13 19.02 9.27 -3.06
N SER E 14 17.93 9.65 -3.73
CA SER E 14 16.76 8.80 -3.79
C SER E 14 17.12 7.51 -4.46
N GLN E 15 18.18 7.50 -5.26
CA GLN E 15 18.52 6.28 -5.94
C GLN E 15 19.81 5.67 -5.38
N GLY E 16 20.22 6.19 -4.22
CA GLY E 16 21.41 5.73 -3.52
C GLY E 16 22.63 5.69 -4.41
N ARG E 17 22.89 6.76 -5.15
CA ARG E 17 24.02 6.72 -6.07
C ARG E 17 24.71 8.07 -6.19
N PHE E 18 25.85 8.09 -6.87
CA PHE E 18 26.54 9.34 -7.09
C PHE E 18 25.78 10.16 -8.16
N LEU E 19 26.08 11.46 -8.25
CA LEU E 19 25.47 12.27 -9.28
C LEU E 19 25.90 11.69 -10.61
N SER E 20 24.98 11.70 -11.57
CA SER E 20 25.24 11.19 -12.91
C SER E 20 25.80 12.35 -13.74
N ASN E 21 26.42 11.99 -14.88
CA ASN E 21 26.95 12.99 -15.81
C ASN E 21 25.76 13.82 -16.28
N GLY E 22 24.58 13.20 -16.32
CA GLY E 22 23.40 13.92 -16.72
C GLY E 22 23.16 15.04 -15.75
N GLU E 23 23.35 14.76 -14.46
CA GLU E 23 23.13 15.78 -13.46
C GLU E 23 24.29 16.77 -13.48
N LEU E 24 25.50 16.32 -13.75
CA LEU E 24 26.60 17.31 -13.78
C LEU E 24 26.36 18.27 -14.97
N GLN E 25 25.84 17.73 -16.07
CA GLN E 25 25.53 18.56 -17.21
C GLN E 25 24.43 19.55 -16.87
N SER E 26 23.42 19.14 -16.09
CA SER E 26 22.36 20.05 -15.71
C SER E 26 22.92 21.18 -14.87
N ILE E 27 23.88 20.88 -13.99
CA ILE E 27 24.46 21.93 -13.12
C ILE E 27 25.38 22.86 -13.97
N ASN E 28 26.07 22.26 -14.94
CA ASN E 28 26.89 23.05 -15.89
C ASN E 28 25.90 24.07 -16.51
N GLY E 29 24.73 23.55 -16.87
CA GLY E 29 23.66 24.34 -17.47
C GLY E 29 23.34 25.52 -16.60
N ARG E 30 23.14 25.27 -15.30
CA ARG E 30 22.87 26.35 -14.38
C ARG E 30 24.04 27.35 -14.31
N TYR E 31 25.27 26.88 -14.33
CA TYR E 31 26.35 27.83 -14.24
C TYR E 31 26.41 28.68 -15.51
N GLN E 32 26.12 28.08 -16.65
CA GLN E 32 26.21 28.78 -17.93
C GLN E 32 25.20 29.92 -18.06
N ARG E 33 24.01 29.69 -17.52
CA ARG E 33 22.92 30.65 -17.61
C ARG E 33 22.95 31.71 -16.51
N ALA E 34 23.71 31.44 -15.45
CA ALA E 34 23.73 32.33 -14.30
C ALA E 34 24.24 33.72 -14.57
N THR E 35 25.13 33.92 -15.54
CA THR E 35 25.55 35.33 -15.80
C THR E 35 24.34 36.20 -16.20
N ALA E 36 23.51 35.70 -17.12
CA ALA E 36 22.30 36.44 -17.50
C ALA E 36 21.31 36.56 -16.32
N SER E 37 21.19 35.49 -15.53
CA SER E 37 20.29 35.51 -14.42
C SER E 37 20.72 36.52 -13.37
N LEU E 38 22.03 36.62 -13.05
CA LEU E 38 22.45 37.55 -12.00
C LEU E 38 22.38 38.96 -12.48
N GLU E 39 22.66 39.13 -13.75
CA GLU E 39 22.52 40.45 -14.35
C GLU E 39 21.03 40.88 -14.18
N ALA E 40 20.08 39.99 -14.52
CA ALA E 40 18.64 40.38 -14.35
C ALA E 40 18.32 40.63 -12.86
N ALA E 41 18.80 39.78 -11.97
CA ALA E 41 18.54 39.98 -10.55
C ALA E 41 19.11 41.31 -10.03
N ARG E 42 20.32 41.71 -10.49
CA ARG E 42 20.90 42.98 -10.02
C ARG E 42 20.08 44.19 -10.48
N SER E 43 19.68 44.20 -11.74
CA SER E 43 18.90 45.30 -12.28
C SER E 43 17.49 45.38 -11.66
N LEU E 44 16.79 44.25 -11.54
CA LEU E 44 15.46 44.29 -10.92
C LEU E 44 15.64 44.76 -9.47
N THR E 45 16.66 44.27 -8.79
CA THR E 45 16.85 44.69 -7.41
C THR E 45 17.07 46.20 -7.33
N SER E 46 17.98 46.70 -8.16
CA SER E 46 18.31 48.10 -8.16
C SER E 46 17.11 49.01 -8.45
N ASN E 47 16.22 48.54 -9.33
CA ASN E 47 15.04 49.29 -9.71
C ASN E 47 13.81 48.88 -8.99
N ALA E 48 13.93 48.13 -7.90
CA ALA E 48 12.74 47.65 -7.21
C ALA E 48 11.64 48.58 -6.81
N GLU E 49 12.01 49.64 -6.11
CA GLU E 49 11.01 50.56 -5.62
C GLU E 49 10.32 51.23 -6.78
N ARG E 50 11.06 51.54 -7.86
CA ARG E 50 10.48 52.14 -9.08
C ARG E 50 9.48 51.14 -9.72
N LEU E 51 9.93 49.90 -9.86
CA LEU E 51 9.12 48.85 -10.47
C LEU E 51 7.86 48.57 -9.63
N ILE E 52 8.04 48.51 -8.32
CA ILE E 52 6.92 48.25 -7.42
C ILE E 52 5.92 49.41 -7.51
N SER E 53 6.42 50.63 -7.54
CA SER E 53 5.54 51.79 -7.62
C SER E 53 4.73 51.81 -8.93
N GLY E 54 5.43 51.66 -10.04
CA GLY E 54 4.78 51.67 -11.34
C GLY E 54 3.75 50.54 -11.46
N ALA E 55 4.10 49.37 -10.91
CA ALA E 55 3.22 48.21 -10.91
C ALA E 55 1.94 48.45 -10.12
N ALA E 56 2.06 48.97 -8.90
CA ALA E 56 0.88 49.26 -8.11
C ALA E 56 0.07 50.30 -8.85
N GLN E 57 0.71 51.33 -9.41
CA GLN E 57 -0.10 52.32 -10.12
C GLN E 57 -0.80 51.74 -11.33
N SER E 58 -0.16 50.81 -12.00
CA SER E 58 -0.77 50.19 -13.13
C SER E 58 -2.02 49.42 -12.68
N VAL E 59 -1.94 48.78 -11.50
CA VAL E 59 -3.10 48.04 -11.00
C VAL E 59 -4.25 48.99 -10.69
N TYR E 60 -3.96 50.08 -9.98
CA TYR E 60 -5.03 51.02 -9.65
C TYR E 60 -5.66 51.66 -10.88
N SER E 61 -4.86 51.88 -11.93
CA SER E 61 -5.40 52.47 -13.14
C SER E 61 -6.35 51.47 -13.79
N LYS E 62 -5.92 50.22 -13.90
CA LYS E 62 -6.73 49.19 -14.52
C LYS E 62 -7.99 48.74 -13.75
N PHE E 63 -7.91 48.75 -12.43
CA PHE E 63 -9.00 48.30 -11.55
C PHE E 63 -9.31 49.47 -10.62
N PRO E 64 -9.93 50.54 -11.15
CA PRO E 64 -10.32 51.78 -10.44
C PRO E 64 -11.10 51.55 -9.15
N TYR E 65 -11.95 50.53 -9.13
CA TYR E 65 -12.77 50.22 -7.98
C TYR E 65 -11.98 49.88 -6.72
N THR E 66 -10.93 49.07 -6.88
CA THR E 66 -10.10 48.66 -5.74
C THR E 66 -9.58 49.85 -4.92
N THR E 67 -9.32 50.98 -5.59
CA THR E 67 -8.85 52.16 -4.90
C THR E 67 -9.97 53.00 -4.30
N GLN E 68 -11.19 52.78 -4.76
CA GLN E 68 -12.35 53.53 -4.28
C GLN E 68 -13.42 52.72 -3.54
N MET E 69 -13.07 51.50 -3.14
CA MET E 69 -14.00 50.66 -2.40
C MET E 69 -13.49 50.46 -0.98
N GLN E 70 -13.89 51.37 -0.09
CA GLN E 70 -13.46 51.35 1.32
C GLN E 70 -13.79 50.02 2.01
N GLY E 71 -12.84 49.09 1.98
CA GLY E 71 -13.01 47.79 2.61
C GLY E 71 -11.63 47.21 2.86
N PRO E 72 -11.53 46.13 3.67
CA PRO E 72 -10.24 45.49 3.98
C PRO E 72 -9.38 45.07 2.78
N ASN E 73 -10.01 44.42 1.81
CA ASN E 73 -9.32 43.94 0.59
C ASN E 73 -9.17 44.97 -0.52
N TYR E 74 -9.36 46.24 -0.20
CA TYR E 74 -9.24 47.23 -1.25
C TYR E 74 -8.18 48.28 -1.11
N ALA E 75 -7.67 48.67 -2.27
CA ALA E 75 -6.67 49.71 -2.40
C ALA E 75 -7.34 50.98 -1.94
N ALA E 76 -8.59 50.86 -1.53
CA ALA E 76 -9.37 52.00 -1.05
C ALA E 76 -8.62 52.74 0.06
N ASP E 77 -8.25 51.99 1.09
CA ASP E 77 -7.57 52.53 2.23
C ASP E 77 -6.05 52.54 2.17
N ALA E 78 -5.45 53.17 3.16
CA ALA E 78 -4.02 53.25 3.24
C ALA E 78 -3.44 51.86 3.49
N THR E 79 -4.11 51.07 4.34
CA THR E 79 -3.63 49.72 4.67
C THR E 79 -3.70 48.82 3.43
N GLY E 80 -4.83 48.90 2.75
CA GLY E 80 -5.05 48.13 1.55
C GLY E 80 -3.98 48.37 0.50
N LYS E 81 -3.75 49.64 0.22
CA LYS E 81 -2.73 50.04 -0.73
C LYS E 81 -1.33 49.71 -0.21
N ALA E 82 -1.05 49.90 1.10
CA ALA E 82 0.28 49.54 1.62
C ALA E 82 0.52 48.04 1.38
N LYS E 83 -0.48 47.23 1.70
CA LYS E 83 -0.37 45.79 1.49
C LYS E 83 -0.18 45.42 0.01
N CYS E 84 -0.89 46.12 -0.87
CA CYS E 84 -0.75 45.86 -2.31
C CYS E 84 0.70 46.06 -2.79
N ALA E 85 1.28 47.20 -2.42
CA ALA E 85 2.66 47.46 -2.83
C ALA E 85 3.56 46.41 -2.18
N ARG E 86 3.26 46.08 -0.92
CA ARG E 86 4.06 45.09 -0.19
C ARG E 86 4.04 43.75 -0.93
N ASP E 87 2.84 43.31 -1.33
CA ASP E 87 2.68 42.07 -2.08
C ASP E 87 3.42 42.08 -3.40
N ILE E 88 3.35 43.19 -4.11
CA ILE E 88 3.99 43.31 -5.39
C ILE E 88 5.49 43.21 -5.18
N GLY E 89 5.96 43.88 -4.14
CA GLY E 89 7.35 43.75 -3.80
C GLY E 89 7.74 42.31 -3.51
N TYR E 90 6.86 41.52 -2.87
CA TYR E 90 7.13 40.07 -2.63
C TYR E 90 7.30 39.30 -3.92
N TYR E 91 6.41 39.53 -4.90
CA TYR E 91 6.56 38.85 -6.19
C TYR E 91 7.90 39.24 -6.83
N LEU E 92 8.23 40.51 -6.73
CA LEU E 92 9.45 40.94 -7.38
C LEU E 92 10.67 40.33 -6.68
N ARG E 93 10.67 40.35 -5.34
CA ARG E 93 11.79 39.77 -4.56
C ARG E 93 11.90 38.27 -4.83
N MET E 94 10.75 37.58 -4.89
CA MET E 94 10.78 36.15 -5.18
C MET E 94 11.40 35.90 -6.58
N VAL E 95 11.05 36.77 -7.52
CA VAL E 95 11.57 36.67 -8.86
C VAL E 95 13.09 36.79 -8.85
N THR E 96 13.61 37.69 -8.01
CA THR E 96 15.07 37.80 -7.98
C THR E 96 15.67 36.57 -7.33
N TYR E 97 15.00 36.01 -6.33
CA TYR E 97 15.50 34.78 -5.72
C TYR E 97 15.56 33.66 -6.71
N CYS E 98 14.53 33.52 -7.56
CA CYS E 98 14.52 32.49 -8.57
C CYS E 98 15.73 32.65 -9.51
N LEU E 99 15.99 33.90 -9.93
CA LEU E 99 17.11 34.20 -10.81
C LEU E 99 18.44 33.77 -10.16
N VAL E 100 18.56 34.05 -8.88
CA VAL E 100 19.72 33.77 -8.08
C VAL E 100 20.06 32.29 -7.97
N VAL E 101 19.06 31.48 -7.70
CA VAL E 101 19.31 30.05 -7.55
C VAL E 101 19.18 29.27 -8.85
N GLY E 102 18.59 29.86 -9.87
CA GLY E 102 18.48 29.09 -11.09
C GLY E 102 17.25 28.20 -11.21
N ALA E 103 16.20 28.43 -10.42
CA ALA E 103 14.98 27.60 -10.52
C ALA E 103 13.84 28.32 -9.91
N THR E 104 12.63 27.78 -10.05
CA THR E 104 11.43 28.39 -9.48
C THR E 104 11.28 28.10 -8.01
N GLY E 105 12.15 27.25 -7.45
CA GLY E 105 12.08 26.89 -6.04
C GLY E 105 11.62 27.91 -4.99
N PRO E 106 12.31 29.04 -4.96
CA PRO E 106 12.00 30.09 -3.99
C PRO E 106 10.57 30.58 -4.16
N MET E 107 10.16 30.83 -5.39
CA MET E 107 8.80 31.31 -5.57
C MET E 107 7.81 30.17 -5.28
N ASP E 108 8.10 28.94 -5.67
CA ASP E 108 7.16 27.87 -5.34
C ASP E 108 6.97 27.78 -3.82
N GLU E 109 8.10 27.83 -3.13
CA GLU E 109 8.07 27.64 -1.70
C GLU E 109 7.51 28.77 -0.87
N TYR E 110 7.96 29.98 -1.16
CA TYR E 110 7.59 31.11 -0.35
C TYR E 110 6.32 31.84 -0.77
N LEU E 111 5.91 31.66 -2.00
CA LEU E 111 4.72 32.36 -2.52
C LEU E 111 3.63 31.48 -3.15
N ILE E 112 3.99 30.55 -4.04
CA ILE E 112 2.90 29.79 -4.72
C ILE E 112 2.19 28.74 -3.81
N ALA E 113 2.92 28.07 -2.93
CA ALA E 113 2.30 27.12 -2.03
C ALA E 113 1.35 27.92 -1.14
N GLY E 114 0.07 27.54 -1.15
CA GLY E 114 -0.96 28.20 -0.37
C GLY E 114 -1.53 29.45 -1.02
N LEU E 115 -1.02 29.83 -2.18
CA LEU E 115 -1.48 31.03 -2.85
C LEU E 115 -3.00 30.99 -3.18
N SER E 116 -3.50 29.89 -3.72
CA SER E 116 -4.94 29.84 -4.00
C SER E 116 -5.76 30.01 -2.75
N GLU E 117 -5.32 29.38 -1.67
CA GLU E 117 -6.02 29.52 -0.39
C GLU E 117 -6.02 30.95 0.09
N ILE E 118 -4.90 31.64 -0.02
CA ILE E 118 -4.87 32.99 0.45
C ILE E 118 -5.73 33.95 -0.38
N ASN E 119 -5.67 33.85 -1.71
CA ASN E 119 -6.40 34.78 -2.54
C ASN E 119 -7.87 34.54 -2.35
N ARG E 120 -8.22 33.26 -2.19
CA ARG E 120 -9.63 32.91 -1.94
C ARG E 120 -10.05 33.43 -0.59
N SER E 121 -9.26 33.16 0.44
CA SER E 121 -9.69 33.61 1.78
C SER E 121 -9.79 35.12 1.95
N PHE E 122 -8.82 35.83 1.37
CA PHE E 122 -8.82 37.27 1.52
C PHE E 122 -9.45 38.02 0.35
N GLU E 123 -10.07 37.29 -0.55
CA GLU E 123 -10.77 37.85 -1.70
C GLU E 123 -9.87 38.77 -2.53
N LEU E 124 -8.66 38.30 -2.78
CA LEU E 124 -7.73 39.08 -3.58
C LEU E 124 -7.86 38.49 -4.96
N SER E 125 -8.02 39.35 -5.97
CA SER E 125 -8.13 38.87 -7.32
C SER E 125 -6.77 38.55 -7.96
N PRO E 126 -6.63 37.33 -8.47
CA PRO E 126 -5.36 36.99 -9.11
C PRO E 126 -5.09 37.99 -10.24
N SER E 127 -6.14 38.47 -10.90
CA SER E 127 -6.00 39.42 -12.01
C SER E 127 -5.24 40.69 -11.65
N TRP E 128 -5.39 41.13 -10.40
CA TRP E 128 -4.68 42.33 -9.97
C TRP E 128 -3.20 42.07 -10.08
N TYR E 129 -2.78 40.89 -9.58
CA TYR E 129 -1.36 40.57 -9.60
C TYR E 129 -0.80 40.36 -10.97
N ILE E 130 -1.57 39.75 -11.85
CA ILE E 130 -1.11 39.50 -13.21
C ILE E 130 -0.81 40.85 -13.86
N GLU E 131 -1.64 41.84 -13.56
CA GLU E 131 -1.43 43.17 -14.09
C GLU E 131 -0.13 43.76 -13.57
N ALA E 132 0.14 43.61 -12.27
CA ALA E 132 1.36 44.15 -11.73
C ALA E 132 2.53 43.47 -12.40
N LEU E 133 2.38 42.17 -12.64
CA LEU E 133 3.45 41.38 -13.26
C LEU E 133 3.75 41.76 -14.74
N GLU E 134 2.71 42.01 -15.50
CA GLU E 134 2.86 42.44 -16.88
C GLU E 134 3.52 43.81 -16.88
N TYR E 135 3.14 44.69 -15.96
CA TYR E 135 3.79 45.99 -15.95
C TYR E 135 5.28 45.79 -15.71
N ILE E 136 5.64 44.95 -14.74
CA ILE E 136 7.06 44.74 -14.49
C ILE E 136 7.76 44.25 -15.72
N LYS E 137 7.19 43.25 -16.38
CA LYS E 137 7.80 42.75 -17.61
C LYS E 137 8.03 43.87 -18.65
N ASP E 138 7.04 44.76 -18.76
CA ASP E 138 7.08 45.85 -19.70
C ASP E 138 7.99 46.98 -19.25
N SER E 139 8.40 46.98 -17.99
CA SER E 139 9.17 48.09 -17.49
C SER E 139 10.57 47.89 -17.02
N HIS E 140 11.04 46.64 -16.92
CA HIS E 140 12.37 46.45 -16.37
C HIS E 140 13.48 46.93 -17.27
N ALA E 141 13.17 47.02 -18.56
CA ALA E 141 14.10 47.48 -19.57
C ALA E 141 15.38 46.62 -19.72
N LEU E 142 15.33 45.35 -19.35
CA LEU E 142 16.52 44.50 -19.51
C LEU E 142 16.55 44.17 -20.97
N SER E 143 17.62 43.56 -21.45
CA SER E 143 17.55 43.13 -22.83
C SER E 143 18.29 41.78 -22.92
N GLY E 144 18.34 41.24 -24.12
CA GLY E 144 19.03 39.97 -24.31
C GLY E 144 18.55 38.83 -23.41
N GLN E 145 19.46 37.99 -22.99
CA GLN E 145 19.07 36.85 -22.16
C GLN E 145 18.75 37.21 -20.75
N ALA E 146 19.26 38.33 -20.28
CA ALA E 146 18.94 38.74 -18.92
C ALA E 146 17.42 39.05 -18.95
N ALA E 147 16.95 39.66 -20.02
CA ALA E 147 15.51 39.96 -20.13
C ALA E 147 14.74 38.63 -20.23
N ASN E 148 15.23 37.68 -21.03
CA ASN E 148 14.57 36.36 -21.15
C ASN E 148 14.46 35.72 -19.75
N GLU E 149 15.53 35.70 -18.97
CA GLU E 149 15.44 35.13 -17.62
C GLU E 149 14.37 35.79 -16.76
N ALA E 150 14.34 37.13 -16.78
CA ALA E 150 13.37 37.80 -15.90
C ALA E 150 11.94 37.52 -16.31
N ASN E 151 11.71 37.70 -17.61
CA ASN E 151 10.42 37.51 -18.16
C ASN E 151 9.93 36.09 -17.95
N THR E 152 10.83 35.11 -18.08
CA THR E 152 10.43 33.73 -17.86
C THR E 152 9.88 33.50 -16.46
N TYR E 153 10.57 33.99 -15.42
CA TYR E 153 10.07 33.79 -14.07
C TYR E 153 8.86 34.65 -13.79
N LEU E 154 8.80 35.83 -14.40
CA LEU E 154 7.61 36.68 -14.22
C LEU E 154 6.39 35.99 -14.85
N ASP E 155 6.59 35.36 -16.02
CA ASP E 155 5.53 34.62 -16.70
C ASP E 155 5.18 33.37 -15.91
N TYR E 156 6.15 32.81 -15.20
CA TYR E 156 5.89 31.65 -14.37
C TYR E 156 4.89 32.05 -13.29
N ALA E 157 5.08 33.22 -12.70
CA ALA E 157 4.15 33.69 -11.67
C ALA E 157 2.77 34.01 -12.27
N ILE E 158 2.71 34.62 -13.45
CA ILE E 158 1.41 34.91 -14.07
C ILE E 158 0.63 33.61 -14.30
N ASN E 159 1.33 32.57 -14.75
CA ASN E 159 0.72 31.27 -14.98
C ASN E 159 0.23 30.63 -13.69
N ALA E 160 0.93 30.84 -12.58
CA ALA E 160 0.46 30.29 -11.30
C ALA E 160 -0.83 31.00 -10.87
N LEU E 161 -1.03 32.22 -11.33
CA LEU E 161 -2.19 33.00 -11.02
C LEU E 161 -3.39 32.83 -11.98
N SER E 162 -3.20 32.11 -13.08
CA SER E 162 -4.26 31.94 -14.06
C SER E 162 -4.49 30.50 -14.52
N MET F 1 16.41 20.67 1.59
CA MET F 1 17.88 20.77 1.40
C MET F 1 18.28 22.11 0.77
N LEU F 2 19.46 22.63 1.09
CA LEU F 2 19.92 23.90 0.51
C LEU F 2 21.32 23.84 -0.09
N ASP F 3 21.55 24.46 -1.25
CA ASP F 3 22.91 24.54 -1.79
C ASP F 3 23.43 25.91 -1.30
N ALA F 4 24.60 26.39 -1.76
CA ALA F 4 25.10 27.66 -1.23
C ALA F 4 24.19 28.81 -1.65
N PHE F 5 23.60 28.72 -2.83
CA PHE F 5 22.76 29.83 -3.29
C PHE F 5 21.45 29.91 -2.52
N ALA F 6 20.78 28.76 -2.37
CA ALA F 6 19.53 28.72 -1.65
C ALA F 6 19.75 29.16 -0.19
N LYS F 7 20.91 28.85 0.39
CA LYS F 7 21.17 29.25 1.77
C LYS F 7 21.12 30.78 1.91
N VAL F 8 21.82 31.48 1.03
CA VAL F 8 21.80 32.93 1.07
C VAL F 8 20.36 33.46 0.84
N VAL F 9 19.66 32.91 -0.14
CA VAL F 9 18.30 33.32 -0.39
C VAL F 9 17.42 33.09 0.84
N ALA F 10 17.53 31.93 1.48
CA ALA F 10 16.67 31.69 2.64
C ALA F 10 16.93 32.67 3.76
N GLN F 11 18.18 33.09 3.96
CA GLN F 11 18.48 34.06 5.01
C GLN F 11 17.97 35.44 4.64
N ALA F 12 18.04 35.75 3.37
CA ALA F 12 17.58 37.04 2.91
C ALA F 12 16.02 37.12 3.03
N ASP F 13 15.35 36.01 2.70
CA ASP F 13 13.89 36.01 2.74
C ASP F 13 13.39 36.18 4.17
N ALA F 14 14.07 35.54 5.12
CA ALA F 14 13.63 35.68 6.51
C ALA F 14 13.80 37.13 7.00
N ARG F 15 14.65 37.92 6.33
CA ARG F 15 14.85 39.32 6.73
C ARG F 15 14.05 40.21 5.78
N GLY F 16 13.34 39.60 4.84
CA GLY F 16 12.55 40.39 3.87
C GLY F 16 13.43 41.22 2.95
N GLU F 17 14.60 40.70 2.60
CA GLU F 17 15.52 41.48 1.77
C GLU F 17 15.93 40.88 0.44
N PHE F 18 16.30 41.76 -0.49
CA PHE F 18 16.83 41.36 -1.77
C PHE F 18 18.31 41.16 -1.45
N LEU F 19 18.97 40.33 -2.23
CA LEU F 19 20.39 40.11 -2.07
C LEU F 19 21.08 41.47 -2.37
N SER F 20 22.16 41.76 -1.64
CA SER F 20 22.91 43.00 -1.87
C SER F 20 23.83 42.76 -3.08
N ASN F 21 24.45 43.83 -3.59
CA ASN F 21 25.38 43.69 -4.74
C ASN F 21 26.59 42.89 -4.30
N THR F 22 26.97 43.03 -3.04
CA THR F 22 28.07 42.27 -2.50
C THR F 22 27.73 40.78 -2.50
N GLN F 23 26.50 40.42 -2.10
CA GLN F 23 26.12 39.01 -2.12
C GLN F 23 26.10 38.44 -3.53
N LEU F 24 25.55 39.21 -4.46
CA LEU F 24 25.49 38.81 -5.86
C LEU F 24 26.92 38.59 -6.36
N ASP F 25 27.84 39.49 -5.99
CA ASP F 25 29.24 39.30 -6.39
C ASP F 25 29.78 38.00 -5.83
N ALA F 26 29.48 37.70 -4.56
CA ALA F 26 29.97 36.47 -4.00
C ALA F 26 29.39 35.27 -4.73
N LEU F 27 28.12 35.32 -5.12
CA LEU F 27 27.60 34.14 -5.84
C LEU F 27 28.24 34.04 -7.24
N ALA F 28 28.47 35.19 -7.87
CA ALA F 28 29.08 35.16 -9.16
C ALA F 28 30.46 34.47 -9.03
N ASN F 29 31.17 34.75 -7.94
CA ASN F 29 32.48 34.15 -7.74
C ASN F 29 32.30 32.64 -7.62
N MET F 30 31.21 32.20 -6.99
CA MET F 30 31.03 30.76 -6.88
C MET F 30 30.74 30.20 -8.25
N ILE F 31 29.98 30.95 -9.06
CA ILE F 31 29.66 30.46 -10.39
C ILE F 31 30.99 30.22 -11.16
N ALA F 32 31.92 31.14 -10.97
CA ALA F 32 33.23 31.08 -11.64
C ALA F 32 34.02 29.83 -11.26
N GLU F 33 33.86 29.35 -10.02
CA GLU F 33 34.54 28.15 -9.57
C GLU F 33 33.77 26.84 -10.01
N GLY F 34 32.62 26.98 -10.68
CA GLY F 34 31.80 25.83 -11.09
C GLY F 34 32.45 24.70 -11.87
N ASN F 35 33.14 25.01 -12.96
CA ASN F 35 33.81 23.95 -13.72
C ASN F 35 34.77 23.16 -12.86
N LYS F 36 35.48 23.84 -11.98
CA LYS F 36 36.43 23.18 -11.09
C LYS F 36 35.71 22.30 -10.06
N ARG F 37 34.60 22.80 -9.51
CA ARG F 37 33.80 22.05 -8.55
C ARG F 37 33.29 20.79 -9.30
N LEU F 38 32.76 21.00 -10.51
CA LEU F 38 32.33 19.84 -11.31
C LEU F 38 33.47 18.85 -11.57
N ASP F 39 34.69 19.33 -11.85
CA ASP F 39 35.78 18.39 -12.08
C ASP F 39 36.05 17.54 -10.82
N ILE F 40 36.01 18.16 -9.64
CA ILE F 40 36.28 17.43 -8.42
C ILE F 40 35.22 16.38 -8.17
N VAL F 41 33.95 16.72 -8.38
CA VAL F 41 32.91 15.74 -8.19
C VAL F 41 33.05 14.66 -9.27
N ASN F 42 33.39 15.03 -10.51
CA ASN F 42 33.53 14.00 -11.55
C ASN F 42 34.66 13.05 -11.19
N ARG F 43 35.71 13.59 -10.59
CA ARG F 43 36.81 12.74 -10.16
C ARG F 43 36.38 11.75 -9.10
N ILE F 44 35.53 12.16 -8.16
CA ILE F 44 35.11 11.20 -7.14
C ILE F 44 34.28 10.11 -7.76
N ASN F 45 33.31 10.51 -8.57
CA ASN F 45 32.39 9.57 -9.21
C ASN F 45 33.15 8.62 -10.05
N SER F 46 34.13 9.13 -10.76
CA SER F 46 34.80 8.31 -11.69
C SER F 46 35.71 7.28 -11.03
N ASN F 47 36.11 7.53 -9.77
CA ASN F 47 36.98 6.63 -9.04
C ASN F 47 36.34 6.06 -7.75
N ALA F 48 35.02 6.25 -7.60
CA ALA F 48 34.26 5.81 -6.42
C ALA F 48 34.60 4.40 -5.91
N SER F 49 34.54 3.41 -6.80
CA SER F 49 34.84 2.03 -6.47
C SER F 49 36.25 1.84 -5.94
N ALA F 50 37.23 2.48 -6.58
CA ALA F 50 38.63 2.35 -6.14
C ALA F 50 38.84 3.09 -4.84
N ILE F 51 38.28 4.29 -4.74
CA ILE F 51 38.39 5.08 -3.51
C ILE F 51 37.86 4.27 -2.29
N VAL F 52 36.67 3.68 -2.44
CA VAL F 52 36.11 2.89 -1.39
C VAL F 52 36.88 1.58 -1.17
N SER F 53 37.05 0.79 -2.21
CA SER F 53 37.71 -0.52 -2.07
C SER F 53 39.16 -0.48 -1.58
N ASN F 54 39.94 0.43 -2.14
CA ASN F 54 41.32 0.55 -1.68
C ASN F 54 41.34 1.08 -0.27
N SER F 55 40.40 1.95 0.06
CA SER F 55 40.46 2.44 1.41
C SER F 55 40.09 1.40 2.45
N ALA F 56 39.16 0.51 2.08
CA ALA F 56 38.72 -0.53 3.02
C ALA F 56 39.85 -1.50 3.12
N ARG F 57 40.48 -1.74 2.00
CA ARG F 57 41.55 -2.70 2.01
C ARG F 57 42.64 -2.24 2.96
N ALA F 58 42.95 -0.95 2.94
CA ALA F 58 44.01 -0.46 3.81
C ALA F 58 43.59 -0.61 5.23
N LEU F 59 42.34 -0.25 5.54
CA LEU F 59 41.79 -0.36 6.87
C LEU F 59 41.87 -1.77 7.46
N PHE F 60 41.54 -2.78 6.65
CA PHE F 60 41.56 -4.15 7.12
C PHE F 60 42.98 -4.67 7.19
N ALA F 61 43.89 -4.07 6.43
CA ALA F 61 45.27 -4.52 6.49
C ALA F 61 45.78 -3.96 7.82
N GLU F 62 45.33 -2.79 8.21
CA GLU F 62 45.75 -2.22 9.49
C GLU F 62 45.08 -2.80 10.70
N GLN F 63 43.79 -3.10 10.58
CA GLN F 63 42.98 -3.58 11.67
C GLN F 63 42.41 -4.94 11.33
N PRO F 64 43.27 -5.94 11.19
CA PRO F 64 42.82 -7.29 10.85
C PRO F 64 41.74 -7.86 11.73
N GLN F 65 41.67 -7.41 12.97
CA GLN F 65 40.66 -7.89 13.91
C GLN F 65 39.25 -7.59 13.41
N LEU F 66 39.10 -6.59 12.52
CA LEU F 66 37.75 -6.26 12.01
C LEU F 66 37.12 -7.38 11.21
N ILE F 67 37.94 -8.09 10.45
CA ILE F 67 37.37 -9.12 9.63
C ILE F 67 37.45 -10.54 10.15
N GLN F 68 38.12 -10.76 11.28
CA GLN F 68 38.19 -12.14 11.73
C GLN F 68 36.86 -12.52 12.40
N PRO F 69 36.58 -13.84 12.46
CA PRO F 69 35.32 -14.27 13.08
C PRO F 69 35.01 -13.50 14.36
N GLY F 70 33.81 -12.95 14.45
CA GLY F 70 33.47 -12.20 15.64
C GLY F 70 33.71 -10.71 15.46
N GLY F 71 34.55 -10.32 14.50
CA GLY F 71 34.77 -8.88 14.30
C GLY F 71 33.59 -8.24 13.55
N MEN F 72 33.48 -6.92 13.62
CA MEN F 72 32.33 -6.23 13.00
C MEN F 72 32.15 -6.32 11.50
O MEN F 72 31.02 -6.15 10.99
CB MEN F 72 32.31 -4.74 13.40
CG MEN F 72 30.91 -4.16 13.36
OD1 MEN F 72 30.68 -3.13 12.72
ND2 MEN F 72 29.98 -4.83 13.98
CE2 MEN F 72 28.57 -4.41 13.92
N ALA F 73 33.25 -6.55 10.78
CA ALA F 73 33.24 -6.65 9.34
C ALA F 73 33.31 -8.11 8.88
N TYR F 74 33.15 -9.06 9.80
CA TYR F 74 33.18 -10.50 9.48
C TYR F 74 31.81 -10.95 8.92
N THR F 75 31.84 -11.90 7.97
CA THR F 75 30.71 -12.44 7.16
C THR F 75 30.52 -11.44 6.03
N ASN F 76 30.14 -11.94 4.87
CA ASN F 76 29.97 -11.08 3.73
C ASN F 76 28.89 -10.06 3.87
N ARG F 77 27.86 -10.35 4.66
CA ARG F 77 26.80 -9.35 4.84
C ARG F 77 27.35 -8.12 5.62
N ARG F 78 28.22 -8.35 6.60
CA ARG F 78 28.75 -7.21 7.33
C ARG F 78 29.81 -6.52 6.48
N MET F 79 30.67 -7.29 5.81
CA MET F 79 31.64 -6.67 4.96
C MET F 79 30.87 -5.79 3.95
N ALA F 80 29.79 -6.33 3.35
CA ALA F 80 29.03 -5.55 2.37
C ALA F 80 28.45 -4.28 3.00
N ALA F 81 28.00 -4.38 4.23
CA ALA F 81 27.46 -3.20 4.87
C ALA F 81 28.55 -2.20 5.11
N CYS F 82 29.75 -2.68 5.43
CA CYS F 82 30.86 -1.77 5.69
C CYS F 82 31.23 -0.98 4.42
N LEU F 83 31.36 -1.69 3.30
CA LEU F 83 31.69 -1.07 2.04
C LEU F 83 30.60 -0.05 1.65
N ARG F 84 29.36 -0.46 1.87
CA ARG F 84 28.22 0.37 1.57
C ARG F 84 28.28 1.66 2.39
N ASP F 85 28.58 1.57 3.70
CA ASP F 85 28.67 2.74 4.55
C ASP F 85 29.79 3.65 4.04
N MET F 86 30.87 3.08 3.53
CA MET F 86 31.93 3.95 3.01
C MET F 86 31.47 4.69 1.75
N GLU F 87 30.76 4.00 0.86
CA GLU F 87 30.28 4.66 -0.35
C GLU F 87 29.19 5.73 0.02
N ILE F 88 28.42 5.48 1.06
CA ILE F 88 27.40 6.42 1.49
C ILE F 88 28.05 7.70 1.93
N VAL F 89 29.08 7.60 2.78
CA VAL F 89 29.79 8.79 3.19
C VAL F 89 30.42 9.48 1.98
N LEU F 90 31.02 8.72 1.08
CA LEU F 90 31.66 9.35 -0.08
C LEU F 90 30.60 10.06 -0.93
N ARG F 91 29.45 9.42 -1.04
CA ARG F 91 28.37 9.96 -1.82
C ARG F 91 27.93 11.27 -1.21
N TYR F 92 27.68 11.27 0.10
CA TYR F 92 27.24 12.48 0.77
C TYR F 92 28.30 13.54 0.75
N VAL F 93 29.57 13.15 0.85
CA VAL F 93 30.60 14.14 0.78
C VAL F 93 30.52 14.75 -0.64
N SER F 94 30.40 13.93 -1.69
CA SER F 94 30.34 14.51 -3.03
C SER F 94 29.13 15.46 -3.20
N TYR F 95 28.03 15.20 -2.49
CA TYR F 95 26.85 16.03 -2.55
C TYR F 95 27.12 17.38 -1.97
N ALA F 96 27.78 17.40 -0.82
CA ALA F 96 28.14 18.63 -0.13
C ALA F 96 29.07 19.43 -1.01
N GLU F 97 29.93 18.72 -1.74
CA GLU F 97 30.88 19.40 -2.62
C GLU F 97 30.20 20.11 -3.81
N ILE F 98 29.23 19.49 -4.45
CA ILE F 98 28.57 20.18 -5.52
C ILE F 98 27.67 21.28 -4.94
N ALA F 99 27.05 21.05 -3.77
CA ALA F 99 26.18 22.05 -3.18
C ALA F 99 26.97 23.21 -2.60
N GLY F 100 28.23 22.94 -2.29
CA GLY F 100 29.07 23.96 -1.71
C GLY F 100 28.55 24.32 -0.33
N ASP F 101 28.06 23.30 0.39
CA ASP F 101 27.49 23.51 1.72
C ASP F 101 27.32 22.15 2.44
N SER F 102 27.87 22.07 3.66
CA SER F 102 27.85 20.82 4.41
C SER F 102 26.47 20.36 4.89
N SER F 103 25.48 21.17 4.58
CA SER F 103 24.12 20.85 5.01
C SER F 103 23.54 19.48 4.74
N VAL F 104 23.45 19.09 3.47
CA VAL F 104 22.89 17.78 3.16
C VAL F 104 23.71 16.67 3.88
N LEU F 105 25.02 16.83 3.93
CA LEU F 105 25.86 15.85 4.62
C LEU F 105 25.49 15.75 6.11
N ASP F 106 25.50 16.89 6.79
CA ASP F 106 25.17 16.90 8.21
C ASP F 106 23.76 16.42 8.52
N ASP F 107 22.83 16.69 7.63
CA ASP F 107 21.46 16.30 7.91
C ASP F 107 21.09 14.90 7.53
N ARG F 108 21.28 14.53 6.28
CA ARG F 108 20.90 13.20 5.89
C ARG F 108 21.89 12.12 6.21
N CYS F 109 23.11 12.49 6.58
CA CYS F 109 24.09 11.45 6.82
C CYS F 109 24.82 11.44 8.16
N LEU F 110 25.37 12.56 8.60
CA LEU F 110 26.13 12.54 9.82
C LEU F 110 25.39 12.56 11.19
N ASN F 111 24.33 13.36 11.28
CA ASN F 111 23.55 13.50 12.52
C ASN F 111 22.97 12.15 12.94
N GLY F 112 23.41 11.67 14.12
CA GLY F 112 22.95 10.40 14.66
C GLY F 112 23.81 9.19 14.34
N LEU F 113 24.70 9.33 13.37
CA LEU F 113 25.52 8.19 13.00
C LEU F 113 26.33 7.68 14.21
N ARG F 114 26.85 8.61 15.01
CA ARG F 114 27.64 8.22 16.16
C ARG F 114 26.90 7.21 17.05
N GLU F 115 25.62 7.49 17.35
CA GLU F 115 24.79 6.63 18.19
C GLU F 115 24.50 5.30 17.49
N THR F 116 24.15 5.38 16.21
CA THR F 116 23.88 4.18 15.45
C THR F 116 25.03 3.17 15.60
N TYR F 117 26.26 3.64 15.36
CA TYR F 117 27.45 2.78 15.47
C TYR F 117 27.70 2.25 16.87
N GLN F 118 27.44 3.11 17.87
CA GLN F 118 27.63 2.72 19.25
C GLN F 118 26.60 1.63 19.55
N ALA F 119 25.39 1.80 19.02
CA ALA F 119 24.35 0.83 19.27
C ALA F 119 24.69 -0.46 18.59
N LEU F 120 25.18 -0.38 17.36
CA LEU F 120 25.50 -1.58 16.62
C LEU F 120 26.72 -2.33 17.12
N GLY F 121 27.66 -1.66 17.78
CA GLY F 121 28.87 -2.33 18.18
C GLY F 121 29.96 -2.07 17.11
N THR F 122 29.70 -1.17 16.18
CA THR F 122 30.69 -0.85 15.14
C THR F 122 31.71 0.13 15.72
N PRO F 123 33.02 -0.21 15.70
CA PRO F 123 33.99 0.74 16.27
C PRO F 123 34.08 2.06 15.48
N GLY F 124 33.66 3.16 16.11
CA GLY F 124 33.68 4.46 15.46
C GLY F 124 35.02 4.93 14.95
N SER F 125 36.06 4.78 15.77
CA SER F 125 37.38 5.18 15.37
C SER F 125 37.83 4.41 14.09
N SER F 126 37.31 3.20 13.88
CA SER F 126 37.65 2.41 12.72
C SER F 126 36.99 3.03 11.49
N VAL F 127 35.75 3.51 11.67
CA VAL F 127 35.00 4.13 10.58
C VAL F 127 35.69 5.45 10.24
N ALA F 128 36.06 6.20 11.27
CA ALA F 128 36.77 7.45 11.03
C ALA F 128 38.06 7.13 10.27
N VAL F 129 38.69 5.99 10.54
CA VAL F 129 39.89 5.68 9.78
C VAL F 129 39.57 5.43 8.30
N ALA F 130 38.49 4.72 8.04
CA ALA F 130 38.09 4.45 6.67
C ALA F 130 37.79 5.78 5.96
N ILE F 131 37.09 6.68 6.65
CA ILE F 131 36.77 7.95 6.05
C ILE F 131 38.05 8.74 5.78
N GLU F 132 38.98 8.68 6.73
CA GLU F 132 40.22 9.41 6.57
C GLU F 132 40.99 8.87 5.36
N LYS F 133 40.93 7.57 5.13
CA LYS F 133 41.63 7.04 3.98
C LYS F 133 40.96 7.45 2.67
N MET F 134 39.63 7.53 2.66
CA MET F 134 38.94 7.93 1.41
C MET F 134 39.26 9.38 1.15
N LYS F 135 39.36 10.18 2.21
CA LYS F 135 39.72 11.57 2.07
C LYS F 135 41.11 11.71 1.39
N GLU F 136 42.11 10.99 1.90
CA GLU F 136 43.43 11.07 1.29
C GLU F 136 43.36 10.70 -0.20
N ALA F 137 42.67 9.61 -0.52
CA ALA F 137 42.55 9.19 -1.91
C ALA F 137 41.85 10.24 -2.78
N SER F 138 40.76 10.79 -2.27
CA SER F 138 39.98 11.76 -3.02
C SER F 138 40.68 13.09 -3.26
N VAL F 139 41.32 13.62 -2.22
CA VAL F 139 42.01 14.89 -2.30
C VAL F 139 43.18 14.72 -3.24
N SER F 140 43.75 13.53 -3.24
CA SER F 140 44.89 13.28 -4.10
C SER F 140 44.42 13.24 -5.56
N ASP F 141 43.22 12.70 -5.79
CA ASP F 141 42.65 12.67 -7.14
C ASP F 141 42.40 14.10 -7.59
N ALA F 142 41.77 14.87 -6.70
CA ALA F 142 41.42 16.26 -6.94
C ALA F 142 42.64 17.15 -7.21
N ASN F 143 43.80 16.81 -6.66
CA ASN F 143 44.98 17.62 -6.87
C ASN F 143 45.71 17.18 -8.09
N ASP F 144 45.20 16.15 -8.74
CA ASP F 144 45.87 15.63 -9.89
C ASP F 144 45.36 16.39 -11.08
N SER F 145 46.28 16.97 -11.86
CA SER F 145 45.92 17.76 -13.03
C SER F 145 45.81 16.99 -14.33
N SER F 146 46.06 15.68 -14.33
CA SER F 146 45.91 14.96 -15.58
C SER F 146 44.37 14.93 -15.87
N GLY F 147 43.98 15.46 -17.03
CA GLY F 147 42.56 15.48 -17.38
C GLY F 147 41.84 16.80 -17.11
N THR F 148 42.57 17.80 -16.64
CA THR F 148 41.98 19.11 -16.38
C THR F 148 42.98 20.20 -16.80
N PRO F 149 42.46 21.38 -17.12
CA PRO F 149 43.32 22.51 -17.49
C PRO F 149 44.14 22.69 -16.22
N SER F 150 45.41 23.09 -16.33
CA SER F 150 46.18 23.28 -15.10
C SER F 150 45.76 24.59 -14.45
N GLY F 151 45.56 24.56 -13.13
CA GLY F 151 45.13 25.76 -12.43
C GLY F 151 45.16 25.58 -10.95
N ASP F 152 44.67 26.55 -10.21
CA ASP F 152 44.72 26.38 -8.78
C ASP F 152 43.36 26.00 -8.21
N CYS F 153 43.30 24.85 -7.56
CA CYS F 153 42.08 24.38 -6.95
C CYS F 153 42.23 24.18 -5.47
N SER F 154 43.17 24.90 -4.87
CA SER F 154 43.43 24.72 -3.46
C SER F 154 42.29 25.07 -2.53
N SER F 155 41.54 26.12 -2.80
CA SER F 155 40.47 26.41 -1.89
C SER F 155 39.36 25.31 -1.98
N LEU F 156 39.15 24.77 -3.19
CA LEU F 156 38.16 23.71 -3.42
C LEU F 156 38.59 22.39 -2.76
N SER F 157 39.87 22.08 -2.89
CA SER F 157 40.44 20.88 -2.30
C SER F 157 40.42 21.01 -0.78
N ALA F 158 40.50 22.23 -0.28
CA ALA F 158 40.46 22.48 1.16
C ALA F 158 39.03 22.26 1.63
N GLU F 159 38.10 22.84 0.90
CA GLU F 159 36.71 22.65 1.21
C GLU F 159 36.38 21.13 1.22
N LEU F 160 36.84 20.39 0.20
CA LEU F 160 36.60 18.96 0.10
C LEU F 160 37.15 18.28 1.39
N GLY F 161 38.40 18.57 1.75
CA GLY F 161 38.95 17.97 2.97
C GLY F 161 38.09 18.29 4.19
N THR F 162 37.52 19.50 4.24
CA THR F 162 36.69 19.86 5.38
C THR F 162 35.42 19.00 5.49
N TYR F 163 34.79 18.65 4.37
CA TYR F 163 33.60 17.80 4.47
C TYR F 163 33.95 16.41 5.00
N PHE F 164 35.00 15.80 4.46
CA PHE F 164 35.42 14.50 4.96
C PHE F 164 35.70 14.58 6.47
N ASP F 165 36.45 15.58 6.92
CA ASP F 165 36.77 15.69 8.35
C ASP F 165 35.50 15.77 9.16
N ARG F 166 34.51 16.46 8.66
CA ARG F 166 33.26 16.53 9.41
C ARG F 166 32.67 15.14 9.62
N ALA F 167 32.83 14.29 8.62
CA ALA F 167 32.31 12.93 8.65
C ALA F 167 33.09 12.06 9.65
N ALA F 168 34.40 12.18 9.61
CA ALA F 168 35.25 11.38 10.47
C ALA F 168 34.96 11.67 11.93
N SER F 169 34.69 12.93 12.27
CA SER F 169 34.41 13.23 13.67
C SER F 169 32.96 12.93 14.01
N ALA F 170 32.07 12.96 13.01
CA ALA F 170 30.66 12.66 13.26
C ALA F 170 30.40 11.19 13.59
N VAL F 171 31.38 10.33 13.30
CA VAL F 171 31.18 8.92 13.54
C VAL F 171 31.78 8.36 14.82
N SER F 172 32.55 9.14 15.57
CA SER F 172 33.08 8.61 16.80
C SER F 172 32.93 9.59 17.93
N MET G 1 -4.56 -27.17 -2.60
CA MET G 1 -4.72 -27.77 -1.24
C MET G 1 -3.36 -27.78 -0.55
N LYS G 2 -3.33 -27.44 0.74
CA LYS G 2 -2.08 -27.39 1.44
C LYS G 2 -1.72 -28.75 1.98
N THR G 3 -0.57 -29.28 1.51
CA THR G 3 -0.02 -30.57 1.98
C THR G 3 1.48 -30.26 2.30
N PRO G 4 2.23 -31.23 2.89
CA PRO G 4 3.62 -30.85 3.16
C PRO G 4 4.36 -30.58 1.86
N ILE G 5 3.96 -31.26 0.80
CA ILE G 5 4.62 -31.10 -0.51
C ILE G 5 4.23 -29.79 -1.20
N THR G 6 2.94 -29.50 -1.26
CA THR G 6 2.56 -28.25 -1.94
C THR G 6 3.02 -27.06 -1.12
N GLU G 7 3.06 -27.19 0.20
CA GLU G 7 3.55 -26.07 0.98
C GLU G 7 5.05 -25.87 0.71
N ALA G 8 5.81 -26.96 0.59
CA ALA G 8 7.24 -26.84 0.31
C ALA G 8 7.43 -26.12 -1.02
N ILE G 9 6.65 -26.52 -2.02
CA ILE G 9 6.69 -25.94 -3.34
C ILE G 9 6.25 -24.47 -3.35
N ALA G 10 5.12 -24.18 -2.70
CA ALA G 10 4.60 -22.79 -2.69
C ALA G 10 5.61 -21.87 -2.06
N SER G 11 6.24 -22.36 -1.01
CA SER G 11 7.25 -21.62 -0.34
C SER G 11 8.44 -21.35 -1.29
N ALA G 12 9.03 -22.41 -1.88
CA ALA G 12 10.16 -22.21 -2.79
C ALA G 12 9.79 -21.27 -3.95
N ASP G 13 8.61 -21.43 -4.52
CA ASP G 13 8.19 -20.61 -5.63
C ASP G 13 8.08 -19.14 -5.23
N SER G 14 7.59 -18.90 -4.01
CA SER G 14 7.40 -17.55 -3.49
C SER G 14 8.76 -16.86 -3.38
N GLN G 15 9.82 -17.64 -3.41
CA GLN G 15 11.14 -17.06 -3.34
C GLN G 15 11.90 -17.22 -4.66
N GLY G 16 11.19 -17.61 -5.71
CA GLY G 16 11.80 -17.78 -7.02
C GLY G 16 12.98 -18.76 -7.01
N ARG G 17 12.93 -19.80 -6.19
CA ARG G 17 14.07 -20.70 -6.13
C ARG G 17 13.72 -22.20 -6.17
N PHE G 18 14.75 -23.05 -6.31
CA PHE G 18 14.53 -24.49 -6.27
C PHE G 18 14.28 -24.88 -4.82
N LEU G 19 13.64 -26.02 -4.60
CA LEU G 19 13.43 -26.46 -3.22
C LEU G 19 14.83 -26.65 -2.64
N SER G 20 15.04 -26.41 -1.36
CA SER G 20 16.38 -26.71 -0.87
C SER G 20 16.33 -28.00 -0.04
N ASN G 21 17.49 -28.41 0.44
CA ASN G 21 17.58 -29.63 1.21
C ASN G 21 16.68 -29.65 2.42
N GLY G 22 16.49 -28.50 3.05
CA GLY G 22 15.60 -28.43 4.19
C GLY G 22 14.21 -28.92 3.80
N GLU G 23 13.75 -28.47 2.64
CA GLU G 23 12.45 -28.84 2.13
C GLU G 23 12.36 -30.30 1.73
N LEU G 24 13.39 -30.84 1.08
CA LEU G 24 13.34 -32.25 0.72
C LEU G 24 13.21 -33.08 2.00
N GLN G 25 13.90 -32.59 3.03
CA GLN G 25 13.93 -33.22 4.32
C GLN G 25 12.54 -33.22 4.89
N SER G 26 11.86 -32.09 4.77
CA SER G 26 10.51 -32.01 5.31
C SER G 26 9.61 -32.97 4.59
N ILE G 27 9.82 -33.09 3.29
CA ILE G 27 8.97 -34.00 2.54
C ILE G 27 9.27 -35.44 2.90
N ASN G 28 10.52 -35.75 3.21
CA ASN G 28 10.79 -37.11 3.61
C ASN G 28 10.15 -37.41 4.95
N GLY G 29 10.00 -36.40 5.79
CA GLY G 29 9.31 -36.59 7.06
C GLY G 29 7.84 -36.98 6.82
N ARG G 30 7.24 -36.42 5.78
CA ARG G 30 5.88 -36.74 5.42
C ARG G 30 5.85 -38.21 5.00
N TYR G 31 6.74 -38.58 4.07
CA TYR G 31 6.84 -39.97 3.60
C TYR G 31 7.10 -40.97 4.73
N GLN G 32 7.88 -40.58 5.73
CA GLN G 32 8.20 -41.51 6.80
C GLN G 32 6.98 -41.65 7.76
N ARG G 33 6.18 -40.61 7.88
CA ARG G 33 5.06 -40.69 8.76
C ARG G 33 3.85 -41.30 8.02
N ALA G 34 3.93 -41.29 6.70
CA ALA G 34 2.83 -41.78 5.90
C ALA G 34 2.37 -43.21 6.19
N THR G 35 3.28 -44.09 6.60
CA THR G 35 2.88 -45.48 6.86
C THR G 35 1.82 -45.59 7.95
N ALA G 36 1.99 -44.88 9.06
CA ALA G 36 1.02 -44.89 10.13
C ALA G 36 -0.23 -44.15 9.65
N SER G 37 -0.03 -43.06 8.90
CA SER G 37 -1.14 -42.26 8.36
C SER G 37 -2.08 -43.10 7.51
N LEU G 38 -1.50 -43.85 6.59
CA LEU G 38 -2.29 -44.68 5.71
C LEU G 38 -2.97 -45.84 6.44
N GLU G 39 -2.32 -46.39 7.47
CA GLU G 39 -2.91 -47.48 8.21
C GLU G 39 -4.16 -46.91 8.90
N ALA G 40 -4.02 -45.73 9.48
CA ALA G 40 -5.16 -45.13 10.15
C ALA G 40 -6.27 -44.88 9.12
N ALA G 41 -5.91 -44.37 7.95
CA ALA G 41 -6.89 -44.09 6.91
C ALA G 41 -7.65 -45.35 6.45
N ARG G 42 -6.94 -46.45 6.29
CA ARG G 42 -7.56 -47.68 5.79
C ARG G 42 -8.55 -48.24 6.82
N SER G 43 -8.11 -48.22 8.07
CA SER G 43 -8.92 -48.71 9.18
C SER G 43 -10.14 -47.83 9.43
N LEU G 44 -9.97 -46.51 9.52
CA LEU G 44 -11.13 -45.66 9.75
C LEU G 44 -12.09 -45.84 8.60
N THR G 45 -11.55 -46.02 7.40
CA THR G 45 -12.44 -46.20 6.24
C THR G 45 -13.21 -47.53 6.32
N SER G 46 -12.55 -48.64 6.60
CA SER G 46 -13.28 -49.90 6.62
C SER G 46 -14.33 -49.91 7.71
N ASN G 47 -14.08 -49.19 8.81
CA ASN G 47 -15.01 -49.08 9.94
C ASN G 47 -15.92 -47.84 9.90
N ALA G 48 -15.96 -47.11 8.78
CA ALA G 48 -16.70 -45.85 8.74
C ALA G 48 -18.16 -45.93 9.19
N GLU G 49 -18.91 -46.89 8.64
CA GLU G 49 -20.34 -47.02 8.96
C GLU G 49 -20.52 -47.38 10.44
N ARG G 50 -19.69 -48.27 10.96
CA ARG G 50 -19.80 -48.55 12.39
C ARG G 50 -19.50 -47.28 13.26
N LEU G 51 -18.43 -46.56 12.93
CA LEU G 51 -18.06 -45.36 13.67
C LEU G 51 -19.13 -44.26 13.55
N ILE G 52 -19.64 -44.07 12.33
CA ILE G 52 -20.63 -43.04 12.10
C ILE G 52 -21.88 -43.41 12.90
N SER G 53 -22.24 -44.69 12.87
CA SER G 53 -23.41 -45.09 13.62
C SER G 53 -23.23 -44.88 15.12
N GLY G 54 -22.08 -45.32 15.61
CA GLY G 54 -21.78 -45.19 17.02
C GLY G 54 -21.65 -43.72 17.41
N ALA G 55 -21.11 -42.87 16.54
CA ALA G 55 -20.93 -41.46 16.90
C ALA G 55 -22.29 -40.76 16.91
N ALA G 56 -23.14 -41.07 15.93
CA ALA G 56 -24.48 -40.47 15.90
C ALA G 56 -25.22 -40.84 17.18
N GLN G 57 -25.17 -42.12 17.55
CA GLN G 57 -25.90 -42.50 18.76
C GLN G 57 -25.33 -41.88 20.02
N SER G 58 -24.00 -41.67 20.09
CA SER G 58 -23.46 -41.05 21.31
C SER G 58 -24.03 -39.63 21.39
N VAL G 59 -24.22 -38.96 20.24
CA VAL G 59 -24.75 -37.60 20.24
C VAL G 59 -26.22 -37.58 20.74
N TYR G 60 -27.08 -38.46 20.21
CA TYR G 60 -28.48 -38.47 20.66
C TYR G 60 -28.64 -38.80 22.14
N SER G 61 -27.75 -39.63 22.68
CA SER G 61 -27.81 -39.98 24.10
C SER G 61 -27.39 -38.82 24.95
N LYS G 62 -26.42 -38.04 24.48
CA LYS G 62 -25.93 -36.93 25.25
C LYS G 62 -26.79 -35.67 25.11
N PHE G 63 -27.40 -35.48 23.97
CA PHE G 63 -28.24 -34.30 23.75
C PHE G 63 -29.56 -34.91 23.26
N PRO G 64 -30.24 -35.65 24.13
CA PRO G 64 -31.51 -36.29 23.76
C PRO G 64 -32.55 -35.26 23.36
N TYR G 65 -32.32 -34.03 23.79
CA TYR G 65 -33.19 -32.91 23.49
C TYR G 65 -33.25 -32.67 21.98
N THR G 66 -32.18 -33.04 21.28
CA THR G 66 -32.11 -32.87 19.83
C THR G 66 -33.10 -33.83 19.20
N THR G 67 -33.05 -35.08 19.66
CA THR G 67 -33.97 -36.12 19.17
C THR G 67 -35.36 -35.81 19.76
N GLN G 68 -35.36 -35.01 20.84
CA GLN G 68 -36.59 -34.58 21.53
C GLN G 68 -37.25 -33.42 20.76
N MET G 69 -37.02 -32.18 21.21
CA MET G 69 -37.58 -30.98 20.56
C MET G 69 -37.52 -31.20 19.04
N GLN G 70 -38.57 -30.80 18.33
CA GLN G 70 -38.62 -31.00 16.89
C GLN G 70 -38.42 -29.76 16.00
N GLY G 71 -38.87 -29.89 14.75
CA GLY G 71 -38.72 -28.84 13.75
C GLY G 71 -37.89 -29.43 12.64
N PRO G 72 -37.16 -28.59 11.85
CA PRO G 72 -36.30 -29.07 10.75
C PRO G 72 -34.85 -29.24 11.21
N ASN G 73 -34.49 -28.39 12.16
CA ASN G 73 -33.16 -28.30 12.76
C ASN G 73 -32.89 -29.28 13.89
N TYR G 74 -33.57 -30.43 13.91
CA TYR G 74 -33.33 -31.38 15.01
C TYR G 74 -33.25 -32.88 14.75
N ALA G 75 -32.71 -33.58 15.74
CA ALA G 75 -32.57 -35.03 15.71
C ALA G 75 -33.94 -35.61 16.02
N ALA G 76 -34.91 -34.70 16.17
CA ALA G 76 -36.27 -35.12 16.45
C ALA G 76 -36.82 -35.81 15.21
N ASP G 77 -36.41 -35.31 14.04
CA ASP G 77 -36.91 -35.86 12.78
C ASP G 77 -35.96 -36.66 11.92
N ALA G 78 -36.55 -37.32 10.94
CA ALA G 78 -35.86 -38.18 10.02
C ALA G 78 -34.79 -37.52 9.18
N THR G 79 -35.10 -36.35 8.63
CA THR G 79 -34.17 -35.65 7.79
C THR G 79 -33.08 -35.11 8.72
N GLY G 80 -33.49 -34.71 9.92
CA GLY G 80 -32.52 -34.19 10.86
C GLY G 80 -31.44 -35.20 11.21
N LYS G 81 -31.86 -36.36 11.64
CA LYS G 81 -30.97 -37.44 11.99
C LYS G 81 -30.22 -37.92 10.77
N ALA G 82 -30.85 -37.92 9.60
CA ALA G 82 -30.16 -38.36 8.39
C ALA G 82 -29.01 -37.38 8.12
N LYS G 83 -29.31 -36.09 8.18
CA LYS G 83 -28.29 -35.06 7.97
C LYS G 83 -27.17 -35.11 9.01
N CYS G 84 -27.51 -35.46 10.26
CA CYS G 84 -26.55 -35.58 11.34
C CYS G 84 -25.54 -36.67 11.00
N ALA G 85 -26.02 -37.88 10.69
CA ALA G 85 -25.09 -38.98 10.35
C ALA G 85 -24.31 -38.60 9.13
N ARG G 86 -24.94 -37.92 8.21
CA ARG G 86 -24.24 -37.49 7.02
C ARG G 86 -23.11 -36.50 7.41
N ASP G 87 -23.40 -35.56 8.30
CA ASP G 87 -22.34 -34.60 8.66
C ASP G 87 -21.19 -35.35 9.35
N ILE G 88 -21.54 -36.26 10.26
CA ILE G 88 -20.55 -37.01 10.98
C ILE G 88 -19.70 -37.77 10.03
N GLY G 89 -20.35 -38.37 9.03
CA GLY G 89 -19.64 -39.08 7.98
C GLY G 89 -18.72 -38.08 7.24
N TYR G 90 -19.12 -36.83 7.08
CA TYR G 90 -18.24 -35.86 6.40
C TYR G 90 -16.98 -35.61 7.23
N TYR G 91 -17.14 -35.45 8.54
CA TYR G 91 -16.00 -35.24 9.39
C TYR G 91 -15.06 -36.40 9.31
N LEU G 92 -15.60 -37.63 9.29
CA LEU G 92 -14.75 -38.79 9.26
C LEU G 92 -13.97 -38.92 7.94
N ARG G 93 -14.68 -38.68 6.82
CA ARG G 93 -14.08 -38.74 5.50
C ARG G 93 -13.00 -37.66 5.38
N MET G 94 -13.23 -36.47 5.92
CA MET G 94 -12.20 -35.44 5.83
C MET G 94 -11.00 -35.89 6.64
N VAL G 95 -11.26 -36.49 7.80
CA VAL G 95 -10.16 -37.02 8.62
C VAL G 95 -9.30 -37.99 7.81
N THR G 96 -9.91 -38.91 7.06
CA THR G 96 -9.13 -39.85 6.27
C THR G 96 -8.41 -39.10 5.15
N TYR G 97 -8.98 -38.02 4.61
CA TYR G 97 -8.27 -37.25 3.54
C TYR G 97 -6.98 -36.59 4.12
N CYS G 98 -7.09 -35.99 5.31
CA CYS G 98 -5.96 -35.37 6.02
C CYS G 98 -4.89 -36.40 6.25
N LEU G 99 -5.30 -37.63 6.52
CA LEU G 99 -4.33 -38.69 6.78
C LEU G 99 -3.58 -39.07 5.50
N VAL G 100 -4.31 -39.13 4.40
CA VAL G 100 -3.78 -39.51 3.11
C VAL G 100 -2.79 -38.44 2.56
N VAL G 101 -3.09 -37.15 2.73
CA VAL G 101 -2.17 -36.11 2.20
C VAL G 101 -1.13 -35.61 3.18
N GLY G 102 -1.28 -36.02 4.44
CA GLY G 102 -0.34 -35.60 5.47
C GLY G 102 -0.53 -34.22 6.03
N ALA G 103 -1.73 -33.66 5.92
CA ALA G 103 -1.94 -32.32 6.48
C ALA G 103 -3.42 -32.05 6.68
N THR G 104 -3.73 -30.95 7.33
CA THR G 104 -5.13 -30.62 7.57
C THR G 104 -5.78 -29.94 6.35
N GLY G 105 -5.01 -29.71 5.28
CA GLY G 105 -5.57 -29.08 4.07
C GLY G 105 -7.01 -29.46 3.66
N PRO G 106 -7.29 -30.76 3.41
CA PRO G 106 -8.64 -31.17 3.00
C PRO G 106 -9.68 -30.71 4.02
N MET G 107 -9.43 -30.96 5.30
CA MET G 107 -10.46 -30.55 6.26
C MET G 107 -10.60 -29.02 6.32
N ASP G 108 -9.49 -28.28 6.19
CA ASP G 108 -9.54 -26.82 6.23
C ASP G 108 -10.39 -26.32 5.05
N GLU G 109 -10.11 -26.87 3.90
CA GLU G 109 -10.78 -26.43 2.69
C GLU G 109 -12.21 -26.88 2.51
N TYR G 110 -12.46 -28.17 2.73
CA TYR G 110 -13.79 -28.68 2.47
C TYR G 110 -14.75 -28.54 3.61
N LEU G 111 -14.26 -28.40 4.83
CA LEU G 111 -15.17 -28.30 5.98
C LEU G 111 -15.06 -27.10 6.93
N ILE G 112 -13.84 -26.76 7.33
CA ILE G 112 -13.65 -25.67 8.28
C ILE G 112 -13.87 -24.27 7.69
N ALA G 113 -13.50 -24.06 6.43
CA ALA G 113 -13.71 -22.72 5.85
C ALA G 113 -15.22 -22.60 5.71
N GLY G 114 -15.80 -21.58 6.35
CA GLY G 114 -17.23 -21.36 6.34
C GLY G 114 -18.04 -22.05 7.43
N LEU G 115 -17.36 -22.81 8.30
CA LEU G 115 -17.98 -23.61 9.33
C LEU G 115 -18.74 -22.79 10.40
N SER G 116 -18.15 -21.72 10.91
CA SER G 116 -18.90 -20.98 11.93
C SER G 116 -20.12 -20.32 11.34
N GLU G 117 -20.04 -19.86 10.11
CA GLU G 117 -21.19 -19.26 9.47
C GLU G 117 -22.32 -20.28 9.34
N ILE G 118 -21.97 -21.49 8.91
CA ILE G 118 -22.97 -22.52 8.72
C ILE G 118 -23.56 -22.96 10.04
N ASN G 119 -22.72 -23.12 11.05
CA ASN G 119 -23.23 -23.55 12.34
C ASN G 119 -24.12 -22.49 12.94
N ARG G 120 -23.75 -21.24 12.73
CA ARG G 120 -24.59 -20.16 13.24
C ARG G 120 -25.90 -20.05 12.43
N SER G 121 -25.81 -20.04 11.12
CA SER G 121 -27.03 -19.89 10.32
C SER G 121 -28.03 -21.00 10.53
N PHE G 122 -27.56 -22.23 10.55
CA PHE G 122 -28.47 -23.35 10.71
C PHE G 122 -28.66 -23.79 12.15
N GLU G 123 -28.16 -22.96 13.08
CA GLU G 123 -28.22 -23.23 14.52
C GLU G 123 -27.80 -24.66 14.88
N LEU G 124 -26.65 -25.05 14.41
CA LEU G 124 -26.11 -26.36 14.73
C LEU G 124 -25.10 -26.11 15.85
N SER G 125 -25.21 -26.88 16.93
CA SER G 125 -24.29 -26.70 18.04
C SER G 125 -22.94 -27.39 17.81
N PRO G 126 -21.83 -26.65 17.96
CA PRO G 126 -20.52 -27.26 17.76
C PRO G 126 -20.29 -28.38 18.76
N SER G 127 -20.97 -28.31 19.90
CA SER G 127 -20.84 -29.30 20.97
C SER G 127 -21.31 -30.67 20.51
N TRP G 128 -22.26 -30.71 19.58
CA TRP G 128 -22.79 -31.97 19.06
C TRP G 128 -21.67 -32.68 18.33
N TYR G 129 -21.00 -31.96 17.44
CA TYR G 129 -19.94 -32.56 16.66
C TYR G 129 -18.72 -32.94 17.48
N ILE G 130 -18.46 -32.19 18.55
CA ILE G 130 -17.37 -32.54 19.43
C ILE G 130 -17.70 -33.86 20.09
N GLU G 131 -18.97 -34.11 20.47
CA GLU G 131 -19.27 -35.40 21.10
C GLU G 131 -19.05 -36.50 20.08
N ALA G 132 -19.50 -36.28 18.84
CA ALA G 132 -19.28 -37.28 17.82
C ALA G 132 -17.78 -37.60 17.60
N LEU G 133 -16.96 -36.56 17.50
CA LEU G 133 -15.55 -36.77 17.28
C LEU G 133 -14.88 -37.47 18.50
N GLU G 134 -15.28 -37.11 19.72
CA GLU G 134 -14.68 -37.78 20.88
C GLU G 134 -15.06 -39.27 20.79
N TYR G 135 -16.31 -39.55 20.40
CA TYR G 135 -16.71 -40.97 20.28
C TYR G 135 -15.79 -41.73 19.30
N ILE G 136 -15.54 -41.16 18.13
CA ILE G 136 -14.71 -41.79 17.14
C ILE G 136 -13.32 -41.99 17.73
N LYS G 137 -12.76 -41.01 18.43
CA LYS G 137 -11.44 -41.20 19.06
C LYS G 137 -11.46 -42.38 20.02
N ASP G 138 -12.56 -42.49 20.77
CA ASP G 138 -12.71 -43.57 21.71
C ASP G 138 -13.05 -44.91 21.05
N SER G 139 -13.43 -44.93 19.78
CA SER G 139 -13.91 -46.20 19.20
C SER G 139 -13.20 -46.80 18.04
N HIS G 140 -12.21 -46.08 17.50
CA HIS G 140 -11.60 -46.61 16.30
C HIS G 140 -10.65 -47.78 16.59
N ALA G 141 -10.29 -47.93 17.85
CA ALA G 141 -9.44 -49.05 18.21
C ALA G 141 -8.07 -49.16 17.49
N LEU G 142 -7.53 -48.06 16.99
CA LEU G 142 -6.19 -48.14 16.35
C LEU G 142 -5.17 -48.15 17.46
N SER G 143 -3.94 -48.52 17.17
CA SER G 143 -2.94 -48.46 18.23
C SER G 143 -1.64 -47.87 17.66
N GLY G 144 -0.68 -47.61 18.52
CA GLY G 144 0.58 -47.06 18.04
C GLY G 144 0.45 -45.71 17.32
N GLN G 145 1.31 -45.47 16.34
CA GLN G 145 1.31 -44.19 15.65
C GLN G 145 0.11 -44.03 14.75
N ALA G 146 -0.49 -45.15 14.34
CA ALA G 146 -1.70 -45.04 13.52
C ALA G 146 -2.76 -44.32 14.35
N ALA G 147 -2.87 -44.67 15.62
CA ALA G 147 -3.83 -44.03 16.53
C ALA G 147 -3.51 -42.55 16.75
N ASN G 148 -2.22 -42.25 16.91
CA ASN G 148 -1.75 -40.90 17.12
C ASN G 148 -2.15 -40.07 15.86
N GLU G 149 -1.92 -40.60 14.66
CA GLU G 149 -2.25 -39.85 13.47
C GLU G 149 -3.71 -39.56 13.45
N ALA G 150 -4.50 -40.62 13.59
CA ALA G 150 -5.96 -40.44 13.59
C ALA G 150 -6.39 -39.42 14.62
N ASN G 151 -5.97 -39.61 15.88
CA ASN G 151 -6.38 -38.70 16.92
C ASN G 151 -5.94 -37.28 16.73
N THR G 152 -4.80 -37.04 16.11
CA THR G 152 -4.35 -35.67 15.92
C THR G 152 -5.28 -34.90 15.00
N TYR G 153 -5.74 -35.59 13.94
CA TYR G 153 -6.63 -34.91 13.04
C TYR G 153 -8.02 -34.80 13.65
N LEU G 154 -8.44 -35.82 14.40
CA LEU G 154 -9.73 -35.75 15.10
C LEU G 154 -9.66 -34.61 16.14
N ASP G 155 -8.56 -34.51 16.90
CA ASP G 155 -8.43 -33.39 17.81
C ASP G 155 -8.34 -32.04 17.09
N TYR G 156 -7.78 -32.03 15.88
CA TYR G 156 -7.73 -30.76 15.13
C TYR G 156 -9.19 -30.30 14.84
N ALA G 157 -10.07 -31.24 14.53
CA ALA G 157 -11.46 -30.86 14.25
C ALA G 157 -12.17 -30.37 15.52
N ILE G 158 -11.87 -30.97 16.67
CA ILE G 158 -12.53 -30.57 17.91
C ILE G 158 -12.11 -29.15 18.24
N ASN G 159 -10.83 -28.85 18.03
CA ASN G 159 -10.32 -27.51 18.25
C ASN G 159 -10.91 -26.50 17.27
N ALA G 160 -11.17 -26.89 16.04
CA ALA G 160 -11.81 -25.94 15.13
C ALA G 160 -13.23 -25.61 15.63
N LEU G 161 -13.85 -26.57 16.35
CA LEU G 161 -15.19 -26.40 16.90
C LEU G 161 -15.25 -25.77 18.29
N SER G 162 -14.09 -25.53 18.90
CA SER G 162 -14.10 -24.95 20.24
C SER G 162 -13.10 -23.79 20.44
N MET H 1 -2.62 -25.48 -5.77
CA MET H 1 -1.98 -26.55 -6.57
C MET H 1 -2.22 -27.92 -5.89
N LEU H 2 -2.04 -28.99 -6.61
CA LEU H 2 -2.23 -30.31 -6.04
C LEU H 2 -1.00 -31.18 -6.19
N ASP H 3 -0.72 -32.02 -5.19
CA ASP H 3 0.32 -33.03 -5.40
C ASP H 3 -0.46 -34.32 -5.79
N ALA H 4 0.20 -35.45 -6.05
CA ALA H 4 -0.56 -36.62 -6.45
C ALA H 4 -1.57 -37.08 -5.41
N PHE H 5 -1.25 -36.93 -4.13
CA PHE H 5 -2.16 -37.33 -3.05
C PHE H 5 -3.40 -36.47 -3.03
N ALA H 6 -3.18 -35.16 -2.99
CA ALA H 6 -4.27 -34.23 -2.98
C ALA H 6 -5.16 -34.43 -4.20
N LYS H 7 -4.55 -34.80 -5.32
CA LYS H 7 -5.39 -34.96 -6.51
C LYS H 7 -6.41 -36.10 -6.36
N VAL H 8 -6.00 -37.19 -5.74
CA VAL H 8 -6.88 -38.35 -5.57
C VAL H 8 -7.98 -37.94 -4.58
N VAL H 9 -7.57 -37.23 -3.54
CA VAL H 9 -8.52 -36.73 -2.56
C VAL H 9 -9.57 -35.79 -3.14
N ALA H 10 -9.15 -34.86 -4.01
CA ALA H 10 -10.05 -33.90 -4.58
C ALA H 10 -11.06 -34.64 -5.49
N GLN H 11 -10.59 -35.65 -6.20
CA GLN H 11 -11.46 -36.44 -7.10
C GLN H 11 -12.42 -37.25 -6.21
N ALA H 12 -11.90 -37.81 -5.14
CA ALA H 12 -12.77 -38.57 -4.23
C ALA H 12 -13.87 -37.72 -3.54
N ASP H 13 -13.51 -36.52 -3.09
CA ASP H 13 -14.42 -35.66 -2.40
C ASP H 13 -15.57 -35.22 -3.27
N ALA H 14 -15.25 -34.93 -4.52
CA ALA H 14 -16.31 -34.50 -5.42
C ALA H 14 -17.34 -35.61 -5.60
N ARG H 15 -16.97 -36.86 -5.35
CA ARG H 15 -17.92 -37.97 -5.49
C ARG H 15 -18.42 -38.39 -4.11
N GLY H 16 -17.95 -37.71 -3.07
CA GLY H 16 -18.34 -38.02 -1.70
C GLY H 16 -17.82 -39.38 -1.23
N GLU H 17 -16.66 -39.79 -1.73
CA GLU H 17 -16.13 -41.10 -1.41
C GLU H 17 -14.88 -41.13 -0.60
N PHE H 18 -14.73 -42.21 0.15
CA PHE H 18 -13.51 -42.49 0.92
C PHE H 18 -12.61 -43.08 -0.16
N LEU H 19 -11.29 -42.94 -0.06
CA LEU H 19 -10.48 -43.56 -1.06
C LEU H 19 -10.65 -45.07 -0.96
N SER H 20 -10.50 -45.79 -2.06
CA SER H 20 -10.62 -47.24 -2.02
C SER H 20 -9.29 -47.88 -1.55
N ASN H 21 -9.35 -49.13 -1.12
CA ASN H 21 -8.15 -49.83 -0.66
C ASN H 21 -7.15 -49.87 -1.81
N THR H 22 -7.68 -49.89 -3.02
CA THR H 22 -6.86 -49.90 -4.21
C THR H 22 -6.13 -48.57 -4.38
N GLN H 23 -6.85 -47.46 -4.17
CA GLN H 23 -6.25 -46.17 -4.28
C GLN H 23 -5.22 -45.99 -3.15
N LEU H 24 -5.55 -46.46 -1.94
CA LEU H 24 -4.63 -46.36 -0.81
C LEU H 24 -3.36 -47.14 -1.12
N ASP H 25 -3.50 -48.23 -1.85
CA ASP H 25 -2.33 -49.04 -2.22
C ASP H 25 -1.45 -48.28 -3.24
N ALA H 26 -2.08 -47.56 -4.14
CA ALA H 26 -1.32 -46.87 -5.15
C ALA H 26 -0.57 -45.73 -4.45
N LEU H 27 -1.17 -45.13 -3.43
CA LEU H 27 -0.47 -44.08 -2.72
C LEU H 27 0.69 -44.69 -1.89
N ALA H 28 0.48 -45.85 -1.23
CA ALA H 28 1.60 -46.50 -0.52
C ALA H 28 2.77 -46.71 -1.49
N ASN H 29 2.47 -47.09 -2.73
CA ASN H 29 3.54 -47.31 -3.72
C ASN H 29 4.29 -46.03 -3.95
N MET H 30 3.57 -44.93 -4.09
CA MET H 30 4.26 -43.65 -4.25
C MET H 30 5.08 -43.31 -3.04
N ILE H 31 4.62 -43.68 -1.84
CA ILE H 31 5.41 -43.37 -0.65
C ILE H 31 6.72 -44.22 -0.72
N ALA H 32 6.60 -45.44 -1.19
CA ALA H 32 7.74 -46.33 -1.27
C ALA H 32 8.78 -45.80 -2.26
N GLU H 33 8.31 -45.06 -3.28
CA GLU H 33 9.21 -44.51 -4.29
C GLU H 33 9.71 -43.11 -3.94
N GLY H 34 9.31 -42.65 -2.77
CA GLY H 34 9.67 -41.31 -2.29
C GLY H 34 11.15 -40.99 -2.23
N ASN H 35 11.99 -41.86 -1.68
CA ASN H 35 13.42 -41.54 -1.59
C ASN H 35 14.03 -41.31 -2.95
N LYS H 36 13.66 -42.18 -3.90
CA LYS H 36 14.11 -42.11 -5.27
C LYS H 36 13.63 -40.83 -5.96
N ARG H 37 12.39 -40.42 -5.70
CA ARG H 37 11.85 -39.22 -6.29
C ARG H 37 12.63 -38.07 -5.69
N LEU H 38 12.95 -38.16 -4.38
CA LEU H 38 13.73 -37.09 -3.77
C LEU H 38 15.17 -37.03 -4.37
N ASP H 39 15.76 -38.19 -4.67
CA ASP H 39 17.10 -38.18 -5.29
C ASP H 39 17.04 -37.45 -6.63
N ILE H 40 15.99 -37.68 -7.39
CA ILE H 40 15.88 -37.04 -8.65
C ILE H 40 15.78 -35.54 -8.55
N VAL H 41 14.91 -35.07 -7.69
CA VAL H 41 14.80 -33.66 -7.50
C VAL H 41 16.14 -33.06 -6.96
N ASN H 42 16.79 -33.76 -6.03
CA ASN H 42 18.05 -33.25 -5.47
C ASN H 42 19.09 -33.15 -6.59
N ARG H 43 19.08 -34.09 -7.53
CA ARG H 43 20.03 -34.03 -8.65
C ARG H 43 19.78 -32.79 -9.51
N ILE H 44 18.51 -32.46 -9.71
CA ILE H 44 18.17 -31.28 -10.47
C ILE H 44 18.60 -30.03 -9.70
N ASN H 45 18.24 -29.93 -8.42
CA ASN H 45 18.64 -28.74 -7.66
C ASN H 45 20.17 -28.58 -7.55
N SER H 46 20.87 -29.68 -7.40
CA SER H 46 22.30 -29.67 -7.20
C SER H 46 23.08 -29.31 -8.45
N ASN H 47 22.41 -29.42 -9.60
CA ASN H 47 23.02 -29.17 -10.87
C ASN H 47 22.27 -28.12 -11.63
N ALA H 48 21.48 -27.33 -10.92
CA ALA H 48 20.67 -26.37 -11.62
C ALA H 48 21.42 -25.37 -12.53
N SER H 49 22.46 -24.73 -12.01
CA SER H 49 23.24 -23.79 -12.80
C SER H 49 23.83 -24.39 -14.05
N ALA H 50 24.33 -25.61 -13.95
CA ALA H 50 24.92 -26.30 -15.10
C ALA H 50 23.85 -26.70 -16.11
N ILE H 51 22.76 -27.25 -15.62
CA ILE H 51 21.69 -27.68 -16.53
C ILE H 51 21.22 -26.46 -17.34
N VAL H 52 21.01 -25.35 -16.65
CA VAL H 52 20.61 -24.16 -17.39
C VAL H 52 21.74 -23.57 -18.29
N SER H 53 22.89 -23.21 -17.71
CA SER H 53 23.90 -22.56 -18.57
C SER H 53 24.44 -23.41 -19.70
N ASN H 54 24.68 -24.70 -19.47
CA ASN H 54 25.19 -25.54 -20.55
C ASN H 54 24.14 -25.69 -21.61
N SER H 55 22.88 -25.81 -21.22
CA SER H 55 21.87 -25.91 -22.27
C SER H 55 21.75 -24.61 -23.02
N ALA H 56 21.86 -23.44 -22.34
CA ALA H 56 21.76 -22.18 -23.10
C ALA H 56 22.98 -22.04 -24.02
N ARG H 57 24.14 -22.39 -23.50
CA ARG H 57 25.37 -22.25 -24.31
C ARG H 57 25.24 -23.04 -25.62
N ALA H 58 24.71 -24.25 -25.48
CA ALA H 58 24.46 -25.12 -26.65
C ALA H 58 23.39 -24.48 -27.56
N LEU H 59 22.35 -23.91 -26.97
CA LEU H 59 21.36 -23.29 -27.84
C LEU H 59 21.91 -22.10 -28.64
N PHE H 60 22.66 -21.22 -28.00
CA PHE H 60 23.17 -20.06 -28.73
C PHE H 60 24.24 -20.44 -29.75
N ALA H 61 24.91 -21.55 -29.50
CA ALA H 61 25.91 -22.07 -30.45
C ALA H 61 25.15 -22.65 -31.65
N GLU H 62 23.97 -23.25 -31.40
CA GLU H 62 23.23 -23.78 -32.56
C GLU H 62 22.39 -22.71 -33.24
N GLN H 63 22.06 -21.64 -32.52
CA GLN H 63 21.20 -20.60 -33.07
C GLN H 63 21.84 -19.25 -32.76
N PRO H 64 22.96 -18.93 -33.43
CA PRO H 64 23.66 -17.68 -33.18
C PRO H 64 22.87 -16.41 -33.48
N GLN H 65 21.86 -16.50 -34.34
CA GLN H 65 21.08 -15.33 -34.61
C GLN H 65 20.36 -14.82 -33.35
N LEU H 66 20.16 -15.68 -32.32
CA LEU H 66 19.47 -15.21 -31.11
C LEU H 66 20.28 -14.18 -30.38
N ILE H 67 21.61 -14.32 -30.39
CA ILE H 67 22.40 -13.35 -29.67
C ILE H 67 22.99 -12.21 -30.48
N GLN H 68 22.94 -12.27 -31.82
CA GLN H 68 23.45 -11.11 -32.51
C GLN H 68 22.49 -9.91 -32.36
N PRO H 69 23.01 -8.69 -32.58
CA PRO H 69 22.18 -7.48 -32.46
C PRO H 69 20.87 -7.71 -33.18
N GLY H 70 19.78 -7.35 -32.53
CA GLY H 70 18.49 -7.57 -33.11
C GLY H 70 17.92 -8.94 -32.82
N GLY H 71 18.70 -9.84 -32.22
CA GLY H 71 18.19 -11.15 -31.89
C GLY H 71 17.43 -11.05 -30.56
N MEN H 72 16.54 -12.00 -30.29
CA MEN H 72 15.78 -11.89 -29.06
C MEN H 72 16.63 -12.07 -27.81
O MEN H 72 16.17 -11.69 -26.74
CB MEN H 72 14.58 -12.89 -29.05
CG MEN H 72 13.49 -12.48 -28.06
OD1 MEN H 72 13.20 -13.17 -27.09
ND2 MEN H 72 12.95 -11.28 -28.25
CE2 MEN H 72 12.15 -10.65 -27.17
N ALA H 73 17.85 -12.65 -27.90
CA ALA H 73 18.65 -12.77 -26.68
C ALA H 73 19.83 -11.83 -26.62
N TYR H 74 19.83 -10.79 -27.46
CA TYR H 74 20.89 -9.78 -27.50
C TYR H 74 20.59 -8.72 -26.45
N THR H 75 21.66 -8.27 -25.80
CA THR H 75 21.74 -7.30 -24.65
C THR H 75 21.67 -8.23 -23.44
N ASN H 76 22.35 -7.83 -22.36
CA ASN H 76 22.39 -8.63 -21.17
C ASN H 76 21.05 -8.74 -20.47
N ARG H 77 20.18 -7.72 -20.62
CA ARG H 77 18.84 -7.73 -20.03
C ARG H 77 18.05 -8.89 -20.67
N ARG H 78 18.11 -9.01 -21.99
CA ARG H 78 17.42 -10.08 -22.65
C ARG H 78 18.12 -11.40 -22.42
N MET H 79 19.46 -11.42 -22.46
CA MET H 79 20.13 -12.69 -22.21
C MET H 79 19.72 -13.14 -20.80
N ALA H 80 19.71 -12.22 -19.85
CA ALA H 80 19.38 -12.57 -18.48
C ALA H 80 17.99 -13.12 -18.34
N ALA H 81 17.03 -12.52 -19.06
CA ALA H 81 15.67 -12.97 -19.05
C ALA H 81 15.54 -14.37 -19.64
N CYS H 82 16.33 -14.66 -20.69
CA CYS H 82 16.29 -15.96 -21.32
C CYS H 82 16.83 -17.01 -20.31
N LEU H 83 17.98 -16.72 -19.67
CA LEU H 83 18.47 -17.67 -18.69
C LEU H 83 17.42 -17.84 -17.59
N ARG H 84 16.80 -16.73 -17.19
CA ARG H 84 15.79 -16.79 -16.13
C ARG H 84 14.61 -17.69 -16.56
N ASP H 85 14.13 -17.57 -17.80
CA ASP H 85 13.04 -18.42 -18.22
C ASP H 85 13.43 -19.88 -18.18
N MET H 86 14.66 -20.17 -18.55
CA MET H 86 15.10 -21.54 -18.54
C MET H 86 15.13 -22.02 -17.11
N GLU H 87 15.59 -21.18 -16.20
CA GLU H 87 15.62 -21.61 -14.83
C GLU H 87 14.20 -21.79 -14.29
N ILE H 88 13.28 -20.90 -14.67
CA ILE H 88 11.89 -20.98 -14.21
C ILE H 88 11.28 -22.32 -14.66
N VAL H 89 11.50 -22.70 -15.91
CA VAL H 89 10.95 -23.93 -16.44
C VAL H 89 11.51 -25.10 -15.68
N LEU H 90 12.83 -25.05 -15.45
CA LEU H 90 13.46 -26.12 -14.72
C LEU H 90 12.92 -26.22 -13.28
N ARG H 91 12.69 -25.08 -12.62
CA ARG H 91 12.13 -25.08 -11.27
C ARG H 91 10.72 -25.70 -11.28
N TYR H 92 9.87 -25.25 -12.20
CA TYR H 92 8.51 -25.77 -12.26
C TYR H 92 8.45 -27.26 -12.59
N VAL H 93 9.34 -27.74 -13.45
CA VAL H 93 9.43 -29.17 -13.75
C VAL H 93 9.83 -29.90 -12.47
N SER H 94 10.81 -29.34 -11.75
CA SER H 94 11.23 -29.97 -10.55
C SER H 94 10.08 -29.94 -9.50
N TYR H 95 9.25 -28.89 -9.49
CA TYR H 95 8.11 -28.89 -8.57
C TYR H 95 7.16 -29.99 -9.02
N ALA H 96 6.93 -30.14 -10.32
CA ALA H 96 6.01 -31.17 -10.79
C ALA H 96 6.50 -32.54 -10.39
N GLU H 97 7.81 -32.75 -10.49
CA GLU H 97 8.40 -34.02 -10.10
C GLU H 97 8.26 -34.30 -8.62
N ILE H 98 8.46 -33.34 -7.73
CA ILE H 98 8.33 -33.70 -6.32
C ILE H 98 6.86 -33.88 -5.97
N ALA H 99 5.98 -33.17 -6.68
CA ALA H 99 4.53 -33.30 -6.42
C ALA H 99 3.92 -34.55 -6.99
N GLY H 100 4.60 -35.13 -8.01
CA GLY H 100 4.13 -36.31 -8.70
C GLY H 100 2.87 -35.93 -9.47
N ASP H 101 2.74 -34.66 -9.83
CA ASP H 101 1.56 -34.14 -10.58
C ASP H 101 1.98 -32.89 -11.38
N SER H 102 1.55 -32.77 -12.62
CA SER H 102 1.95 -31.61 -13.42
C SER H 102 1.16 -30.34 -13.16
N SER H 103 0.21 -30.37 -12.24
CA SER H 103 -0.63 -29.20 -11.99
C SER H 103 0.06 -27.86 -11.75
N VAL H 104 1.00 -27.82 -10.81
CA VAL H 104 1.72 -26.58 -10.53
C VAL H 104 2.42 -26.05 -11.80
N LEU H 105 2.93 -26.97 -12.62
CA LEU H 105 3.66 -26.64 -13.85
C LEU H 105 2.73 -26.02 -14.85
N ASP H 106 1.60 -26.70 -15.05
CA ASP H 106 0.60 -26.27 -16.01
C ASP H 106 -0.04 -24.94 -15.63
N ASP H 107 -0.44 -24.79 -14.38
CA ASP H 107 -1.13 -23.58 -13.96
C ASP H 107 -0.31 -22.36 -13.67
N ARG H 108 0.78 -22.51 -12.93
CA ARG H 108 1.57 -21.36 -12.60
C ARG H 108 2.57 -21.03 -13.69
N CYS H 109 2.89 -22.01 -14.53
CA CYS H 109 3.93 -21.74 -15.50
C CYS H 109 3.64 -21.86 -16.99
N LEU H 110 3.01 -22.94 -17.42
CA LEU H 110 2.77 -23.08 -18.83
C LEU H 110 1.52 -22.38 -19.38
N ASN H 111 0.53 -22.13 -18.51
CA ASN H 111 -0.72 -21.51 -18.94
C ASN H 111 -0.46 -20.14 -19.56
N GLY H 112 -0.73 -20.02 -20.85
CA GLY H 112 -0.54 -18.75 -21.55
C GLY H 112 0.88 -18.41 -22.03
N LEU H 113 1.85 -19.22 -21.67
CA LEU H 113 3.23 -18.94 -22.05
C LEU H 113 3.38 -18.81 -23.58
N ARG H 114 2.73 -19.70 -24.33
CA ARG H 114 2.81 -19.66 -25.77
C ARG H 114 2.37 -18.30 -26.31
N GLU H 115 1.35 -17.72 -25.69
CA GLU H 115 0.80 -16.43 -26.12
C GLU H 115 1.81 -15.34 -25.74
N THR H 116 2.37 -15.47 -24.54
CA THR H 116 3.37 -14.52 -24.06
C THR H 116 4.56 -14.41 -25.03
N TYR H 117 5.08 -15.55 -25.45
CA TYR H 117 6.23 -15.52 -26.34
C TYR H 117 5.90 -14.97 -27.71
N GLN H 118 4.73 -15.31 -28.22
CA GLN H 118 4.30 -14.78 -29.51
C GLN H 118 4.20 -13.25 -29.40
N ALA H 119 3.61 -12.75 -28.31
CA ALA H 119 3.51 -11.29 -28.16
C ALA H 119 4.89 -10.63 -28.00
N LEU H 120 5.85 -11.34 -27.41
CA LEU H 120 7.15 -10.73 -27.20
C LEU H 120 7.98 -10.76 -28.44
N GLY H 121 7.74 -11.74 -29.30
CA GLY H 121 8.59 -11.89 -30.46
C GLY H 121 9.71 -12.85 -30.08
N THR H 122 9.52 -13.60 -28.99
CA THR H 122 10.51 -14.60 -28.59
C THR H 122 10.15 -15.85 -29.41
N PRO H 123 11.11 -16.44 -30.15
CA PRO H 123 10.83 -17.64 -30.95
C PRO H 123 10.57 -18.85 -30.05
N GLY H 124 9.33 -19.28 -30.01
CA GLY H 124 8.97 -20.40 -29.18
C GLY H 124 9.64 -21.70 -29.51
N SER H 125 9.94 -21.92 -30.80
CA SER H 125 10.60 -23.14 -31.15
C SER H 125 12.01 -23.12 -30.53
N SER H 126 12.63 -21.96 -30.39
CA SER H 126 13.97 -21.93 -29.75
C SER H 126 13.88 -22.23 -28.25
N VAL H 127 12.82 -21.74 -27.63
CA VAL H 127 12.65 -22.01 -26.22
C VAL H 127 12.43 -23.51 -26.06
N ALA H 128 11.74 -24.15 -26.99
CA ALA H 128 11.49 -25.60 -26.87
C ALA H 128 12.81 -26.37 -26.94
N VAL H 129 13.72 -25.89 -27.79
CA VAL H 129 15.02 -26.54 -27.94
C VAL H 129 15.73 -26.39 -26.59
N ALA H 130 15.64 -25.20 -26.00
CA ALA H 130 16.28 -24.96 -24.70
C ALA H 130 15.77 -25.97 -23.68
N ILE H 131 14.44 -26.14 -23.65
CA ILE H 131 13.81 -27.08 -22.73
C ILE H 131 14.21 -28.53 -23.02
N GLU H 132 14.30 -28.92 -24.29
CA GLU H 132 14.73 -30.29 -24.63
C GLU H 132 16.17 -30.52 -24.17
N LYS H 133 17.02 -29.50 -24.26
CA LYS H 133 18.39 -29.67 -23.78
C LYS H 133 18.41 -29.79 -22.27
N MET H 134 17.55 -29.04 -21.57
CA MET H 134 17.56 -29.18 -20.12
C MET H 134 17.03 -30.58 -19.76
N LYS H 135 16.03 -31.05 -20.49
CA LYS H 135 15.51 -32.38 -20.20
C LYS H 135 16.60 -33.44 -20.35
N GLU H 136 17.33 -33.39 -21.47
CA GLU H 136 18.41 -34.36 -21.72
C GLU H 136 19.44 -34.33 -20.64
N ALA H 137 19.82 -33.15 -20.21
CA ALA H 137 20.84 -33.06 -19.19
C ALA H 137 20.28 -33.65 -17.86
N SER H 138 19.01 -33.39 -17.63
CA SER H 138 18.42 -33.82 -16.37
C SER H 138 18.19 -35.31 -16.29
N VAL H 139 17.67 -35.88 -17.36
CA VAL H 139 17.39 -37.29 -17.40
C VAL H 139 18.71 -38.03 -17.32
N SER H 140 19.75 -37.46 -17.90
CA SER H 140 21.06 -38.10 -17.84
C SER H 140 21.56 -38.11 -16.42
N ASP H 141 21.37 -36.99 -15.70
CA ASP H 141 21.78 -36.95 -14.29
C ASP H 141 20.90 -37.93 -13.51
N ALA H 142 19.62 -37.98 -13.81
CA ALA H 142 18.74 -38.86 -13.05
C ALA H 142 19.11 -40.34 -13.22
N ASN H 143 19.64 -40.67 -14.39
CA ASN H 143 20.00 -42.04 -14.67
C ASN H 143 21.38 -42.42 -14.15
N ASP H 144 22.11 -41.44 -13.60
CA ASP H 144 23.46 -41.70 -13.09
C ASP H 144 23.38 -42.23 -11.66
N SER H 145 23.91 -43.43 -11.41
CA SER H 145 23.84 -44.00 -10.06
C SER H 145 24.84 -43.44 -9.05
N SER H 146 25.87 -42.76 -9.53
CA SER H 146 26.84 -42.19 -8.62
C SER H 146 26.07 -41.37 -7.54
N GLY H 147 26.30 -41.71 -6.28
CA GLY H 147 25.62 -40.99 -5.19
C GLY H 147 24.39 -41.70 -4.60
N THR H 148 23.77 -42.61 -5.36
CA THR H 148 22.62 -43.35 -4.85
C THR H 148 22.89 -44.86 -4.89
N PRO H 149 22.13 -45.64 -4.11
CA PRO H 149 22.22 -47.11 -4.06
C PRO H 149 21.71 -47.50 -5.44
N SER H 150 22.35 -48.49 -6.10
CA SER H 150 21.90 -48.87 -7.43
C SER H 150 20.49 -49.44 -7.40
N GLY H 151 19.71 -49.08 -8.40
CA GLY H 151 18.34 -49.57 -8.44
C GLY H 151 17.65 -49.06 -9.68
N ASP H 152 16.44 -49.49 -9.89
CA ASP H 152 15.71 -49.07 -11.06
C ASP H 152 14.83 -47.84 -10.85
N CYS H 153 15.11 -46.82 -11.63
CA CYS H 153 14.37 -45.58 -11.51
C CYS H 153 13.67 -45.26 -12.81
N SER H 154 13.58 -46.24 -13.70
CA SER H 154 12.97 -46.03 -15.02
C SER H 154 11.56 -45.39 -15.00
N SER H 155 10.71 -45.75 -14.04
CA SER H 155 9.40 -45.11 -13.96
C SER H 155 9.54 -43.59 -13.71
N LEU H 156 10.30 -43.25 -12.68
CA LEU H 156 10.55 -41.86 -12.28
C LEU H 156 11.22 -41.02 -13.39
N SER H 157 12.17 -41.63 -14.09
CA SER H 157 12.88 -40.90 -15.14
C SER H 157 11.96 -40.69 -16.29
N ALA H 158 11.11 -41.68 -16.57
CA ALA H 158 10.17 -41.52 -17.66
C ALA H 158 9.21 -40.39 -17.29
N GLU H 159 8.72 -40.42 -16.05
CA GLU H 159 7.77 -39.41 -15.56
C GLU H 159 8.41 -37.99 -15.65
N LEU H 160 9.69 -37.88 -15.30
CA LEU H 160 10.38 -36.60 -15.34
C LEU H 160 10.38 -36.15 -16.79
N GLY H 161 10.67 -37.06 -17.72
CA GLY H 161 10.66 -36.70 -19.14
C GLY H 161 9.33 -36.16 -19.66
N THR H 162 8.22 -36.70 -19.16
CA THR H 162 6.88 -36.24 -19.55
C THR H 162 6.69 -34.78 -19.08
N TYR H 163 7.17 -34.43 -17.88
CA TYR H 163 7.03 -33.04 -17.48
C TYR H 163 7.81 -32.08 -18.39
N PHE H 164 9.03 -32.42 -18.75
CA PHE H 164 9.78 -31.52 -19.62
C PHE H 164 9.04 -31.44 -20.93
N ASP H 165 8.53 -32.57 -21.41
CA ASP H 165 7.82 -32.53 -22.69
C ASP H 165 6.60 -31.64 -22.68
N ARG H 166 5.88 -31.62 -21.55
CA ARG H 166 4.68 -30.78 -21.40
C ARG H 166 5.15 -29.33 -21.55
N ALA H 167 6.32 -29.03 -21.00
CA ALA H 167 6.81 -27.65 -21.12
C ALA H 167 7.20 -27.35 -22.55
N ALA H 168 7.91 -28.27 -23.22
CA ALA H 168 8.36 -28.01 -24.58
C ALA H 168 7.21 -27.77 -25.57
N SER H 169 6.08 -28.48 -25.36
CA SER H 169 4.90 -28.33 -26.21
C SER H 169 4.20 -27.03 -25.98
N ALA H 170 4.03 -26.67 -24.70
CA ALA H 170 3.35 -25.43 -24.30
C ALA H 170 3.99 -24.14 -24.78
N VAL H 171 5.30 -24.09 -24.94
CA VAL H 171 5.88 -22.81 -25.38
C VAL H 171 5.73 -22.58 -26.87
N SER H 172 5.30 -23.60 -27.59
CA SER H 172 5.14 -23.49 -29.03
C SER H 172 3.66 -23.60 -29.50
N MET I 1 14.35 5.16 -22.47
CA MET I 1 15.78 5.44 -22.13
C MET I 1 15.97 6.76 -21.37
N LYS I 2 16.82 6.74 -20.33
CA LYS I 2 17.10 7.89 -19.50
C LYS I 2 18.23 8.75 -20.08
N THR I 3 17.91 10.01 -20.38
CA THR I 3 18.90 10.97 -20.91
C THR I 3 18.52 12.21 -20.15
N PRO I 4 19.33 13.27 -20.23
CA PRO I 4 19.04 14.52 -19.52
C PRO I 4 17.69 15.09 -19.90
N ILE I 5 17.32 14.93 -21.16
CA ILE I 5 16.03 15.46 -21.60
C ILE I 5 14.83 14.60 -21.14
N THR I 6 14.93 13.29 -21.24
CA THR I 6 13.79 12.46 -20.85
C THR I 6 13.62 12.50 -19.37
N GLU I 7 14.73 12.69 -18.67
CA GLU I 7 14.66 12.82 -17.21
C GLU I 7 13.96 14.15 -16.81
N ALA I 8 14.25 15.26 -17.50
CA ALA I 8 13.58 16.54 -17.19
C ALA I 8 12.08 16.33 -17.51
N ILE I 9 11.80 15.71 -18.64
CA ILE I 9 10.42 15.47 -19.00
C ILE I 9 9.74 14.55 -17.96
N ALA I 10 10.38 13.43 -17.58
CA ALA I 10 9.74 12.58 -16.59
C ALA I 10 9.50 13.36 -15.29
N SER I 11 10.43 14.23 -14.90
CA SER I 11 10.17 14.95 -13.68
C SER I 11 8.98 15.86 -13.78
N ALA I 12 8.87 16.64 -14.87
CA ALA I 12 7.72 17.56 -15.01
C ALA I 12 6.40 16.77 -15.08
N ASP I 13 6.39 15.71 -15.87
CA ASP I 13 5.21 14.89 -16.02
C ASP I 13 4.76 14.29 -14.67
N SER I 14 5.72 13.84 -13.85
CA SER I 14 5.35 13.25 -12.57
C SER I 14 4.70 14.29 -11.67
N GLN I 15 4.86 15.57 -12.00
CA GLN I 15 4.20 16.57 -11.20
C GLN I 15 3.08 17.26 -11.97
N GLY I 16 2.67 16.66 -13.11
CA GLY I 16 1.59 17.17 -13.94
C GLY I 16 1.79 18.60 -14.37
N ARG I 17 3.03 18.95 -14.69
CA ARG I 17 3.30 20.35 -15.00
C ARG I 17 4.17 20.55 -16.23
N PHE I 18 4.21 21.79 -16.69
CA PHE I 18 5.07 22.09 -17.84
C PHE I 18 6.47 22.18 -17.26
N LEU I 19 7.45 21.99 -18.13
CA LEU I 19 8.84 22.13 -17.72
C LEU I 19 8.93 23.59 -17.34
N SER I 20 9.86 23.88 -16.44
CA SER I 20 10.07 25.27 -16.06
C SER I 20 11.50 25.67 -16.42
N ASN I 21 11.83 26.92 -16.13
CA ASN I 21 13.12 27.43 -16.54
C ASN I 21 14.34 26.63 -16.12
N GLY I 22 14.33 26.14 -14.89
CA GLY I 22 15.42 25.35 -14.37
C GLY I 22 15.65 24.15 -15.26
N GLU I 23 14.56 23.51 -15.70
CA GLU I 23 14.70 22.38 -16.59
C GLU I 23 15.23 22.71 -17.96
N LEU I 24 14.84 23.85 -18.54
CA LEU I 24 15.32 24.21 -19.89
C LEU I 24 16.82 24.52 -19.75
N GLN I 25 17.15 25.19 -18.65
CA GLN I 25 18.52 25.55 -18.33
C GLN I 25 19.34 24.23 -18.18
N SER I 26 18.77 23.20 -17.56
CA SER I 26 19.50 21.93 -17.46
C SER I 26 19.73 21.30 -18.81
N ILE I 27 18.71 21.37 -19.66
CA ILE I 27 18.86 20.79 -20.96
C ILE I 27 19.90 21.57 -21.77
N ASN I 28 19.92 22.90 -21.61
CA ASN I 28 20.93 23.62 -22.38
C ASN I 28 22.34 23.23 -21.88
N GLY I 29 22.43 22.80 -20.63
CA GLY I 29 23.70 22.34 -20.08
C GLY I 29 24.18 21.11 -20.82
N ARG I 30 23.20 20.30 -21.22
CA ARG I 30 23.48 19.12 -21.99
C ARG I 30 23.92 19.54 -23.40
N TYR I 31 23.17 20.42 -24.06
CA TYR I 31 23.55 20.87 -25.40
C TYR I 31 24.93 21.47 -25.37
N GLN I 32 25.22 22.24 -24.32
CA GLN I 32 26.53 22.87 -24.22
C GLN I 32 27.66 21.83 -24.12
N ARG I 33 27.50 20.83 -23.27
CA ARG I 33 28.50 19.76 -23.10
C ARG I 33 28.58 18.90 -24.36
N ALA I 34 27.47 18.83 -25.10
CA ALA I 34 27.36 17.97 -26.29
C ALA I 34 28.39 18.15 -27.37
N THR I 35 28.87 19.36 -27.58
CA THR I 35 29.91 19.48 -28.63
C THR I 35 31.14 18.63 -28.24
N ALA I 36 31.54 18.65 -26.98
CA ALA I 36 32.69 17.81 -26.58
C ALA I 36 32.31 16.33 -26.64
N SER I 37 31.06 16.01 -26.31
CA SER I 37 30.61 14.61 -26.36
C SER I 37 30.60 14.09 -27.77
N LEU I 38 30.03 14.84 -28.71
CA LEU I 38 30.00 14.35 -30.07
C LEU I 38 31.39 14.25 -30.67
N GLU I 39 32.29 15.13 -30.24
CA GLU I 39 33.67 15.08 -30.75
C GLU I 39 34.25 13.74 -30.29
N ALA I 40 33.98 13.39 -29.04
CA ALA I 40 34.48 12.12 -28.52
C ALA I 40 33.82 10.97 -29.27
N ALA I 41 32.51 11.07 -29.53
CA ALA I 41 31.86 9.97 -30.21
C ALA I 41 32.38 9.82 -31.63
N ARG I 42 32.61 10.91 -32.36
CA ARG I 42 33.10 10.75 -33.74
C ARG I 42 34.50 10.06 -33.73
N SER I 43 35.32 10.43 -32.77
CA SER I 43 36.68 9.86 -32.68
C SER I 43 36.65 8.37 -32.27
N LEU I 44 35.96 8.04 -31.17
CA LEU I 44 35.91 6.62 -30.80
C LEU I 44 35.38 5.80 -31.93
N THR I 45 34.37 6.30 -32.67
CA THR I 45 33.82 5.53 -33.77
C THR I 45 34.86 5.38 -34.92
N SER I 46 35.54 6.46 -35.29
CA SER I 46 36.50 6.33 -36.41
C SER I 46 37.66 5.47 -36.01
N ASN I 47 37.91 5.36 -34.70
CA ASN I 47 39.02 4.54 -34.26
C ASN I 47 38.60 3.21 -33.63
N ALA I 48 37.32 2.85 -33.81
CA ALA I 48 36.79 1.63 -33.19
C ALA I 48 37.63 0.39 -33.42
N GLU I 49 37.92 0.08 -34.69
CA GLU I 49 38.65 -1.13 -34.96
C GLU I 49 40.03 -1.20 -34.30
N ARG I 50 40.79 -0.09 -34.34
CA ARG I 50 42.12 -0.12 -33.70
C ARG I 50 41.96 -0.23 -32.16
N LEU I 51 40.97 0.47 -31.62
CA LEU I 51 40.76 0.45 -30.20
C LEU I 51 40.32 -0.92 -29.67
N ILE I 52 39.42 -1.55 -30.41
CA ILE I 52 38.87 -2.84 -29.98
C ILE I 52 39.98 -3.90 -30.04
N SER I 53 40.64 -3.96 -31.19
CA SER I 53 41.69 -4.92 -31.46
C SER I 53 42.84 -4.68 -30.46
N GLY I 54 43.14 -3.39 -30.25
CA GLY I 54 44.16 -3.01 -29.29
C GLY I 54 43.78 -3.44 -27.87
N ALA I 55 42.51 -3.30 -27.53
CA ALA I 55 42.03 -3.67 -26.20
C ALA I 55 42.07 -5.17 -25.96
N ALA I 56 41.73 -5.94 -27.00
CA ALA I 56 41.67 -7.38 -26.85
C ALA I 56 43.08 -7.87 -26.57
N GLN I 57 44.04 -7.36 -27.33
CA GLN I 57 45.43 -7.76 -27.09
C GLN I 57 45.83 -7.45 -25.68
N SER I 58 45.54 -6.25 -25.24
CA SER I 58 45.90 -5.88 -23.89
C SER I 58 45.40 -6.91 -22.84
N VAL I 59 44.14 -7.33 -22.98
CA VAL I 59 43.60 -8.35 -22.10
C VAL I 59 44.33 -9.71 -22.18
N TYR I 60 44.60 -10.17 -23.41
CA TYR I 60 45.29 -11.42 -23.60
C TYR I 60 46.70 -11.35 -22.97
N SER I 61 47.38 -10.21 -23.10
CA SER I 61 48.71 -10.10 -22.48
C SER I 61 48.63 -10.05 -20.95
N LYS I 62 47.58 -9.43 -20.40
CA LYS I 62 47.44 -9.32 -18.95
C LYS I 62 46.91 -10.60 -18.28
N PHE I 63 46.13 -11.38 -19.03
CA PHE I 63 45.58 -12.63 -18.50
C PHE I 63 45.89 -13.65 -19.55
N PRO I 64 47.16 -14.06 -19.62
CA PRO I 64 47.54 -15.04 -20.64
C PRO I 64 46.91 -16.41 -20.48
N TYR I 65 46.24 -16.62 -19.35
CA TYR I 65 45.60 -17.91 -19.10
C TYR I 65 44.33 -18.11 -19.91
N THR I 66 43.70 -17.01 -20.29
CA THR I 66 42.47 -17.06 -21.08
C THR I 66 42.77 -17.38 -22.56
N THR I 67 44.00 -17.09 -22.99
CA THR I 67 44.42 -17.38 -24.36
C THR I 67 44.89 -18.83 -24.41
N GLN I 68 45.11 -19.40 -23.22
CA GLN I 68 45.61 -20.77 -23.12
C GLN I 68 44.64 -21.78 -22.47
N MET I 69 44.15 -21.47 -21.27
CA MET I 69 43.18 -22.32 -20.57
C MET I 69 42.04 -22.60 -21.58
N GLN I 70 42.11 -23.72 -22.31
CA GLN I 70 41.07 -23.97 -23.30
C GLN I 70 39.80 -24.65 -22.80
N GLY I 71 38.69 -23.99 -23.14
CA GLY I 71 37.37 -24.43 -22.78
C GLY I 71 36.42 -23.46 -23.48
N PRO I 72 35.09 -23.64 -23.35
CA PRO I 72 34.13 -22.74 -24.00
C PRO I 72 34.20 -21.24 -23.66
N ASN I 73 34.53 -20.90 -22.41
CA ASN I 73 34.58 -19.49 -21.99
C ASN I 73 35.94 -18.78 -22.05
N TYR I 74 36.80 -19.20 -22.97
CA TYR I 74 38.12 -18.58 -23.10
C TYR I 74 38.58 -18.24 -24.52
N ALA I 75 39.59 -17.37 -24.58
CA ALA I 75 40.19 -16.92 -25.84
C ALA I 75 41.05 -18.05 -26.38
N ALA I 76 40.81 -19.25 -25.87
CA ALA I 76 41.52 -20.44 -26.28
C ALA I 76 41.22 -20.74 -27.75
N ASP I 77 39.99 -20.48 -28.16
CA ASP I 77 39.59 -20.74 -29.55
C ASP I 77 39.32 -19.50 -30.38
N ALA I 78 39.27 -19.71 -31.69
CA ALA I 78 38.99 -18.62 -32.59
C ALA I 78 37.64 -18.03 -32.19
N THR I 79 36.68 -18.89 -31.87
CA THR I 79 35.35 -18.43 -31.49
C THR I 79 35.40 -17.57 -30.22
N GLY I 80 36.15 -18.04 -29.25
CA GLY I 80 36.33 -17.33 -28.00
C GLY I 80 37.03 -16.01 -28.20
N LYS I 81 38.04 -15.95 -29.06
CA LYS I 81 38.74 -14.69 -29.26
C LYS I 81 37.86 -13.74 -30.05
N ALA I 82 37.05 -14.30 -30.97
CA ALA I 82 36.13 -13.46 -31.71
C ALA I 82 35.05 -13.00 -30.72
N LYS I 83 34.62 -13.86 -29.80
CA LYS I 83 33.58 -13.40 -28.86
C LYS I 83 34.10 -12.32 -27.95
N CYS I 84 35.38 -12.45 -27.57
CA CYS I 84 36.02 -11.48 -26.70
C CYS I 84 36.09 -10.13 -27.39
N ALA I 85 36.53 -10.10 -28.64
CA ALA I 85 36.61 -8.83 -29.37
C ALA I 85 35.19 -8.30 -29.62
N ARG I 86 34.24 -9.20 -29.85
CA ARG I 86 32.86 -8.77 -30.04
C ARG I 86 32.39 -8.06 -28.74
N ASP I 87 32.64 -8.66 -27.58
CA ASP I 87 32.22 -8.04 -26.34
C ASP I 87 32.86 -6.67 -26.11
N ILE I 88 34.16 -6.59 -26.37
CA ILE I 88 34.86 -5.35 -26.20
C ILE I 88 34.25 -4.27 -27.10
N GLY I 89 33.98 -4.65 -28.35
CA GLY I 89 33.34 -3.71 -29.24
C GLY I 89 31.98 -3.28 -28.70
N TYR I 90 31.25 -4.18 -28.02
CA TYR I 90 29.95 -3.83 -27.41
C TYR I 90 30.17 -2.70 -26.40
N TYR I 91 31.17 -2.87 -25.56
CA TYR I 91 31.47 -1.85 -24.57
C TYR I 91 31.84 -0.54 -25.31
N LEU I 92 32.68 -0.59 -26.35
CA LEU I 92 33.03 0.68 -27.00
C LEU I 92 31.80 1.32 -27.66
N ARG I 93 31.01 0.50 -28.33
CA ARG I 93 29.82 1.03 -28.98
C ARG I 93 28.85 1.69 -27.96
N MET I 94 28.66 1.03 -26.82
CA MET I 94 27.80 1.60 -25.79
C MET I 94 28.34 2.93 -25.28
N VAL I 95 29.65 3.06 -25.14
CA VAL I 95 30.25 4.32 -24.68
C VAL I 95 29.92 5.38 -25.72
N THR I 96 29.91 5.03 -27.00
CA THR I 96 29.59 6.07 -27.97
C THR I 96 28.13 6.44 -27.90
N TYR I 97 27.27 5.48 -27.55
CA TYR I 97 25.85 5.79 -27.44
C TYR I 97 25.63 6.74 -26.29
N CYS I 98 26.30 6.50 -25.15
CA CYS I 98 26.19 7.35 -24.00
C CYS I 98 26.66 8.77 -24.33
N LEU I 99 27.72 8.88 -25.14
CA LEU I 99 28.24 10.22 -25.47
C LEU I 99 27.16 11.06 -26.18
N VAL I 100 26.54 10.41 -27.14
CA VAL I 100 25.53 10.97 -28.00
C VAL I 100 24.27 11.40 -27.25
N VAL I 101 23.85 10.61 -26.28
CA VAL I 101 22.63 11.00 -25.60
C VAL I 101 22.94 11.80 -24.38
N GLY I 102 24.22 11.91 -23.99
CA GLY I 102 24.58 12.68 -22.79
C GLY I 102 24.29 11.98 -21.47
N ALA I 103 24.17 10.66 -21.48
CA ALA I 103 23.93 9.91 -20.26
C ALA I 103 24.34 8.44 -20.35
N THR I 104 24.38 7.78 -19.19
CA THR I 104 24.73 6.39 -19.16
C THR I 104 23.61 5.49 -19.65
N GLY I 105 22.40 6.04 -19.77
CA GLY I 105 21.24 5.31 -20.28
C GLY I 105 21.44 4.14 -21.22
N PRO I 106 22.11 4.34 -22.37
CA PRO I 106 22.34 3.25 -23.32
C PRO I 106 23.14 2.12 -22.70
N MET I 107 24.20 2.44 -21.97
CA MET I 107 24.99 1.39 -21.35
C MET I 107 24.16 0.68 -20.24
N ASP I 108 23.51 1.45 -19.39
CA ASP I 108 22.66 0.85 -18.36
C ASP I 108 21.63 -0.16 -18.92
N GLU I 109 20.98 0.22 -19.99
CA GLU I 109 19.93 -0.58 -20.58
C GLU I 109 20.38 -1.76 -21.42
N TYR I 110 21.38 -1.55 -22.28
CA TYR I 110 21.80 -2.59 -23.18
C TYR I 110 22.90 -3.44 -22.64
N LEU I 111 23.58 -2.95 -21.64
CA LEU I 111 24.71 -3.74 -21.17
C LEU I 111 24.77 -4.05 -19.67
N ILE I 112 24.60 -3.04 -18.86
CA ILE I 112 24.71 -3.21 -17.43
C ILE I 112 23.57 -4.02 -16.78
N ALA I 113 22.33 -3.77 -17.21
CA ALA I 113 21.16 -4.53 -16.72
C ALA I 113 21.38 -6.00 -17.09
N GLY I 114 21.48 -6.86 -16.09
CA GLY I 114 21.71 -8.29 -16.32
C GLY I 114 23.20 -8.65 -16.42
N LEU I 115 24.12 -7.68 -16.32
CA LEU I 115 25.59 -7.91 -16.45
C LEU I 115 26.10 -8.87 -15.36
N SER I 116 25.72 -8.59 -14.13
CA SER I 116 26.18 -9.44 -13.04
C SER I 116 25.73 -10.87 -13.32
N GLU I 117 24.47 -11.04 -13.67
CA GLU I 117 23.95 -12.36 -13.98
C GLU I 117 24.75 -13.05 -15.14
N ILE I 118 25.02 -12.31 -16.21
CA ILE I 118 25.73 -12.88 -17.34
C ILE I 118 27.20 -13.28 -17.02
N ASN I 119 27.91 -12.41 -16.34
CA ASN I 119 29.33 -12.72 -16.03
C ASN I 119 29.41 -13.90 -15.07
N ARG I 120 28.47 -13.97 -14.15
CA ARG I 120 28.46 -15.07 -13.24
C ARG I 120 28.14 -16.37 -13.96
N SER I 121 27.11 -16.35 -14.82
CA SER I 121 26.68 -17.56 -15.49
C SER I 121 27.67 -18.14 -16.49
N PHE I 122 28.33 -17.28 -17.23
CA PHE I 122 29.25 -17.77 -18.23
C PHE I 122 30.67 -17.67 -17.71
N GLU I 123 30.80 -17.38 -16.42
CA GLU I 123 32.12 -17.27 -15.77
C GLU I 123 33.04 -16.34 -16.54
N LEU I 124 32.56 -15.13 -16.80
CA LEU I 124 33.35 -14.11 -17.48
C LEU I 124 33.87 -13.23 -16.35
N SER I 125 35.14 -12.88 -16.38
CA SER I 125 35.66 -12.04 -15.33
C SER I 125 35.57 -10.53 -15.59
N PRO I 126 35.00 -9.78 -14.62
CA PRO I 126 34.85 -8.33 -14.72
C PRO I 126 36.23 -7.72 -15.01
N SER I 127 37.27 -8.26 -14.36
CA SER I 127 38.67 -7.83 -14.51
C SER I 127 39.13 -7.80 -15.95
N TRP I 128 38.68 -8.75 -16.74
CA TRP I 128 39.06 -8.76 -18.16
C TRP I 128 38.58 -7.47 -18.85
N TYR I 129 37.32 -7.14 -18.61
CA TYR I 129 36.73 -5.96 -19.22
C TYR I 129 37.30 -4.69 -18.71
N ILE I 130 37.63 -4.64 -17.42
CA ILE I 130 38.22 -3.45 -16.86
C ILE I 130 39.54 -3.11 -17.57
N GLU I 131 40.32 -4.15 -17.82
CA GLU I 131 41.58 -4.00 -18.50
C GLU I 131 41.33 -3.47 -19.90
N ALA I 132 40.33 -4.00 -20.60
CA ALA I 132 40.07 -3.50 -21.95
C ALA I 132 39.64 -2.03 -21.94
N LEU I 133 38.88 -1.66 -20.92
CA LEU I 133 38.36 -0.30 -20.80
C LEU I 133 39.54 0.65 -20.44
N GLU I 134 40.47 0.17 -19.61
CA GLU I 134 41.63 1.01 -19.24
C GLU I 134 42.46 1.25 -20.52
N TYR I 135 42.65 0.20 -21.32
CA TYR I 135 43.40 0.33 -22.56
C TYR I 135 42.77 1.41 -23.46
N ILE I 136 41.44 1.40 -23.56
CA ILE I 136 40.75 2.37 -24.39
C ILE I 136 40.97 3.78 -23.89
N LYS I 137 40.84 3.97 -22.58
CA LYS I 137 41.11 5.28 -21.97
C LYS I 137 42.56 5.73 -22.33
N ASP I 138 43.48 4.78 -22.29
CA ASP I 138 44.89 5.09 -22.56
C ASP I 138 45.21 5.27 -24.04
N SER I 139 44.35 4.74 -24.92
CA SER I 139 44.60 4.81 -26.35
C SER I 139 43.76 5.65 -27.26
N HIS I 140 42.66 6.24 -26.78
CA HIS I 140 41.84 7.01 -27.69
C HIS I 140 42.46 8.28 -28.27
N ALA I 141 43.39 8.94 -27.60
CA ALA I 141 43.94 10.15 -28.25
C ALA I 141 43.08 11.43 -28.26
N LEU I 142 41.95 11.43 -27.56
CA LEU I 142 41.16 12.66 -27.49
C LEU I 142 41.83 13.50 -26.41
N SER I 143 41.53 14.79 -26.38
CA SER I 143 42.08 15.69 -25.36
C SER I 143 41.04 16.67 -24.90
N GLY I 144 41.42 17.52 -23.95
CA GLY I 144 40.49 18.50 -23.45
C GLY I 144 39.21 17.84 -22.94
N GLN I 145 38.11 18.53 -23.15
CA GLN I 145 36.85 18.06 -22.67
C GLN I 145 36.28 16.87 -23.37
N ALA I 146 36.75 16.63 -24.59
CA ALA I 146 36.31 15.48 -25.36
C ALA I 146 36.91 14.25 -24.72
N ALA I 147 38.11 14.39 -24.20
CA ALA I 147 38.70 13.25 -23.54
C ALA I 147 37.94 13.07 -22.22
N ASN I 148 37.67 14.17 -21.51
CA ASN I 148 36.93 14.11 -20.22
C ASN I 148 35.62 13.33 -20.45
N GLU I 149 34.90 13.66 -21.50
CA GLU I 149 33.67 12.97 -21.80
C GLU I 149 33.88 11.48 -22.03
N ALA I 150 34.80 11.12 -22.91
CA ALA I 150 35.05 9.71 -23.14
C ALA I 150 35.45 8.97 -21.85
N ASN I 151 36.41 9.53 -21.12
CA ASN I 151 36.87 8.89 -19.91
C ASN I 151 35.80 8.74 -18.84
N THR I 152 34.92 9.73 -18.78
CA THR I 152 33.86 9.70 -17.80
C THR I 152 32.99 8.47 -18.06
N TYR I 153 32.68 8.18 -19.33
CA TYR I 153 31.84 7.01 -19.55
C TYR I 153 32.59 5.74 -19.48
N LEU I 154 33.87 5.76 -19.82
CA LEU I 154 34.64 4.53 -19.73
C LEU I 154 34.82 4.16 -18.22
N ASP I 155 35.02 5.18 -17.39
CA ASP I 155 35.14 4.99 -15.96
C ASP I 155 33.82 4.57 -15.35
N TYR I 156 32.72 5.05 -15.91
CA TYR I 156 31.41 4.59 -15.41
C TYR I 156 31.29 3.07 -15.61
N ALA I 157 31.73 2.58 -16.76
CA ALA I 157 31.74 1.16 -17.03
C ALA I 157 32.71 0.42 -16.11
N ILE I 158 33.86 1.02 -15.84
CA ILE I 158 34.81 0.35 -14.95
C ILE I 158 34.19 0.18 -13.58
N ASN I 159 33.47 1.21 -13.13
CA ASN I 159 32.80 1.21 -11.84
C ASN I 159 31.69 0.19 -11.76
N ALA I 160 31.01 -0.02 -12.88
CA ALA I 160 29.94 -1.00 -12.94
C ALA I 160 30.56 -2.40 -12.84
N LEU I 161 31.84 -2.55 -13.17
CA LEU I 161 32.44 -3.86 -13.09
C LEU I 161 33.19 -4.10 -11.77
N SER I 162 33.26 -3.10 -10.90
CA SER I 162 33.99 -3.25 -9.64
C SER I 162 33.31 -2.61 -8.45
N MET J 1 10.50 6.50 -22.65
CA MET J 1 10.32 7.44 -23.78
C MET J 1 11.70 7.66 -24.33
N LEU J 2 11.71 8.18 -25.55
CA LEU J 2 12.95 8.45 -26.27
C LEU J 2 13.03 9.90 -26.68
N ASP J 3 14.23 10.52 -26.56
CA ASP J 3 14.38 11.85 -27.16
C ASP J 3 15.01 11.57 -28.54
N ALA J 4 15.26 12.61 -29.34
CA ALA J 4 15.76 12.38 -30.71
C ALA J 4 17.12 11.63 -30.72
N PHE J 5 17.93 11.92 -29.73
CA PHE J 5 19.23 11.27 -29.59
C PHE J 5 19.08 9.77 -29.27
N ALA J 6 18.28 9.46 -28.27
CA ALA J 6 18.11 8.05 -27.90
C ALA J 6 17.47 7.25 -29.05
N LYS J 7 16.62 7.91 -29.84
CA LYS J 7 15.98 7.21 -30.93
C LYS J 7 17.01 6.78 -31.97
N VAL J 8 17.96 7.66 -32.28
CA VAL J 8 18.98 7.27 -33.25
C VAL J 8 19.79 6.13 -32.64
N VAL J 9 20.14 6.24 -31.37
CA VAL J 9 20.93 5.19 -30.72
C VAL J 9 20.13 3.86 -30.73
N ALA J 10 18.84 3.93 -30.46
CA ALA J 10 18.06 2.69 -30.49
C ALA J 10 18.03 2.04 -31.88
N GLN J 11 17.95 2.84 -32.94
CA GLN J 11 17.96 2.30 -34.29
C GLN J 11 19.36 1.69 -34.58
N ALA J 12 20.43 2.36 -34.11
CA ALA J 12 21.79 1.82 -34.34
C ALA J 12 22.01 0.55 -33.55
N ASP J 13 21.58 0.49 -32.28
CA ASP J 13 21.85 -0.75 -31.52
C ASP J 13 21.13 -1.97 -32.11
N ALA J 14 19.94 -1.76 -32.63
CA ALA J 14 19.15 -2.84 -33.23
C ALA J 14 19.95 -3.38 -34.41
N ARG J 15 20.77 -2.56 -35.04
CA ARG J 15 21.54 -3.11 -36.12
C ARG J 15 22.93 -3.52 -35.60
N GLY J 16 23.19 -3.32 -34.32
CA GLY J 16 24.51 -3.65 -33.80
C GLY J 16 25.58 -2.77 -34.44
N GLU J 17 25.24 -1.52 -34.72
CA GLU J 17 26.18 -0.65 -35.41
C GLU J 17 26.53 0.63 -34.68
N PHE J 18 27.76 1.06 -34.93
CA PHE J 18 28.20 2.32 -34.39
C PHE J 18 27.37 3.32 -35.19
N LEU J 19 27.18 4.52 -34.68
CA LEU J 19 26.44 5.54 -35.42
C LEU J 19 27.13 5.87 -36.76
N SER J 20 26.32 6.12 -37.79
CA SER J 20 26.88 6.45 -39.10
C SER J 20 27.26 7.92 -39.11
N ASN J 21 27.98 8.32 -40.14
CA ASN J 21 28.40 9.70 -40.32
C ASN J 21 27.15 10.56 -40.43
N THR J 22 26.14 10.08 -41.16
CA THR J 22 24.90 10.83 -41.36
C THR J 22 24.12 10.93 -40.03
N GLN J 23 24.21 9.88 -39.22
CA GLN J 23 23.56 9.91 -37.92
C GLN J 23 24.27 10.92 -37.03
N LEU J 24 25.60 10.87 -37.01
CA LEU J 24 26.38 11.77 -36.13
C LEU J 24 26.13 13.20 -36.63
N ASP J 25 26.01 13.39 -37.95
CA ASP J 25 25.69 14.73 -38.51
C ASP J 25 24.32 15.22 -38.04
N ALA J 26 23.31 14.34 -38.08
CA ALA J 26 21.98 14.76 -37.67
C ALA J 26 21.99 15.09 -36.21
N LEU J 27 22.72 14.33 -35.43
CA LEU J 27 22.76 14.64 -34.00
C LEU J 27 23.47 15.99 -33.81
N ALA J 28 24.53 16.27 -34.59
CA ALA J 28 25.23 17.55 -34.42
C ALA J 28 24.25 18.64 -34.77
N ASN J 29 23.42 18.44 -35.77
CA ASN J 29 22.44 19.50 -36.11
C ASN J 29 21.42 19.82 -35.03
N MET J 30 20.97 18.77 -34.31
CA MET J 30 20.00 18.90 -33.20
C MET J 30 20.63 19.79 -32.13
N ILE J 31 21.88 19.52 -31.79
CA ILE J 31 22.54 20.33 -30.81
C ILE J 31 22.62 21.80 -31.21
N ALA J 32 22.96 22.05 -32.48
CA ALA J 32 23.11 23.40 -33.03
C ALA J 32 21.79 24.17 -32.99
N GLU J 33 20.69 23.46 -33.18
CA GLU J 33 19.33 24.04 -33.17
C GLU J 33 18.77 24.09 -31.73
N GLY J 34 19.59 23.73 -30.76
CA GLY J 34 19.15 23.70 -29.37
C GLY J 34 18.57 24.93 -28.70
N ASN J 35 19.32 26.01 -28.69
CA ASN J 35 18.81 27.24 -28.08
C ASN J 35 17.49 27.61 -28.73
N LYS J 36 17.40 27.45 -30.06
CA LYS J 36 16.14 27.79 -30.70
C LYS J 36 14.98 26.90 -30.24
N ARG J 37 15.25 25.61 -30.10
CA ARG J 37 14.21 24.69 -29.67
C ARG J 37 13.82 25.07 -28.28
N LEU J 38 14.79 25.45 -27.45
CA LEU J 38 14.45 25.88 -26.11
C LEU J 38 13.58 27.14 -26.13
N ASP J 39 13.88 28.10 -27.01
CA ASP J 39 13.02 29.28 -27.10
C ASP J 39 11.55 28.88 -27.40
N ILE J 40 11.34 27.91 -28.28
CA ILE J 40 9.98 27.51 -28.61
C ILE J 40 9.29 26.91 -27.39
N VAL J 41 10.00 26.05 -26.67
CA VAL J 41 9.37 25.41 -25.52
C VAL J 41 9.13 26.46 -24.46
N ASN J 42 10.06 27.40 -24.30
CA ASN J 42 9.83 28.42 -23.30
C ASN J 42 8.61 29.29 -23.65
N ARG J 43 8.37 29.48 -24.95
CA ARG J 43 7.21 30.28 -25.31
C ARG J 43 5.92 29.58 -24.87
N ILE J 44 5.87 28.26 -25.09
CA ILE J 44 4.67 27.51 -24.71
C ILE J 44 4.53 27.56 -23.20
N ASN J 45 5.63 27.22 -22.51
CA ASN J 45 5.60 27.25 -21.03
C ASN J 45 5.17 28.63 -20.50
N SER J 46 5.74 29.69 -21.07
CA SER J 46 5.46 31.03 -20.56
C SER J 46 4.07 31.54 -20.89
N ASN J 47 3.43 30.90 -21.88
CA ASN J 47 2.09 31.29 -22.32
C ASN J 47 1.05 30.18 -22.18
N ALA J 48 1.36 29.15 -21.42
CA ALA J 48 0.47 28.00 -21.27
C ALA J 48 -0.96 28.25 -20.88
N SER J 49 -1.22 29.02 -19.83
CA SER J 49 -2.58 29.24 -19.44
C SER J 49 -3.36 30.05 -20.49
N ALA J 50 -2.73 31.05 -21.12
CA ALA J 50 -3.40 31.82 -22.16
C ALA J 50 -3.67 30.94 -23.39
N ILE J 51 -2.69 30.12 -23.79
CA ILE J 51 -2.84 29.22 -24.90
C ILE J 51 -4.04 28.28 -24.65
N VAL J 52 -4.14 27.78 -23.43
CA VAL J 52 -5.23 26.89 -23.10
C VAL J 52 -6.56 27.62 -23.00
N SER J 53 -6.60 28.66 -22.19
CA SER J 53 -7.87 29.34 -21.98
C SER J 53 -8.40 30.11 -23.18
N ASN J 54 -7.53 30.83 -23.89
CA ASN J 54 -8.01 31.56 -25.07
C ASN J 54 -8.48 30.52 -26.10
N SER J 55 -7.83 29.36 -26.20
CA SER J 55 -8.29 28.35 -27.17
C SER J 55 -9.66 27.75 -26.76
N ALA J 56 -9.87 27.50 -25.46
CA ALA J 56 -11.14 26.94 -24.95
C ALA J 56 -12.24 28.01 -25.18
N ARG J 57 -11.91 29.25 -24.92
CA ARG J 57 -12.87 30.33 -25.15
C ARG J 57 -13.36 30.33 -26.59
N ALA J 58 -12.42 30.25 -27.54
CA ALA J 58 -12.77 30.20 -28.94
C ALA J 58 -13.57 28.94 -29.23
N LEU J 59 -13.15 27.79 -28.70
CA LEU J 59 -13.92 26.56 -28.89
C LEU J 59 -15.36 26.75 -28.40
N PHE J 60 -15.57 27.26 -27.18
CA PHE J 60 -16.98 27.35 -26.75
C PHE J 60 -17.80 28.40 -27.44
N ALA J 61 -17.15 29.44 -27.99
CA ALA J 61 -17.88 30.48 -28.72
C ALA J 61 -18.34 29.81 -30.02
N GLU J 62 -17.47 29.02 -30.64
CA GLU J 62 -17.84 28.32 -31.88
C GLU J 62 -18.77 27.15 -31.71
N GLN J 63 -18.73 26.53 -30.54
CA GLN J 63 -19.57 25.35 -30.30
C GLN J 63 -20.25 25.50 -28.94
N PRO J 64 -21.23 26.44 -28.83
CA PRO J 64 -21.92 26.65 -27.56
C PRO J 64 -22.65 25.44 -27.05
N GLN J 65 -22.95 24.48 -27.91
CA GLN J 65 -23.66 23.34 -27.37
C GLN J 65 -22.77 22.52 -26.41
N LEU J 66 -21.45 22.72 -26.44
CA LEU J 66 -20.64 21.95 -25.49
C LEU J 66 -20.93 22.42 -24.07
N ILE J 67 -21.28 23.69 -23.89
CA ILE J 67 -21.53 24.13 -22.52
C ILE J 67 -22.98 24.27 -22.12
N GLN J 68 -23.90 23.95 -23.02
CA GLN J 68 -25.34 23.99 -22.70
C GLN J 68 -25.58 22.81 -21.76
N PRO J 69 -26.59 22.92 -20.87
CA PRO J 69 -26.91 21.84 -19.94
C PRO J 69 -27.03 20.54 -20.73
N GLY J 70 -26.38 19.49 -20.24
CA GLY J 70 -26.43 18.24 -20.96
C GLY J 70 -25.21 18.13 -21.89
N GLY J 71 -24.57 19.25 -22.21
CA GLY J 71 -23.40 19.20 -23.08
C GLY J 71 -22.23 18.57 -22.34
N MEN J 72 -21.25 18.08 -23.08
CA MEN J 72 -20.10 17.40 -22.51
C MEN J 72 -19.18 18.30 -21.69
O MEN J 72 -18.46 17.83 -20.86
CB MEN J 72 -19.33 16.66 -23.58
CG MEN J 72 -18.53 15.53 -23.01
OD1 MEN J 72 -17.30 15.55 -23.02
ND2 MEN J 72 -19.23 14.55 -22.43
CE2 MEN J 72 -18.55 13.45 -21.65
N ALA J 73 -19.26 19.60 -21.87
CA ALA J 73 -18.42 20.45 -21.06
C ALA J 73 -19.28 21.25 -20.07
N TYR J 74 -20.53 20.83 -19.88
CA TYR J 74 -21.42 21.50 -18.93
C TYR J 74 -21.13 20.95 -17.52
N THR J 75 -21.21 21.83 -16.52
CA THR J 75 -20.92 21.64 -15.05
C THR J 75 -19.42 21.96 -14.90
N ASN J 76 -19.03 22.49 -13.74
CA ASN J 76 -17.62 22.85 -13.60
C ASN J 76 -16.71 21.67 -13.58
N ARG J 77 -17.18 20.51 -13.11
CA ARG J 77 -16.35 19.34 -13.06
C ARG J 77 -15.98 18.95 -14.50
N ARG J 78 -16.96 18.98 -15.42
CA ARG J 78 -16.63 18.61 -16.79
C ARG J 78 -15.86 19.72 -17.49
N MET J 79 -16.17 20.98 -17.19
CA MET J 79 -15.40 22.08 -17.80
C MET J 79 -13.95 22.01 -17.31
N ALA J 80 -13.78 21.64 -16.05
CA ALA J 80 -12.42 21.55 -15.53
C ALA J 80 -11.73 20.35 -16.18
N ALA J 81 -12.46 19.26 -16.41
CA ALA J 81 -11.83 18.11 -17.09
C ALA J 81 -11.38 18.48 -18.55
N CYS J 82 -12.23 19.26 -19.21
CA CYS J 82 -11.96 19.70 -20.58
C CYS J 82 -10.71 20.58 -20.64
N LEU J 83 -10.64 21.57 -19.75
CA LEU J 83 -9.50 22.44 -19.70
C LEU J 83 -8.26 21.64 -19.34
N ARG J 84 -8.43 20.69 -18.43
CA ARG J 84 -7.32 19.83 -18.02
C ARG J 84 -6.78 19.05 -19.25
N ASP J 85 -7.67 18.45 -20.04
CA ASP J 85 -7.26 17.74 -21.23
C ASP J 85 -6.51 18.64 -22.17
N MET J 86 -6.97 19.87 -22.34
CA MET J 86 -6.25 20.76 -23.25
C MET J 86 -4.86 21.04 -22.70
N GLU J 87 -4.76 21.33 -21.40
CA GLU J 87 -3.46 21.57 -20.80
C GLU J 87 -2.61 20.29 -20.91
N ILE J 88 -3.22 19.11 -20.75
CA ILE J 88 -2.46 17.86 -20.87
C ILE J 88 -1.89 17.70 -22.28
N VAL J 89 -2.71 17.96 -23.30
CA VAL J 89 -2.18 17.81 -24.65
C VAL J 89 -1.07 18.85 -24.84
N LEU J 90 -1.28 20.07 -24.35
CA LEU J 90 -0.28 21.10 -24.56
C LEU J 90 1.02 20.65 -23.83
N ARG J 91 0.89 20.15 -22.61
CA ARG J 91 2.07 19.65 -21.87
C ARG J 91 2.85 18.62 -22.67
N TYR J 92 2.15 17.58 -23.16
CA TYR J 92 2.83 16.51 -23.88
C TYR J 92 3.44 16.92 -25.23
N VAL J 93 2.84 17.89 -25.90
CA VAL J 93 3.32 18.39 -27.16
C VAL J 93 4.58 19.17 -26.79
N SER J 94 4.53 19.90 -25.69
CA SER J 94 5.75 20.62 -25.34
C SER J 94 6.88 19.67 -25.00
N TYR J 95 6.55 18.49 -24.46
CA TYR J 95 7.55 17.48 -24.11
C TYR J 95 8.14 16.88 -25.38
N ALA J 96 7.29 16.56 -26.36
CA ALA J 96 7.74 16.01 -27.61
C ALA J 96 8.61 17.04 -28.31
N GLU J 97 8.28 18.32 -28.16
CA GLU J 97 9.08 19.36 -28.80
C GLU J 97 10.50 19.50 -28.19
N ILE J 98 10.62 19.43 -26.87
CA ILE J 98 11.96 19.55 -26.29
C ILE J 98 12.76 18.26 -26.57
N ALA J 99 12.03 17.14 -26.61
CA ALA J 99 12.60 15.84 -26.91
C ALA J 99 12.97 15.70 -28.37
N GLY J 100 12.28 16.40 -29.27
CA GLY J 100 12.56 16.25 -30.68
C GLY J 100 12.04 14.89 -31.14
N ASP J 101 11.14 14.31 -30.35
CA ASP J 101 10.58 13.02 -30.70
C ASP J 101 9.19 12.90 -30.08
N SER J 102 8.28 12.34 -30.86
CA SER J 102 6.90 12.17 -30.40
C SER J 102 6.62 10.99 -29.46
N SER J 103 7.63 10.15 -29.19
CA SER J 103 7.37 9.01 -28.30
C SER J 103 6.64 9.33 -26.99
N VAL J 104 7.03 10.39 -26.28
CA VAL J 104 6.37 10.69 -25.00
C VAL J 104 4.85 11.03 -25.19
N LEU J 105 4.55 11.72 -26.28
CA LEU J 105 3.22 12.14 -26.62
C LEU J 105 2.37 10.95 -27.03
N ASP J 106 2.92 10.16 -27.93
CA ASP J 106 2.24 8.97 -28.43
C ASP J 106 1.89 7.98 -27.32
N ASP J 107 2.91 7.58 -26.56
CA ASP J 107 2.71 6.59 -25.53
C ASP J 107 2.08 7.00 -24.24
N ARG J 108 2.41 8.17 -23.74
CA ARG J 108 1.84 8.54 -22.46
C ARG J 108 0.58 9.33 -22.60
N CYS J 109 0.33 9.84 -23.79
CA CYS J 109 -0.86 10.65 -23.95
C CYS J 109 -1.87 10.22 -25.00
N LEU J 110 -1.42 10.08 -26.25
CA LEU J 110 -2.32 9.74 -27.33
C LEU J 110 -2.86 8.30 -27.39
N ASN J 111 -2.04 7.31 -27.03
CA ASN J 111 -2.45 5.92 -27.13
C ASN J 111 -3.76 5.66 -26.40
N GLY J 112 -4.76 5.13 -27.11
CA GLY J 112 -6.07 4.81 -26.53
C GLY J 112 -7.04 5.97 -26.28
N LEU J 113 -6.63 7.20 -26.54
CA LEU J 113 -7.45 8.38 -26.27
C LEU J 113 -8.74 8.50 -27.10
N ARG J 114 -8.68 8.04 -28.33
CA ARG J 114 -9.82 8.09 -29.23
C ARG J 114 -10.92 7.21 -28.63
N GLU J 115 -10.50 6.05 -28.16
CA GLU J 115 -11.42 5.10 -27.56
C GLU J 115 -11.96 5.66 -26.27
N THR J 116 -11.15 6.39 -25.52
CA THR J 116 -11.59 6.94 -24.23
C THR J 116 -12.72 7.96 -24.47
N TYR J 117 -12.50 8.88 -25.41
CA TYR J 117 -13.51 9.91 -25.72
C TYR J 117 -14.84 9.27 -26.25
N GLN J 118 -14.73 8.26 -27.12
CA GLN J 118 -15.92 7.56 -27.64
C GLN J 118 -16.65 6.95 -26.45
N ALA J 119 -15.93 6.27 -25.57
CA ALA J 119 -16.53 5.70 -24.37
C ALA J 119 -17.17 6.78 -23.48
N LEU J 120 -16.63 7.99 -23.48
CA LEU J 120 -17.23 9.02 -22.63
C LEU J 120 -18.37 9.78 -23.28
N GLY J 121 -18.40 9.80 -24.60
CA GLY J 121 -19.40 10.58 -25.27
C GLY J 121 -18.83 11.97 -25.51
N THR J 122 -17.51 12.11 -25.41
CA THR J 122 -16.86 13.41 -25.61
C THR J 122 -16.70 13.50 -27.11
N PRO J 123 -17.20 14.57 -27.74
CA PRO J 123 -17.03 14.63 -29.20
C PRO J 123 -15.58 14.90 -29.63
N GLY J 124 -14.96 13.89 -30.25
CA GLY J 124 -13.57 13.99 -30.66
C GLY J 124 -13.22 15.12 -31.61
N SER J 125 -14.12 15.41 -32.55
CA SER J 125 -13.93 16.49 -33.50
C SER J 125 -13.75 17.81 -32.78
N SER J 126 -14.47 17.98 -31.68
CA SER J 126 -14.34 19.19 -30.86
C SER J 126 -12.99 19.21 -30.13
N VAL J 127 -12.57 18.07 -29.62
CA VAL J 127 -11.27 18.04 -28.96
C VAL J 127 -10.24 18.43 -29.99
N ALA J 128 -10.36 17.87 -31.20
CA ALA J 128 -9.39 18.20 -32.26
C ALA J 128 -9.36 19.71 -32.61
N VAL J 129 -10.51 20.34 -32.59
CA VAL J 129 -10.57 21.75 -32.84
C VAL J 129 -9.85 22.50 -31.68
N ALA J 130 -10.12 22.09 -30.44
CA ALA J 130 -9.41 22.74 -29.31
C ALA J 130 -7.85 22.61 -29.52
N ILE J 131 -7.43 21.44 -29.97
CA ILE J 131 -6.00 21.20 -30.21
C ILE J 131 -5.49 22.09 -31.34
N GLU J 132 -6.28 22.25 -32.38
CA GLU J 132 -5.86 23.06 -33.51
C GLU J 132 -5.76 24.54 -33.11
N LYS J 133 -6.66 25.01 -32.25
CA LYS J 133 -6.58 26.37 -31.73
C LYS J 133 -5.26 26.51 -30.89
N MET J 134 -4.88 25.53 -30.10
CA MET J 134 -3.64 25.71 -29.31
C MET J 134 -2.43 25.74 -30.23
N LYS J 135 -2.43 24.91 -31.25
CA LYS J 135 -1.33 24.87 -32.20
C LYS J 135 -1.20 26.25 -32.89
N GLU J 136 -2.31 26.78 -33.35
CA GLU J 136 -2.30 28.10 -33.98
C GLU J 136 -1.75 29.13 -33.01
N ALA J 137 -2.22 29.11 -31.78
CA ALA J 137 -1.74 30.09 -30.82
C ALA J 137 -0.23 29.91 -30.54
N SER J 138 0.17 28.65 -30.44
CA SER J 138 1.55 28.32 -30.12
C SER J 138 2.51 28.59 -31.29
N VAL J 139 2.06 28.33 -32.51
CA VAL J 139 2.94 28.52 -33.66
C VAL J 139 3.13 30.01 -33.88
N SER J 140 2.05 30.74 -33.62
CA SER J 140 2.07 32.18 -33.73
C SER J 140 3.08 32.76 -32.71
N ASP J 141 3.11 32.24 -31.48
CA ASP J 141 4.07 32.72 -30.46
C ASP J 141 5.46 32.36 -30.95
N ALA J 142 5.57 31.14 -31.49
CA ALA J 142 6.83 30.62 -32.00
C ALA J 142 7.45 31.46 -33.15
N ASN J 143 6.60 32.19 -33.88
CA ASN J 143 7.05 33.03 -35.00
C ASN J 143 7.27 34.47 -34.53
N ASP J 144 7.06 34.71 -33.26
CA ASP J 144 7.21 36.07 -32.76
C ASP J 144 8.65 36.26 -32.31
N SER J 145 9.39 37.11 -33.01
CA SER J 145 10.77 37.27 -32.61
C SER J 145 11.00 38.22 -31.45
N SER J 146 9.98 38.83 -30.86
CA SER J 146 10.30 39.68 -29.72
C SER J 146 10.86 38.74 -28.64
N GLY J 147 12.02 39.07 -28.08
CA GLY J 147 12.58 38.23 -27.04
C GLY J 147 13.57 37.20 -27.54
N THR J 148 13.90 37.25 -28.82
CA THR J 148 14.87 36.31 -29.36
C THR J 148 15.72 36.94 -30.44
N PRO J 149 16.98 36.49 -30.61
CA PRO J 149 17.83 37.03 -31.68
C PRO J 149 17.02 36.65 -32.93
N SER J 150 16.91 37.56 -33.89
CA SER J 150 16.14 37.24 -35.08
C SER J 150 16.85 36.19 -35.95
N GLY J 151 16.09 35.26 -36.51
CA GLY J 151 16.70 34.22 -37.33
C GLY J 151 15.65 33.30 -37.89
N ASP J 152 16.09 32.22 -38.52
CA ASP J 152 15.16 31.28 -39.11
C ASP J 152 14.77 30.03 -38.25
N CYS J 153 13.50 29.98 -37.87
CA CYS J 153 13.03 28.87 -37.07
C CYS J 153 11.98 28.07 -37.79
N SER J 154 11.93 28.20 -39.11
CA SER J 154 10.95 27.49 -39.87
C SER J 154 10.91 25.98 -39.71
N SER J 155 12.04 25.27 -39.63
CA SER J 155 11.97 23.81 -39.46
C SER J 155 11.41 23.46 -38.07
N LEU J 156 11.91 24.16 -37.06
CA LEU J 156 11.41 23.92 -35.70
C LEU J 156 9.88 24.19 -35.58
N SER J 157 9.40 25.29 -36.15
CA SER J 157 7.95 25.62 -36.09
C SER J 157 7.13 24.58 -36.83
N ALA J 158 7.65 24.04 -37.94
CA ALA J 158 6.93 23.01 -38.66
C ALA J 158 6.91 21.71 -37.82
N GLU J 159 8.01 21.44 -37.14
CA GLU J 159 8.07 20.25 -36.34
C GLU J 159 7.08 20.42 -35.18
N LEU J 160 7.00 21.60 -34.61
CA LEU J 160 6.05 21.79 -33.52
C LEU J 160 4.62 21.52 -34.02
N GLY J 161 4.32 22.07 -35.19
CA GLY J 161 3.02 21.92 -35.80
C GLY J 161 2.73 20.45 -36.01
N THR J 162 3.74 19.66 -36.35
CA THR J 162 3.52 18.24 -36.54
C THR J 162 3.07 17.54 -35.26
N TYR J 163 3.62 17.93 -34.11
CA TYR J 163 3.24 17.25 -32.86
C TYR J 163 1.79 17.54 -32.50
N PHE J 164 1.38 18.81 -32.67
CA PHE J 164 -0.01 19.18 -32.43
C PHE J 164 -0.90 18.35 -33.39
N ASP J 165 -0.52 18.27 -34.67
CA ASP J 165 -1.30 17.47 -35.63
C ASP J 165 -1.42 16.00 -35.19
N ARG J 166 -0.33 15.37 -34.72
CA ARG J 166 -0.47 13.99 -34.27
C ARG J 166 -1.50 13.86 -33.17
N ALA J 167 -1.50 14.82 -32.24
CA ALA J 167 -2.48 14.83 -31.16
C ALA J 167 -3.94 15.00 -31.71
N ALA J 168 -4.13 15.96 -32.62
CA ALA J 168 -5.47 16.18 -33.17
C ALA J 168 -6.00 14.96 -33.95
N SER J 169 -5.13 14.25 -34.69
CA SER J 169 -5.59 13.06 -35.40
C SER J 169 -5.88 11.89 -34.43
N ALA J 170 -5.15 11.81 -33.34
CA ALA J 170 -5.35 10.73 -32.38
C ALA J 170 -6.69 10.80 -31.60
N VAL J 171 -7.31 11.98 -31.46
CA VAL J 171 -8.52 12.05 -30.68
C VAL J 171 -9.86 11.72 -31.34
N SER J 172 -9.88 11.49 -32.64
CA SER J 172 -11.16 11.14 -33.28
C SER J 172 -10.96 9.92 -34.20
N MET K 1 -24.90 10.54 -6.84
CA MET K 1 -25.18 11.81 -6.11
C MET K 1 -25.41 11.52 -4.63
N LYS K 2 -24.90 12.42 -3.78
CA LYS K 2 -24.98 12.24 -2.34
C LYS K 2 -26.25 12.87 -1.74
N THR K 3 -27.11 12.05 -1.14
CA THR K 3 -28.31 12.56 -0.50
C THR K 3 -28.29 11.85 0.83
N PRO K 4 -29.21 12.20 1.73
CA PRO K 4 -29.15 11.48 3.00
C PRO K 4 -29.37 9.97 2.79
N ILE K 5 -30.11 9.61 1.74
CA ILE K 5 -30.40 8.20 1.49
C ILE K 5 -29.28 7.45 0.76
N THR K 6 -28.71 8.07 -0.26
CA THR K 6 -27.63 7.38 -0.97
C THR K 6 -26.45 7.25 -0.03
N GLU K 7 -26.30 8.22 0.86
CA GLU K 7 -25.21 8.18 1.83
C GLU K 7 -25.37 7.03 2.80
N ALA K 8 -26.58 6.84 3.32
CA ALA K 8 -26.81 5.74 4.24
C ALA K 8 -26.52 4.42 3.52
N ILE K 9 -27.00 4.28 2.29
CA ILE K 9 -26.80 3.07 1.51
C ILE K 9 -25.30 2.85 1.30
N ALA K 10 -24.62 3.84 0.73
CA ALA K 10 -23.18 3.73 0.50
C ALA K 10 -22.45 3.28 1.78
N SER K 11 -22.86 3.80 2.93
CA SER K 11 -22.20 3.37 4.14
C SER K 11 -22.48 1.91 4.46
N ALA K 12 -23.76 1.53 4.37
CA ALA K 12 -24.19 0.17 4.67
C ALA K 12 -23.50 -0.82 3.77
N ASP K 13 -23.47 -0.49 2.48
CA ASP K 13 -22.86 -1.33 1.50
C ASP K 13 -21.37 -1.42 1.79
N SER K 14 -20.70 -0.28 1.97
CA SER K 14 -19.24 -0.29 2.27
C SER K 14 -18.89 -1.24 3.40
N GLN K 15 -19.84 -1.45 4.31
CA GLN K 15 -19.61 -2.35 5.42
C GLN K 15 -20.31 -3.69 5.24
N GLY K 16 -20.85 -3.91 4.04
CA GLY K 16 -21.51 -5.18 3.72
C GLY K 16 -22.66 -5.55 4.63
N ARG K 17 -23.41 -4.54 5.04
CA ARG K 17 -24.49 -4.85 5.96
C ARG K 17 -25.80 -4.17 5.60
N PHE K 18 -26.84 -4.51 6.36
CA PHE K 18 -28.14 -3.86 6.16
C PHE K 18 -28.14 -2.51 6.89
N LEU K 19 -28.93 -1.57 6.42
CA LEU K 19 -29.04 -0.31 7.15
C LEU K 19 -29.44 -0.70 8.56
N SER K 20 -29.08 0.14 9.53
CA SER K 20 -29.39 -0.15 10.92
C SER K 20 -30.32 0.95 11.36
N ASN K 21 -30.85 0.80 12.55
CA ASN K 21 -31.78 1.78 13.03
C ASN K 21 -31.30 3.22 12.94
N GLY K 22 -30.02 3.43 13.12
CA GLY K 22 -29.49 4.78 13.07
C GLY K 22 -29.67 5.47 11.74
N GLU K 23 -29.50 4.70 10.66
CA GLU K 23 -29.67 5.27 9.35
C GLU K 23 -31.18 5.42 9.06
N LEU K 24 -32.02 4.52 9.56
CA LEU K 24 -33.45 4.70 9.27
C LEU K 24 -33.83 6.04 9.87
N GLN K 25 -33.36 6.29 11.10
CA GLN K 25 -33.60 7.56 11.82
C GLN K 25 -33.10 8.72 11.02
N SER K 26 -31.90 8.56 10.47
CA SER K 26 -31.34 9.63 9.68
C SER K 26 -32.26 9.91 8.51
N ILE K 27 -32.66 8.85 7.81
CA ILE K 27 -33.54 9.07 6.68
C ILE K 27 -34.85 9.71 7.13
N ASN K 28 -35.33 9.31 8.31
CA ASN K 28 -36.56 9.90 8.83
C ASN K 28 -36.40 11.43 8.99
N GLY K 29 -35.19 11.85 9.37
CA GLY K 29 -34.85 13.24 9.55
C GLY K 29 -35.01 14.02 8.28
N ARG K 30 -34.66 13.38 7.17
CA ARG K 30 -34.77 14.01 5.89
C ARG K 30 -36.26 14.14 5.51
N TYR K 31 -37.03 13.09 5.74
CA TYR K 31 -38.45 13.16 5.45
C TYR K 31 -39.07 14.28 6.28
N GLN K 32 -38.64 14.45 7.53
CA GLN K 32 -39.23 15.46 8.43
C GLN K 32 -38.98 16.89 8.01
N ARG K 33 -37.76 17.13 7.48
CA ARG K 33 -37.27 18.45 7.04
C ARG K 33 -37.71 18.80 5.62
N ALA K 34 -38.06 17.75 4.89
CA ALA K 34 -38.46 17.91 3.51
C ALA K 34 -39.63 18.87 3.27
N THR K 35 -40.57 18.96 4.20
CA THR K 35 -41.69 19.85 3.96
C THR K 35 -41.20 21.28 3.88
N ALA K 36 -40.25 21.63 4.74
CA ALA K 36 -39.70 22.99 4.71
C ALA K 36 -38.89 23.17 3.43
N SER K 37 -38.09 22.18 3.09
CA SER K 37 -37.27 22.20 1.89
C SER K 37 -38.08 22.36 0.60
N LEU K 38 -39.14 21.57 0.46
CA LEU K 38 -39.92 21.61 -0.75
C LEU K 38 -40.64 22.94 -0.89
N GLU K 39 -41.07 23.50 0.24
CA GLU K 39 -41.71 24.80 0.21
C GLU K 39 -40.67 25.84 -0.28
N ALA K 40 -39.43 25.76 0.23
CA ALA K 40 -38.39 26.69 -0.21
C ALA K 40 -38.14 26.49 -1.69
N ALA K 41 -37.99 25.22 -2.09
CA ALA K 41 -37.72 24.92 -3.49
C ALA K 41 -38.82 25.46 -4.41
N ARG K 42 -40.08 25.26 -4.01
CA ARG K 42 -41.19 25.75 -4.83
C ARG K 42 -41.17 27.26 -4.96
N SER K 43 -40.96 27.92 -3.83
CA SER K 43 -40.95 29.37 -3.85
C SER K 43 -39.78 29.93 -4.66
N LEU K 44 -38.56 29.41 -4.44
CA LEU K 44 -37.40 29.90 -5.18
C LEU K 44 -37.60 29.73 -6.70
N THR K 45 -38.16 28.59 -7.08
CA THR K 45 -38.43 28.26 -8.48
C THR K 45 -39.48 29.24 -9.07
N SER K 46 -40.50 29.53 -8.28
CA SER K 46 -41.55 30.43 -8.75
C SER K 46 -41.04 31.84 -8.96
N ASN K 47 -40.07 32.26 -8.17
CA ASN K 47 -39.53 33.61 -8.27
C ASN K 47 -38.16 33.68 -8.89
N ALA K 48 -37.76 32.59 -9.55
CA ALA K 48 -36.42 32.50 -10.12
C ALA K 48 -36.04 33.63 -11.04
N GLU K 49 -36.94 33.94 -11.96
CA GLU K 49 -36.64 34.98 -12.93
C GLU K 49 -36.35 36.30 -12.24
N ARG K 50 -37.26 36.66 -11.35
CA ARG K 50 -37.18 37.89 -10.58
C ARG K 50 -35.88 37.88 -9.78
N LEU K 51 -35.62 36.73 -9.16
CA LEU K 51 -34.44 36.64 -8.30
C LEU K 51 -33.15 36.73 -9.08
N ILE K 52 -33.09 36.04 -10.21
CA ILE K 52 -31.89 36.01 -11.02
C ILE K 52 -31.59 37.42 -11.58
N SER K 53 -32.65 38.11 -12.00
CA SER K 53 -32.46 39.46 -12.57
C SER K 53 -31.99 40.46 -11.53
N GLY K 54 -32.60 40.42 -10.36
CA GLY K 54 -32.21 41.32 -9.30
C GLY K 54 -30.81 41.00 -8.80
N ALA K 55 -30.46 39.71 -8.78
CA ALA K 55 -29.12 39.30 -8.34
C ALA K 55 -28.09 39.89 -9.31
N ALA K 56 -28.27 39.64 -10.59
CA ALA K 56 -27.35 40.17 -11.59
C ALA K 56 -27.17 41.67 -11.46
N GLN K 57 -28.29 42.38 -11.28
CA GLN K 57 -28.26 43.84 -11.16
C GLN K 57 -27.53 44.25 -9.90
N SER K 58 -27.71 43.47 -8.83
CA SER K 58 -27.01 43.79 -7.61
C SER K 58 -25.49 43.67 -7.84
N VAL K 59 -25.10 42.70 -8.67
CA VAL K 59 -23.68 42.55 -8.91
C VAL K 59 -23.16 43.70 -9.78
N TYR K 60 -23.92 44.08 -10.81
CA TYR K 60 -23.50 45.16 -11.70
C TYR K 60 -23.35 46.46 -10.90
N SER K 61 -24.27 46.71 -9.97
CA SER K 61 -24.20 47.89 -9.15
C SER K 61 -22.95 47.84 -8.26
N LYS K 62 -22.72 46.72 -7.58
CA LYS K 62 -21.54 46.65 -6.72
C LYS K 62 -20.18 46.59 -7.45
N PHE K 63 -20.14 46.00 -8.64
CA PHE K 63 -18.88 45.90 -9.39
C PHE K 63 -19.15 46.47 -10.79
N PRO K 64 -19.27 47.81 -10.85
CA PRO K 64 -19.55 48.63 -12.04
C PRO K 64 -18.63 48.36 -13.21
N TYR K 65 -17.36 48.10 -12.89
CA TYR K 65 -16.32 47.80 -13.88
C TYR K 65 -16.63 46.61 -14.78
N THR K 66 -17.27 45.59 -14.22
CA THR K 66 -17.63 44.37 -14.97
C THR K 66 -18.65 44.64 -16.08
N THR K 67 -19.53 45.60 -15.85
CA THR K 67 -20.54 45.96 -16.84
C THR K 67 -19.97 47.14 -17.66
N GLN K 68 -18.77 47.57 -17.27
CA GLN K 68 -18.05 48.68 -17.90
C GLN K 68 -16.79 48.26 -18.69
N MET K 69 -16.04 47.31 -18.14
CA MET K 69 -14.80 46.82 -18.74
C MET K 69 -14.96 45.94 -19.99
N GLN K 70 -14.17 46.27 -21.03
CA GLN K 70 -14.19 45.50 -22.27
C GLN K 70 -13.46 44.17 -22.03
N GLY K 71 -13.85 43.16 -22.81
CA GLY K 71 -13.27 41.83 -22.66
C GLY K 71 -14.40 40.81 -22.54
N PRO K 72 -14.20 39.57 -23.04
CA PRO K 72 -15.26 38.55 -22.94
C PRO K 72 -15.58 38.29 -21.46
N ASN K 73 -14.52 38.34 -20.66
CA ASN K 73 -14.53 38.13 -19.21
C ASN K 73 -15.47 39.08 -18.44
N TYR K 74 -16.06 40.06 -19.12
CA TYR K 74 -16.95 40.99 -18.42
C TYR K 74 -18.37 41.12 -18.96
N ALA K 75 -19.30 41.29 -18.02
CA ALA K 75 -20.71 41.45 -18.35
C ALA K 75 -20.88 42.91 -18.79
N ALA K 76 -19.94 43.38 -19.60
CA ALA K 76 -19.97 44.74 -20.13
C ALA K 76 -20.90 44.67 -21.34
N ASP K 77 -20.62 43.67 -22.18
CA ASP K 77 -21.34 43.34 -23.40
C ASP K 77 -22.58 42.54 -23.09
N ALA K 78 -23.39 42.30 -24.12
CA ALA K 78 -24.62 41.55 -23.91
C ALA K 78 -24.31 40.10 -23.58
N THR K 79 -23.33 39.56 -24.26
CA THR K 79 -22.95 38.19 -24.03
C THR K 79 -22.43 37.98 -22.60
N GLY K 80 -21.57 38.91 -22.16
CA GLY K 80 -21.00 38.83 -20.82
C GLY K 80 -22.11 38.89 -19.79
N LYS K 81 -23.05 39.79 -19.99
CA LYS K 81 -24.18 39.90 -19.07
C LYS K 81 -25.11 38.70 -19.20
N ALA K 82 -25.22 38.12 -20.40
CA ALA K 82 -26.09 36.96 -20.55
C ALA K 82 -25.43 35.75 -19.83
N LYS K 83 -24.10 35.65 -19.90
CA LYS K 83 -23.35 34.55 -19.24
C LYS K 83 -23.57 34.69 -17.73
N CYS K 84 -23.42 35.93 -17.27
CA CYS K 84 -23.56 36.25 -15.87
C CYS K 84 -24.91 35.83 -15.36
N ALA K 85 -25.98 36.31 -16.02
CA ALA K 85 -27.32 35.95 -15.60
C ALA K 85 -27.48 34.43 -15.66
N ARG K 86 -26.90 33.81 -16.68
CA ARG K 86 -26.95 32.36 -16.82
C ARG K 86 -26.27 31.68 -15.63
N ASP K 87 -25.07 32.15 -15.27
CA ASP K 87 -24.36 31.57 -14.14
C ASP K 87 -25.17 31.73 -12.85
N ILE K 88 -25.73 32.92 -12.64
CA ILE K 88 -26.49 33.16 -11.41
C ILE K 88 -27.68 32.20 -11.35
N GLY K 89 -28.30 31.98 -12.50
CA GLY K 89 -29.41 31.03 -12.57
C GLY K 89 -28.91 29.61 -12.29
N TYR K 90 -27.64 29.32 -12.62
CA TYR K 90 -27.12 28.00 -12.31
C TYR K 90 -27.04 27.86 -10.80
N TYR K 91 -26.57 28.89 -10.10
CA TYR K 91 -26.50 28.78 -8.65
C TYR K 91 -27.89 28.59 -8.04
N LEU K 92 -28.89 29.32 -8.55
CA LEU K 92 -30.22 29.21 -7.97
C LEU K 92 -30.79 27.83 -8.23
N ARG K 93 -30.72 27.38 -9.47
CA ARG K 93 -31.23 26.07 -9.80
C ARG K 93 -30.54 24.96 -8.91
N MET K 94 -29.21 25.03 -8.71
CA MET K 94 -28.56 24.03 -7.84
C MET K 94 -29.05 24.13 -6.41
N VAL K 95 -29.31 25.35 -5.92
CA VAL K 95 -29.86 25.47 -4.58
C VAL K 95 -31.20 24.69 -4.51
N THR K 96 -32.07 24.86 -5.52
CA THR K 96 -33.35 24.15 -5.45
C THR K 96 -33.14 22.64 -5.47
N TYR K 97 -32.16 22.17 -6.24
CA TYR K 97 -31.90 20.75 -6.24
C TYR K 97 -31.47 20.28 -4.86
N CYS K 98 -30.60 21.03 -4.15
CA CYS K 98 -30.18 20.60 -2.82
C CYS K 98 -31.38 20.50 -1.89
N LEU K 99 -32.31 21.44 -2.01
CA LEU K 99 -33.49 21.42 -1.18
C LEU K 99 -34.29 20.19 -1.48
N VAL K 100 -34.35 19.85 -2.75
CA VAL K 100 -35.12 18.69 -3.18
C VAL K 100 -34.57 17.35 -2.70
N VAL K 101 -33.26 17.18 -2.77
CA VAL K 101 -32.70 15.91 -2.32
C VAL K 101 -32.33 15.94 -0.86
N GLY K 102 -32.45 17.11 -0.24
CA GLY K 102 -32.09 17.18 1.17
C GLY K 102 -30.60 17.12 1.47
N ALA K 103 -29.74 17.60 0.58
CA ALA K 103 -28.31 17.59 0.86
C ALA K 103 -27.57 18.47 -0.13
N THR K 104 -26.28 18.69 0.08
CA THR K 104 -25.53 19.55 -0.83
C THR K 104 -25.06 18.80 -2.08
N GLY K 105 -25.19 17.48 -2.13
CA GLY K 105 -24.73 16.77 -3.32
C GLY K 105 -24.87 17.39 -4.73
N PRO K 106 -26.08 17.86 -5.12
CA PRO K 106 -26.20 18.44 -6.47
C PRO K 106 -25.32 19.63 -6.68
N MET K 107 -25.23 20.48 -5.68
CA MET K 107 -24.37 21.63 -5.82
C MET K 107 -22.91 21.19 -5.79
N ASP K 108 -22.58 20.17 -4.98
CA ASP K 108 -21.19 19.72 -4.90
C ASP K 108 -20.72 19.20 -6.23
N GLU K 109 -21.62 18.47 -6.86
CA GLU K 109 -21.33 17.76 -8.07
C GLU K 109 -21.36 18.59 -9.34
N TYR K 110 -22.41 19.35 -9.49
CA TYR K 110 -22.58 20.12 -10.71
C TYR K 110 -21.93 21.44 -10.76
N LEU K 111 -21.59 22.00 -9.60
CA LEU K 111 -21.02 23.33 -9.58
C LEU K 111 -19.73 23.52 -8.76
N ILE K 112 -19.71 23.02 -7.53
CA ILE K 112 -18.49 23.20 -6.73
C ILE K 112 -17.30 22.38 -7.20
N ALA K 113 -17.55 21.16 -7.68
CA ALA K 113 -16.41 20.36 -8.14
C ALA K 113 -15.87 21.11 -9.35
N GLY K 114 -14.63 21.54 -9.27
CA GLY K 114 -14.04 22.29 -10.37
C GLY K 114 -14.23 23.80 -10.38
N LEU K 115 -14.95 24.36 -9.39
CA LEU K 115 -15.21 25.80 -9.31
C LEU K 115 -13.94 26.67 -9.23
N SER K 116 -13.00 26.28 -8.39
CA SER K 116 -11.76 27.04 -8.25
C SER K 116 -11.00 27.09 -9.58
N GLU K 117 -10.96 26.01 -10.32
CA GLU K 117 -10.26 25.98 -11.61
C GLU K 117 -10.96 26.86 -12.64
N ILE K 118 -12.29 26.82 -12.65
CA ILE K 118 -12.98 27.62 -13.63
C ILE K 118 -12.79 29.11 -13.32
N ASN K 119 -12.99 29.50 -12.06
CA ASN K 119 -12.90 30.88 -11.70
C ASN K 119 -11.51 31.47 -11.96
N ARG K 120 -10.51 30.65 -11.73
CA ARG K 120 -9.16 31.06 -11.99
C ARG K 120 -8.90 31.11 -13.50
N SER K 121 -9.21 30.05 -14.22
CA SER K 121 -8.96 30.07 -15.67
C SER K 121 -9.69 31.18 -16.39
N PHE K 122 -10.96 31.37 -16.08
CA PHE K 122 -11.71 32.41 -16.78
C PHE K 122 -11.70 33.76 -16.07
N GLU K 123 -10.93 33.88 -14.99
CA GLU K 123 -10.83 35.14 -14.24
C GLU K 123 -12.17 35.68 -13.81
N LEU K 124 -12.98 34.80 -13.25
CA LEU K 124 -14.26 35.22 -12.74
C LEU K 124 -14.01 35.45 -11.26
N SER K 125 -14.57 36.52 -10.70
CA SER K 125 -14.36 36.74 -9.28
C SER K 125 -15.39 36.03 -8.36
N PRO K 126 -14.90 35.25 -7.40
CA PRO K 126 -15.79 34.56 -6.48
C PRO K 126 -16.66 35.60 -5.81
N SER K 127 -16.10 36.79 -5.61
CA SER K 127 -16.81 37.88 -5.00
C SER K 127 -18.07 38.31 -5.74
N TRP K 128 -18.11 38.18 -7.08
CA TRP K 128 -19.32 38.60 -7.80
C TRP K 128 -20.48 37.69 -7.42
N TYR K 129 -20.18 36.41 -7.36
CA TYR K 129 -21.23 35.45 -7.05
C TYR K 129 -21.71 35.51 -5.61
N ILE K 130 -20.79 35.77 -4.70
CA ILE K 130 -21.11 35.88 -3.30
C ILE K 130 -22.13 36.98 -3.20
N GLU K 131 -21.89 38.08 -3.92
CA GLU K 131 -22.83 39.21 -3.90
C GLU K 131 -24.22 38.80 -4.44
N ALA K 132 -24.26 38.00 -5.49
CA ALA K 132 -25.54 37.60 -6.02
C ALA K 132 -26.26 36.67 -5.05
N LEU K 133 -25.49 35.80 -4.40
CA LEU K 133 -26.09 34.87 -3.45
C LEU K 133 -26.65 35.67 -2.26
N GLU K 134 -25.92 36.69 -1.83
CA GLU K 134 -26.41 37.52 -0.71
C GLU K 134 -27.72 38.20 -1.13
N TYR K 135 -27.78 38.69 -2.37
CA TYR K 135 -28.98 39.33 -2.84
C TYR K 135 -30.18 38.36 -2.78
N ILE K 136 -29.99 37.13 -3.29
CA ILE K 136 -31.03 36.13 -3.27
C ILE K 136 -31.49 35.86 -1.83
N LYS K 137 -30.58 35.71 -0.87
CA LYS K 137 -30.95 35.48 0.53
C LYS K 137 -31.88 36.60 1.02
N ASP K 138 -31.54 37.85 0.68
CA ASP K 138 -32.33 39.00 1.11
C ASP K 138 -33.58 39.25 0.32
N SER K 139 -33.76 38.56 -0.78
CA SER K 139 -34.93 38.82 -1.60
C SER K 139 -35.87 37.67 -1.82
N HIS K 140 -35.58 36.47 -1.30
CA HIS K 140 -36.52 35.38 -1.57
C HIS K 140 -37.80 35.54 -0.77
N ALA K 141 -37.70 36.29 0.31
CA ALA K 141 -38.87 36.56 1.14
C ALA K 141 -39.52 35.32 1.80
N LEU K 142 -38.78 34.21 1.94
CA LEU K 142 -39.28 33.00 2.60
C LEU K 142 -39.25 33.29 4.08
N SER K 143 -40.03 32.57 4.87
CA SER K 143 -39.98 32.77 6.33
C SER K 143 -39.85 31.39 7.01
N GLY K 144 -39.74 31.38 8.34
CA GLY K 144 -39.66 30.15 9.09
C GLY K 144 -38.60 29.16 8.66
N GLN K 145 -38.89 27.88 8.80
CA GLN K 145 -37.91 26.90 8.44
C GLN K 145 -37.67 26.82 6.93
N ALA K 146 -38.60 27.30 6.09
CA ALA K 146 -38.35 27.27 4.65
C ALA K 146 -37.20 28.27 4.35
N ALA K 147 -37.22 29.42 5.00
CA ALA K 147 -36.15 30.38 4.81
C ALA K 147 -34.85 29.75 5.40
N ASN K 148 -34.93 29.06 6.53
CA ASN K 148 -33.72 28.46 7.09
C ASN K 148 -33.09 27.52 6.07
N GLU K 149 -33.90 26.68 5.44
CA GLU K 149 -33.39 25.74 4.44
C GLU K 149 -32.70 26.41 3.26
N ALA K 150 -33.42 27.36 2.68
CA ALA K 150 -32.91 28.11 1.55
C ALA K 150 -31.63 28.83 1.90
N ASN K 151 -31.59 29.60 2.99
CA ASN K 151 -30.34 30.30 3.36
C ASN K 151 -29.14 29.41 3.67
N THR K 152 -29.42 28.23 4.24
CA THR K 152 -28.38 27.29 4.57
C THR K 152 -27.65 26.88 3.31
N TYR K 153 -28.39 26.51 2.27
CA TYR K 153 -27.75 26.14 1.03
C TYR K 153 -27.09 27.33 0.32
N LEU K 154 -27.71 28.52 0.40
CA LEU K 154 -27.13 29.71 -0.23
C LEU K 154 -25.82 30.06 0.55
N ASP K 155 -25.84 29.93 1.89
CA ASP K 155 -24.63 30.17 2.66
C ASP K 155 -23.54 29.14 2.37
N TYR K 156 -23.98 27.92 2.09
CA TYR K 156 -23.07 26.86 1.76
C TYR K 156 -22.31 27.25 0.48
N ALA K 157 -23.01 27.82 -0.50
CA ALA K 157 -22.40 28.24 -1.75
C ALA K 157 -21.43 29.38 -1.49
N ILE K 158 -21.85 30.32 -0.64
CA ILE K 158 -21.00 31.43 -0.29
C ILE K 158 -19.71 30.95 0.33
N ASN K 159 -19.79 29.91 1.16
CA ASN K 159 -18.62 29.37 1.82
C ASN K 159 -17.71 28.68 0.85
N ALA K 160 -18.27 28.02 -0.15
CA ALA K 160 -17.43 27.36 -1.14
C ALA K 160 -16.68 28.46 -1.97
N LEU K 161 -17.26 29.64 -2.07
CA LEU K 161 -16.65 30.73 -2.82
C LEU K 161 -15.60 31.53 -2.07
N SER K 162 -15.46 31.28 -0.77
CA SER K 162 -14.54 32.02 0.08
C SER K 162 -13.76 31.18 1.10
N MET L 1 -24.54 6.85 -7.34
CA MET L 1 -25.85 6.18 -7.01
C MET L 1 -26.98 7.21 -6.93
N LEU L 2 -28.19 6.80 -7.27
CA LEU L 2 -29.31 7.75 -7.22
C LEU L 2 -30.48 7.27 -6.41
N ASP L 3 -31.11 8.15 -5.62
CA ASP L 3 -32.33 7.71 -4.98
C ASP L 3 -33.41 8.30 -5.89
N ALA L 4 -34.68 8.20 -5.51
CA ALA L 4 -35.71 8.69 -6.43
C ALA L 4 -35.62 10.20 -6.58
N PHE L 5 -35.29 10.90 -5.50
CA PHE L 5 -35.21 12.34 -5.59
C PHE L 5 -34.03 12.72 -6.51
N ALA L 6 -32.85 12.16 -6.26
CA ALA L 6 -31.69 12.46 -7.08
C ALA L 6 -31.90 12.15 -8.56
N LYS L 7 -32.72 11.15 -8.86
CA LYS L 7 -32.94 10.82 -10.25
C LYS L 7 -33.69 11.94 -10.98
N VAL L 8 -34.72 12.48 -10.33
CA VAL L 8 -35.49 13.54 -11.01
C VAL L 8 -34.51 14.72 -11.16
N VAL L 9 -33.66 14.92 -10.16
CA VAL L 9 -32.75 16.03 -10.23
C VAL L 9 -31.74 15.86 -11.37
N ALA L 10 -31.12 14.69 -11.48
CA ALA L 10 -30.18 14.47 -12.56
C ALA L 10 -30.81 14.67 -13.93
N GLN L 11 -32.08 14.26 -14.08
CA GLN L 11 -32.82 14.40 -15.34
C GLN L 11 -33.16 15.85 -15.59
N ALA L 12 -33.49 16.59 -14.54
CA ALA L 12 -33.79 18.02 -14.73
C ALA L 12 -32.50 18.79 -15.11
N ASP L 13 -31.40 18.42 -14.44
CA ASP L 13 -30.16 19.12 -14.69
C ASP L 13 -29.69 18.97 -16.13
N ALA L 14 -29.77 17.76 -16.66
CA ALA L 14 -29.36 17.52 -18.05
C ALA L 14 -30.23 18.35 -18.98
N ARG L 15 -31.39 18.79 -18.51
CA ARG L 15 -32.25 19.65 -19.32
C ARG L 15 -32.11 21.14 -18.94
N GLY L 16 -31.32 21.42 -17.92
CA GLY L 16 -31.13 22.79 -17.45
C GLY L 16 -32.41 23.36 -16.85
N GLU L 17 -33.27 22.50 -16.35
CA GLU L 17 -34.54 22.98 -15.80
C GLU L 17 -34.73 22.84 -14.32
N PHE L 18 -35.57 23.70 -13.75
CA PHE L 18 -35.96 23.57 -12.35
C PHE L 18 -37.07 22.52 -12.40
N LEU L 19 -37.26 21.76 -11.33
CA LEU L 19 -38.35 20.79 -11.25
C LEU L 19 -39.67 21.56 -11.36
N SER L 20 -40.65 20.94 -11.99
CA SER L 20 -41.95 21.57 -12.12
C SER L 20 -42.74 21.41 -10.82
N ASN L 21 -43.84 22.14 -10.70
CA ASN L 21 -44.65 22.01 -9.50
C ASN L 21 -45.20 20.58 -9.42
N THR L 22 -45.44 19.97 -10.58
CA THR L 22 -45.94 18.62 -10.59
C THR L 22 -44.88 17.65 -10.07
N GLN L 23 -43.63 17.82 -10.49
CA GLN L 23 -42.60 16.92 -9.97
C GLN L 23 -42.43 17.14 -8.47
N LEU L 24 -42.52 18.39 -8.05
CA LEU L 24 -42.41 18.72 -6.64
C LEU L 24 -43.54 18.04 -5.90
N ASP L 25 -44.73 18.02 -6.49
CA ASP L 25 -45.89 17.38 -5.85
C ASP L 25 -45.68 15.87 -5.71
N ALA L 26 -45.14 15.25 -6.77
CA ALA L 26 -44.89 13.83 -6.77
C ALA L 26 -43.86 13.45 -5.70
N LEU L 27 -42.84 14.29 -5.50
CA LEU L 27 -41.82 14.02 -4.47
C LEU L 27 -42.43 14.20 -3.07
N ALA L 28 -43.27 15.20 -2.89
CA ALA L 28 -43.93 15.37 -1.58
C ALA L 28 -44.73 14.08 -1.28
N ASN L 29 -45.36 13.50 -2.29
CA ASN L 29 -46.09 12.27 -2.03
C ASN L 29 -45.12 11.19 -1.53
N MET L 30 -43.94 11.11 -2.13
CA MET L 30 -42.97 10.11 -1.67
C MET L 30 -42.60 10.41 -0.21
N ILE L 31 -42.43 11.68 0.12
CA ILE L 31 -42.13 12.01 1.49
C ILE L 31 -43.28 11.49 2.39
N ALA L 32 -44.54 11.70 1.98
CA ALA L 32 -45.69 11.23 2.77
C ALA L 32 -45.65 9.73 3.08
N GLU L 33 -45.09 8.98 2.12
CA GLU L 33 -44.98 7.54 2.18
C GLU L 33 -43.73 7.06 2.93
N GLY L 34 -42.86 7.99 3.32
CA GLY L 34 -41.62 7.64 4.01
C GLY L 34 -41.70 6.74 5.23
N ASN L 35 -42.65 7.01 6.11
CA ASN L 35 -42.75 6.17 7.30
C ASN L 35 -43.08 4.73 6.92
N LYS L 36 -43.97 4.55 5.95
CA LYS L 36 -44.33 3.20 5.57
C LYS L 36 -43.16 2.51 4.90
N ARG L 37 -42.43 3.25 4.08
CA ARG L 37 -41.27 2.73 3.39
C ARG L 37 -40.24 2.32 4.43
N LEU L 38 -40.05 3.14 5.45
CA LEU L 38 -39.11 2.83 6.51
C LEU L 38 -39.57 1.56 7.25
N ASP L 39 -40.87 1.38 7.50
CA ASP L 39 -41.37 0.13 8.11
C ASP L 39 -41.00 -1.11 7.34
N ILE L 40 -41.11 -1.07 6.01
CA ILE L 40 -40.75 -2.21 5.16
C ILE L 40 -39.26 -2.61 5.28
N VAL L 41 -38.38 -1.61 5.21
CA VAL L 41 -36.97 -1.84 5.31
C VAL L 41 -36.65 -2.38 6.68
N ASN L 42 -37.22 -1.77 7.71
CA ASN L 42 -37.01 -2.25 9.07
C ASN L 42 -37.52 -3.70 9.20
N ARG L 43 -38.55 -4.09 8.46
CA ARG L 43 -39.03 -5.46 8.57
C ARG L 43 -38.04 -6.40 7.94
N ILE L 44 -37.52 -6.01 6.80
CA ILE L 44 -36.51 -6.82 6.16
C ILE L 44 -35.27 -6.91 7.09
N ASN L 45 -34.78 -5.78 7.57
CA ASN L 45 -33.58 -5.80 8.43
C ASN L 45 -33.75 -6.69 9.65
N SER L 46 -34.86 -6.48 10.35
CA SER L 46 -35.14 -7.20 11.57
C SER L 46 -35.37 -8.70 11.39
N ASN L 47 -35.51 -9.14 10.16
CA ASN L 47 -35.80 -10.55 9.90
C ASN L 47 -34.84 -11.11 8.88
N ALA L 48 -33.77 -10.39 8.59
CA ALA L 48 -32.86 -10.83 7.54
C ALA L 48 -32.30 -12.24 7.67
N SER L 49 -31.80 -12.61 8.85
CA SER L 49 -31.23 -13.93 8.99
C SER L 49 -32.24 -15.03 8.74
N ALA L 50 -33.46 -14.85 9.26
CA ALA L 50 -34.50 -15.84 9.06
C ALA L 50 -34.98 -15.84 7.60
N ILE L 51 -35.05 -14.67 6.97
CA ILE L 51 -35.48 -14.64 5.58
C ILE L 51 -34.48 -15.41 4.73
N VAL L 52 -33.21 -15.11 4.96
CA VAL L 52 -32.18 -15.78 4.22
C VAL L 52 -32.10 -17.29 4.55
N SER L 53 -32.04 -17.64 5.83
CA SER L 53 -31.89 -19.06 6.20
C SER L 53 -33.09 -19.97 5.85
N ASN L 54 -34.29 -19.51 6.19
CA ASN L 54 -35.46 -20.32 5.89
C ASN L 54 -35.60 -20.43 4.38
N SER L 55 -35.18 -19.41 3.64
CA SER L 55 -35.32 -19.56 2.21
C SER L 55 -34.31 -20.55 1.65
N ALA L 56 -33.08 -20.58 2.19
CA ALA L 56 -32.06 -21.52 1.73
C ALA L 56 -32.48 -22.95 2.11
N ARG L 57 -33.00 -23.10 3.33
CA ARG L 57 -33.43 -24.41 3.78
C ARG L 57 -34.50 -24.92 2.80
N ALA L 58 -35.42 -24.04 2.43
CA ALA L 58 -36.46 -24.43 1.49
C ALA L 58 -35.88 -24.83 0.14
N LEU L 59 -34.91 -24.05 -0.35
CA LEU L 59 -34.27 -24.33 -1.62
C LEU L 59 -33.56 -25.69 -1.60
N PHE L 60 -32.83 -25.97 -0.52
CA PHE L 60 -32.08 -27.26 -0.45
C PHE L 60 -32.97 -28.47 -0.23
N ALA L 61 -34.12 -28.24 0.36
CA ALA L 61 -35.08 -29.31 0.58
C ALA L 61 -35.66 -29.69 -0.79
N GLU L 62 -35.87 -28.69 -1.65
CA GLU L 62 -36.43 -28.94 -2.96
C GLU L 62 -35.38 -29.42 -3.96
N GLN L 63 -34.15 -29.01 -3.72
CA GLN L 63 -33.07 -29.31 -4.66
C GLN L 63 -31.90 -29.88 -3.88
N PRO L 64 -32.09 -31.04 -3.29
CA PRO L 64 -31.06 -31.72 -2.48
C PRO L 64 -29.75 -31.91 -3.24
N GLN L 65 -29.85 -32.03 -4.56
CA GLN L 65 -28.69 -32.20 -5.39
C GLN L 65 -27.67 -31.05 -5.22
N LEU L 66 -28.13 -29.88 -4.78
CA LEU L 66 -27.19 -28.75 -4.61
C LEU L 66 -26.20 -28.99 -3.48
N ILE L 67 -26.60 -29.73 -2.46
CA ILE L 67 -25.66 -29.92 -1.38
C ILE L 67 -24.99 -31.29 -1.36
N GLN L 68 -25.39 -32.17 -2.27
CA GLN L 68 -24.75 -33.48 -2.31
C GLN L 68 -23.31 -33.27 -2.76
N PRO L 69 -22.42 -34.22 -2.43
CA PRO L 69 -21.04 -33.99 -2.86
C PRO L 69 -21.03 -33.80 -4.37
N GLY L 70 -20.28 -32.80 -4.78
CA GLY L 70 -20.18 -32.47 -6.20
C GLY L 70 -21.14 -31.36 -6.56
N GLY L 71 -22.12 -31.08 -5.70
CA GLY L 71 -23.11 -30.05 -6.00
C GLY L 71 -22.53 -28.68 -5.73
N MEN L 72 -23.06 -27.63 -6.37
CA MEN L 72 -22.53 -26.30 -6.19
C MEN L 72 -22.49 -25.73 -4.78
O MEN L 72 -21.66 -24.87 -4.50
CB MEN L 72 -23.24 -25.29 -7.14
CG MEN L 72 -22.37 -24.05 -7.46
OD1 MEN L 72 -22.72 -22.92 -7.11
ND2 MEN L 72 -21.21 -24.31 -8.04
CE2 MEN L 72 -20.19 -23.23 -8.16
N ALA L 73 -23.35 -26.22 -3.89
CA ALA L 73 -23.42 -25.71 -2.52
C ALA L 73 -22.83 -26.67 -1.51
N TYR L 74 -22.17 -27.71 -2.00
CA TYR L 74 -21.47 -28.70 -1.16
C TYR L 74 -20.12 -28.09 -0.70
N THR L 75 -19.75 -28.39 0.56
CA THR L 75 -18.58 -27.91 1.40
C THR L 75 -19.08 -26.65 2.07
N ASN L 76 -18.58 -26.34 3.26
CA ASN L 76 -19.06 -25.17 3.94
C ASN L 76 -18.69 -23.88 3.27
N ARG L 77 -17.53 -23.81 2.64
CA ARG L 77 -17.11 -22.61 1.94
C ARG L 77 -18.11 -22.28 0.84
N ARG L 78 -18.53 -23.25 0.03
CA ARG L 78 -19.54 -22.98 -0.99
C ARG L 78 -20.92 -22.71 -0.39
N MET L 79 -21.33 -23.48 0.64
CA MET L 79 -22.61 -23.19 1.27
C MET L 79 -22.60 -21.76 1.84
N ALA L 80 -21.50 -21.37 2.47
CA ALA L 80 -21.38 -20.01 3.03
C ALA L 80 -21.44 -18.94 1.93
N ALA L 81 -20.88 -19.23 0.76
CA ALA L 81 -20.92 -18.25 -0.32
C ALA L 81 -22.36 -18.16 -0.84
N CYS L 82 -23.04 -19.31 -0.86
CA CYS L 82 -24.42 -19.31 -1.32
C CYS L 82 -25.31 -18.48 -0.33
N LEU L 83 -25.14 -18.68 0.97
CA LEU L 83 -25.88 -17.92 1.96
C LEU L 83 -25.51 -16.42 1.85
N ARG L 84 -24.22 -16.12 1.67
CA ARG L 84 -23.77 -14.74 1.51
C ARG L 84 -24.41 -14.11 0.27
N ASP L 85 -24.48 -14.84 -0.84
CA ASP L 85 -25.08 -14.32 -2.06
C ASP L 85 -26.55 -13.99 -1.83
N MET L 86 -27.26 -14.85 -1.11
CA MET L 86 -28.65 -14.59 -0.83
C MET L 86 -28.72 -13.35 0.05
N GLU L 87 -27.83 -13.24 1.05
CA GLU L 87 -27.88 -12.06 1.90
C GLU L 87 -27.52 -10.78 1.10
N ILE L 88 -26.62 -10.88 0.14
CA ILE L 88 -26.26 -9.71 -0.65
C ILE L 88 -27.46 -9.26 -1.46
N VAL L 89 -28.18 -10.21 -2.03
CA VAL L 89 -29.29 -9.82 -2.83
C VAL L 89 -30.35 -9.18 -1.93
N LEU L 90 -30.52 -9.73 -0.72
CA LEU L 90 -31.54 -9.17 0.16
C LEU L 90 -31.19 -7.75 0.53
N ARG L 91 -29.89 -7.50 0.73
CA ARG L 91 -29.40 -6.17 1.08
C ARG L 91 -29.63 -5.14 -0.04
N TYR L 92 -29.27 -5.49 -1.25
CA TYR L 92 -29.41 -4.55 -2.35
C TYR L 92 -30.86 -4.29 -2.63
N VAL L 93 -31.68 -5.30 -2.42
CA VAL L 93 -33.08 -5.09 -2.60
C VAL L 93 -33.54 -4.08 -1.53
N SER L 94 -33.15 -4.27 -0.28
CA SER L 94 -33.56 -3.33 0.76
C SER L 94 -33.09 -1.92 0.43
N TYR L 95 -31.89 -1.80 -0.14
CA TYR L 95 -31.36 -0.50 -0.53
C TYR L 95 -32.25 0.11 -1.58
N ALA L 96 -32.58 -0.68 -2.62
CA ALA L 96 -33.47 -0.22 -3.68
C ALA L 96 -34.74 0.27 -3.02
N GLU L 97 -35.27 -0.51 -2.11
CA GLU L 97 -36.51 -0.14 -1.41
C GLU L 97 -36.43 1.18 -0.66
N ILE L 98 -35.35 1.44 0.08
CA ILE L 98 -35.34 2.74 0.72
C ILE L 98 -34.95 3.88 -0.23
N ALA L 99 -34.33 3.56 -1.37
CA ALA L 99 -33.90 4.58 -2.33
C ALA L 99 -35.10 4.91 -3.19
N GLY L 100 -35.96 3.92 -3.34
CA GLY L 100 -37.14 4.06 -4.14
C GLY L 100 -36.70 4.10 -5.57
N ASP L 101 -35.65 3.37 -5.90
CA ASP L 101 -35.13 3.38 -7.27
C ASP L 101 -34.29 2.11 -7.39
N SER L 102 -34.39 1.41 -8.51
CA SER L 102 -33.64 0.16 -8.67
C SER L 102 -32.20 0.34 -9.08
N SER L 103 -31.85 1.55 -9.48
CA SER L 103 -30.50 1.88 -9.92
C SER L 103 -29.40 1.26 -9.09
N VAL L 104 -29.49 1.31 -7.76
CA VAL L 104 -28.41 0.75 -6.95
C VAL L 104 -28.32 -0.77 -7.04
N LEU L 105 -29.48 -1.42 -7.17
CA LEU L 105 -29.53 -2.87 -7.24
C LEU L 105 -28.94 -3.30 -8.58
N ASP L 106 -29.31 -2.56 -9.63
CA ASP L 106 -28.87 -2.81 -11.00
C ASP L 106 -27.38 -2.58 -11.15
N ASP L 107 -26.91 -1.44 -10.68
CA ASP L 107 -25.51 -1.12 -10.82
C ASP L 107 -24.54 -1.94 -10.00
N ARG L 108 -24.70 -2.00 -8.68
CA ARG L 108 -23.75 -2.76 -7.85
C ARG L 108 -24.01 -4.26 -7.67
N CYS L 109 -25.22 -4.72 -7.97
CA CYS L 109 -25.50 -6.12 -7.74
C CYS L 109 -25.85 -7.00 -8.94
N LEU L 110 -26.95 -6.73 -9.63
CA LEU L 110 -27.37 -7.58 -10.72
C LEU L 110 -26.56 -7.55 -12.00
N ASN L 111 -25.85 -6.45 -12.22
CA ASN L 111 -25.06 -6.31 -13.43
C ASN L 111 -23.89 -7.28 -13.56
N GLY L 112 -23.94 -8.14 -14.58
CA GLY L 112 -22.88 -9.12 -14.83
C GLY L 112 -22.94 -10.38 -13.98
N LEU L 113 -24.01 -10.49 -13.19
CA LEU L 113 -24.18 -11.61 -12.30
C LEU L 113 -24.56 -12.87 -13.03
N ARG L 114 -25.39 -12.74 -14.05
CA ARG L 114 -25.80 -13.89 -14.83
C ARG L 114 -24.56 -14.60 -15.38
N GLU L 115 -23.61 -13.81 -15.87
CA GLU L 115 -22.35 -14.30 -16.44
C GLU L 115 -21.49 -14.93 -15.36
N THR L 116 -21.36 -14.22 -14.24
CA THR L 116 -20.56 -14.73 -13.14
C THR L 116 -21.03 -16.15 -12.80
N TYR L 117 -22.35 -16.34 -12.68
CA TYR L 117 -22.84 -17.66 -12.33
C TYR L 117 -22.61 -18.74 -13.37
N GLN L 118 -22.67 -18.34 -14.62
CA GLN L 118 -22.47 -19.26 -15.73
C GLN L 118 -21.05 -19.79 -15.69
N ALA L 119 -20.11 -18.87 -15.45
CA ALA L 119 -18.69 -19.20 -15.39
C ALA L 119 -18.40 -20.10 -14.21
N LEU L 120 -18.96 -19.78 -13.04
CA LEU L 120 -18.72 -20.63 -11.87
C LEU L 120 -19.37 -21.98 -12.03
N GLY L 121 -20.53 -22.02 -12.65
CA GLY L 121 -21.19 -23.30 -12.81
C GLY L 121 -22.29 -23.33 -11.78
N THR L 122 -22.58 -22.17 -11.23
CA THR L 122 -23.66 -22.05 -10.25
C THR L 122 -24.95 -21.97 -11.07
N PRO L 123 -25.92 -22.81 -10.78
CA PRO L 123 -27.21 -22.82 -11.51
C PRO L 123 -28.12 -21.61 -11.28
N GLY L 124 -28.06 -20.68 -12.23
CA GLY L 124 -28.87 -19.47 -12.16
C GLY L 124 -30.31 -19.70 -11.75
N SER L 125 -30.97 -20.71 -12.32
CA SER L 125 -32.36 -20.99 -11.98
C SER L 125 -32.56 -21.29 -10.49
N SER L 126 -31.59 -21.95 -9.87
CA SER L 126 -31.67 -22.22 -8.43
C SER L 126 -31.52 -20.90 -7.66
N VAL L 127 -30.58 -20.04 -8.08
CA VAL L 127 -30.40 -18.77 -7.40
C VAL L 127 -31.73 -18.04 -7.48
N ALA L 128 -32.38 -18.12 -8.65
CA ALA L 128 -33.65 -17.44 -8.84
C ALA L 128 -34.69 -18.03 -7.93
N VAL L 129 -34.64 -19.34 -7.74
CA VAL L 129 -35.59 -19.94 -6.82
C VAL L 129 -35.34 -19.33 -5.41
N ALA L 130 -34.06 -19.26 -5.01
CA ALA L 130 -33.72 -18.70 -3.70
C ALA L 130 -34.28 -17.27 -3.50
N ILE L 131 -34.09 -16.44 -4.53
CA ILE L 131 -34.56 -15.04 -4.52
C ILE L 131 -36.08 -15.01 -4.43
N GLU L 132 -36.74 -15.88 -5.20
CA GLU L 132 -38.18 -15.91 -5.17
C GLU L 132 -38.70 -16.28 -3.77
N LYS L 133 -37.97 -17.15 -3.06
CA LYS L 133 -38.39 -17.53 -1.71
C LYS L 133 -38.17 -16.34 -0.76
N MET L 134 -37.06 -15.65 -0.94
CA MET L 134 -36.83 -14.50 -0.08
C MET L 134 -37.90 -13.43 -0.38
N LYS L 135 -38.28 -13.27 -1.64
CA LYS L 135 -39.33 -12.28 -2.02
C LYS L 135 -40.60 -12.63 -1.28
N GLU L 136 -40.97 -13.89 -1.40
CA GLU L 136 -42.14 -14.43 -0.72
C GLU L 136 -42.10 -14.15 0.78
N ALA L 137 -40.99 -14.45 1.43
CA ALA L 137 -40.94 -14.21 2.86
C ALA L 137 -41.01 -12.72 3.22
N SER L 138 -40.30 -11.89 2.48
CA SER L 138 -40.31 -10.46 2.80
C SER L 138 -41.65 -9.76 2.54
N VAL L 139 -42.28 -10.15 1.44
CA VAL L 139 -43.56 -9.57 1.05
C VAL L 139 -44.56 -9.98 2.12
N SER L 140 -44.44 -11.21 2.60
CA SER L 140 -45.35 -11.64 3.67
C SER L 140 -45.11 -10.78 4.92
N ASP L 141 -43.83 -10.53 5.27
CA ASP L 141 -43.56 -9.70 6.44
C ASP L 141 -44.12 -8.30 6.25
N ALA L 142 -43.98 -7.81 5.02
CA ALA L 142 -44.44 -6.47 4.70
C ALA L 142 -45.92 -6.31 4.82
N ASN L 143 -46.69 -7.35 4.51
CA ASN L 143 -48.15 -7.25 4.58
C ASN L 143 -48.67 -7.56 5.96
N ASP L 144 -47.77 -7.80 6.89
CA ASP L 144 -48.16 -8.12 8.26
C ASP L 144 -48.30 -6.83 9.05
N SER L 145 -49.47 -6.55 9.59
CA SER L 145 -49.66 -5.28 10.32
C SER L 145 -49.28 -5.26 11.80
N SER L 146 -48.84 -6.39 12.34
CA SER L 146 -48.45 -6.37 13.75
C SER L 146 -47.27 -5.39 13.90
N GLY L 147 -47.32 -4.52 14.90
CA GLY L 147 -46.25 -3.56 15.09
C GLY L 147 -46.26 -2.30 14.24
N THR L 148 -47.33 -2.06 13.47
CA THR L 148 -47.42 -0.85 12.65
C THR L 148 -48.86 -0.33 12.66
N PRO L 149 -49.05 0.97 12.43
CA PRO L 149 -50.44 1.46 12.41
C PRO L 149 -51.11 0.73 11.24
N SER L 150 -52.35 0.30 11.40
CA SER L 150 -52.99 -0.43 10.31
C SER L 150 -53.23 0.50 9.13
N GLY L 151 -52.83 0.07 7.95
CA GLY L 151 -53.04 0.94 6.81
C GLY L 151 -52.77 0.22 5.51
N ASP L 152 -52.85 0.94 4.40
CA ASP L 152 -52.60 0.34 3.13
C ASP L 152 -51.18 0.58 2.68
N CYS L 153 -50.49 -0.50 2.34
CA CYS L 153 -49.12 -0.38 1.86
C CYS L 153 -48.99 -1.12 0.57
N SER L 154 -50.12 -1.34 -0.10
CA SER L 154 -50.07 -2.11 -1.33
C SER L 154 -49.10 -1.59 -2.36
N SER L 155 -49.05 -0.27 -2.56
CA SER L 155 -48.14 0.27 -3.57
C SER L 155 -46.70 -0.08 -3.28
N LEU L 156 -46.32 0.10 -2.02
CA LEU L 156 -44.95 -0.18 -1.63
C LEU L 156 -44.62 -1.67 -1.67
N SER L 157 -45.56 -2.52 -1.27
CA SER L 157 -45.28 -3.95 -1.32
C SER L 157 -45.11 -4.45 -2.74
N ALA L 158 -45.82 -3.82 -3.67
CA ALA L 158 -45.72 -4.17 -5.10
C ALA L 158 -44.37 -3.69 -5.60
N GLU L 159 -43.95 -2.52 -5.14
CA GLU L 159 -42.65 -1.99 -5.54
C GLU L 159 -41.61 -2.97 -4.96
N LEU L 160 -41.77 -3.37 -3.71
CA LEU L 160 -40.78 -4.27 -3.13
C LEU L 160 -40.65 -5.57 -3.98
N GLY L 161 -41.79 -6.15 -4.39
CA GLY L 161 -41.77 -7.35 -5.21
C GLY L 161 -41.11 -7.14 -6.56
N THR L 162 -41.21 -5.94 -7.09
CA THR L 162 -40.59 -5.65 -8.38
C THR L 162 -39.07 -5.75 -8.27
N TYR L 163 -38.52 -5.19 -7.19
CA TYR L 163 -37.10 -5.23 -6.98
C TYR L 163 -36.64 -6.67 -6.92
N PHE L 164 -37.36 -7.52 -6.18
CA PHE L 164 -36.98 -8.91 -6.11
C PHE L 164 -37.01 -9.57 -7.50
N ASP L 165 -38.07 -9.32 -8.27
CA ASP L 165 -38.15 -9.90 -9.62
C ASP L 165 -36.95 -9.49 -10.47
N ARG L 166 -36.62 -8.19 -10.45
CA ARG L 166 -35.49 -7.71 -11.20
C ARG L 166 -34.31 -8.61 -10.88
N ALA L 167 -34.12 -8.89 -9.60
CA ALA L 167 -33.01 -9.75 -9.17
C ALA L 167 -33.21 -11.18 -9.67
N ALA L 168 -34.41 -11.74 -9.52
CA ALA L 168 -34.63 -13.13 -9.97
C ALA L 168 -34.36 -13.30 -11.49
N SER L 169 -34.74 -12.30 -12.29
CA SER L 169 -34.54 -12.40 -13.73
C SER L 169 -33.06 -12.18 -14.10
N ALA L 170 -32.39 -11.28 -13.40
CA ALA L 170 -30.99 -11.00 -13.67
C ALA L 170 -30.03 -12.16 -13.41
N VAL L 171 -30.38 -13.10 -12.53
CA VAL L 171 -29.41 -14.17 -12.27
C VAL L 171 -29.41 -15.32 -13.26
N SER L 172 -30.48 -15.49 -14.01
CA SER L 172 -30.51 -16.56 -15.00
C SER L 172 -30.79 -15.96 -16.36
CHA CYC M . 39.82 -11.36 0.44
NA CYC M . 37.87 -12.71 1.01
C1A CYC M . 38.54 -11.54 0.97
C2A CYC M . 37.83 -10.61 1.56
C3A CYC M . 36.68 -11.21 2.07
C4A CYC M . 36.79 -12.65 1.80
CMA CYC M . 35.46 -10.39 2.52
CAA CYC M . 38.20 -9.02 1.59
CBA CYC M . 38.37 -8.62 3.06
CGA CYC M . 39.58 -9.34 3.68
O1A CYC M . 40.75 -9.13 3.09
O2A CYC M . 39.25 -10.21 4.47
CHB CYC M . 35.92 -13.74 1.92
NB CYC M . 34.91 -13.05 4.03
C1B CYC M . 35.04 -13.82 2.96
C2B CYC M . 33.99 -14.82 3.07
C3B CYC M . 33.30 -14.60 4.26
C4B CYC M . 33.92 -13.42 4.83
CMB CYC M . 33.79 -16.00 1.97
CAB CYC M . 32.08 -15.52 4.85
CBB CYC M . 32.25 -15.76 6.44
OB CYC M . 33.83 -12.85 5.90
NC CYC M . 42.74 -15.19 -3.81
C1C CYC M . 43.37 -15.90 -4.73
C2C CYC M . 43.14 -17.45 -4.53
C3C CYC M . 41.79 -17.35 -3.67
C4C CYC M . 41.98 -15.94 -3.01
CMC CYC M . 42.94 -18.04 -5.89
CAC CYC M . 41.22 -18.71 -2.88
CBC CYC M . 40.18 -19.42 -3.75
OC CYC M . 43.91 -15.32 -5.73
CHD CYC M . 41.28 -15.43 -1.99
ND CYC M . 40.46 -13.62 -0.57
C1D CYC M . 41.39 -14.11 -1.42
C2D CYC M . 42.24 -12.96 -1.68
C3D CYC M . 41.82 -11.84 -0.96
C4D CYC M . 40.64 -12.27 -0.24
CMD CYC M . 43.28 -12.86 -2.74
CAD CYC M . 42.33 -10.34 -1.01
CBD CYC M . 41.93 -9.61 -2.29
CGD CYC M . 42.32 -8.10 -2.24
O1D CYC M . 42.93 -7.73 -1.15
O2D CYC M . 42.02 -7.34 -3.30
CHA CYC N . -5.00 -6.41 25.15
NA CYC N . -3.00 -7.81 24.89
C1A CYC N . -3.68 -6.73 24.72
C2A CYC N . -2.96 -5.93 23.77
C3A CYC N . -1.85 -6.69 23.33
C4A CYC N . -1.90 -7.99 23.98
CMA CYC N . -0.78 -6.00 22.50
CAA CYC N . -3.36 -4.43 23.43
CBA CYC N . -3.94 -4.33 22.02
CGA CYC N . -5.26 -5.10 21.85
O1A CYC N . -5.15 -6.17 21.23
O2A CYC N . -6.26 -4.69 22.50
CHB CYC N . -0.95 -8.97 24.17
NB CYC N . -0.40 -8.88 21.76
C1B CYC N . -0.20 -9.28 22.99
C2B CYC N . 0.97 -10.19 22.89
C3B CYC N . 1.33 -10.27 21.54
C4B CYC N . 0.44 -9.43 20.83
CMB CYC N . 1.55 -10.96 24.09
CAB CYC N . 2.56 -11.01 20.86
CBB CYC N . 3.68 -9.90 20.66
OB CYC N . 0.53 -9.13 19.59
NC CYC N . -7.51 -9.25 30.75
C1C CYC N . -7.78 -9.82 31.95
C2C CYC N . -7.03 -11.01 32.15
C3C CYC N . -6.21 -11.20 30.86
C4C CYC N . -6.63 -9.99 29.98
CMC CYC N . -6.08 -10.97 33.45
CAC CYC N . -6.43 -12.57 30.18
CBC CYC N . -5.77 -13.71 30.98
OC CYC N . -8.48 -9.32 32.83
CHD CYC N . -5.98 -9.70 28.69
ND CYC N . -5.35 -8.23 26.85
C1D CYC N . -6.26 -8.63 27.75
C2D CYC N . -7.27 -7.60 27.61
C3D CYC N . -6.93 -6.67 26.57
C4D CYC N . -5.73 -7.09 26.11
CMD CYC N . -8.76 -7.73 28.25
CAD CYC N . -7.93 -5.76 25.87
CBD CYC N . -7.75 -4.53 26.71
CGD CYC N . -8.70 -3.29 26.31
O1D CYC N . -9.46 -3.49 25.33
O2D CYC N . -8.72 -2.25 27.19
CHC PEB O . 5.65 -39.24 18.12
NC PEB O . 6.61 -40.77 19.56
C1C PEB O . 7.47 -41.82 19.67
C2C PEB O . 7.69 -42.25 18.37
C3C PEB O . 7.05 -41.45 17.54
C4C PEB O . 6.44 -40.44 18.32
CMC PEB O . 7.01 -41.66 15.90
CAC PEB O . 8.64 -43.41 17.92
CBC PEB O . 7.65 -44.56 17.89
CGC PEB O . 8.37 -45.85 18.07
O1C PEB O . 9.32 -45.87 18.94
O2C PEB O . 7.88 -46.80 17.45
ND PEB O . 6.89 -38.51 16.06
C1D PEB O . 5.93 -38.40 17.01
C2D PEB O . 5.07 -37.35 16.50
C3D PEB O . 5.41 -37.00 15.22
C4D PEB O . 6.58 -37.72 14.90
CMD PEB O . 4.04 -36.67 17.33
CAD PEB O . 4.26 -36.39 14.27
CBD PEB O . 4.65 -36.21 12.89
OD PEB O . 6.97 -38.02 13.69
NA PEB O . 6.07 -41.46 26.88
C1A PEB O . 5.67 -41.32 28.11
C2A PEB O . 5.43 -39.85 28.45
C3A PEB O . 5.50 -39.23 26.97
C4A PEB O . 6.20 -40.28 26.24
CMA PEB O . 4.12 -39.60 29.12
CBA PEB O . 6.55 -37.02 26.16
OA PEB O . 5.30 -42.22 28.83
CHA PEB O . 6.52 -40.12 24.96
CAA PEB O . 6.33 -38.01 27.27
NB PEB O . 7.23 -41.03 22.74
C1B PEB O . 7.38 -40.94 24.11
C2B PEB O . 8.24 -42.01 24.35
C3B PEB O . 8.55 -42.64 23.21
C4B PEB O . 7.90 -42.02 22.18
CHB PEB O . 8.00 -42.39 20.85
CMB PEB O . 8.71 -42.26 25.83
CAB PEB O . 9.50 -43.98 22.90
CBB PEB O . 11.00 -43.70 23.10
CGB PEB O . 11.54 -42.78 22.08
O1B PEB O . 12.20 -41.80 22.59
O2B PEB O . 11.25 -42.96 20.82
CHA CYC P . -20.56 -17.80 30.84
NA CYC P . -21.29 -15.80 29.59
C1A CYC P . -20.32 -16.65 30.08
C2A CYC P . -18.99 -16.10 29.87
C3A CYC P . -19.17 -14.86 29.37
C4A CYC P . -20.74 -14.63 29.25
CMA CYC P . -17.99 -14.11 28.62
CAA CYC P . -17.70 -16.87 30.24
CBA CYC P . -17.00 -16.12 31.40
CGA CYC P . -17.91 -16.04 32.77
O1A CYC P . -18.34 -14.90 33.13
O2A CYC P . -18.02 -17.07 33.40
CHB CYC P . -21.48 -13.67 28.53
NB CYC P . -20.06 -11.83 29.14
C1B CYC P . -21.09 -12.39 28.45
C2B CYC P . -21.68 -11.34 27.70
C3B CYC P . -21.00 -10.17 27.99
C4B CYC P . -19.97 -10.54 28.91
CMB CYC P . -23.17 -11.38 26.84
CAB CYC P . -21.28 -8.70 27.41
CBB CYC P . -21.44 -7.67 28.63
OB CYC P . -19.03 -9.80 29.30
NC CYC P . -26.12 -21.16 30.72
C1C CYC P . -27.27 -21.91 30.60
C2C CYC P . -28.48 -21.09 30.26
C3C CYC P . -27.67 -19.85 29.70
C4C CYC P . -26.26 -19.96 30.36
CMC CYC P . -29.22 -21.73 29.06
CAC CYC P . -28.52 -18.46 29.68
CBC CYC P . -29.19 -18.19 28.32
OC CYC P . -27.13 -23.16 30.18
CHD CYC P . -25.30 -18.95 30.39
ND CYC P . -23.07 -18.04 30.74
C1D CYC P . -23.95 -19.02 30.94
C2D CYC P . -23.16 -20.09 31.58
C3D CYC P . -21.82 -19.71 31.70
C4D CYC P . -21.75 -18.41 31.12
CMD CYC P . -23.76 -21.31 32.39
CAD CYC P . -20.59 -20.41 32.52
CBD CYC P . -20.01 -21.33 31.37
CGD CYC P . -18.57 -21.94 31.65
O1D CYC P . -17.96 -21.42 32.55
O2D CYC P . -18.14 -22.83 30.93
CHA CYC Q . 1.59 24.04 11.56
NA CYC Q . -0.23 23.22 12.89
C1A CYC Q . 0.92 23.02 12.26
C2A CYC Q . 1.16 21.67 12.24
C3A CYC Q . 0.09 21.10 12.85
C4A CYC Q . -0.90 22.16 13.19
CMA CYC Q . 0.13 19.57 13.32
CAA CYC Q . 2.52 20.97 11.62
CBA CYC Q . 2.20 20.22 10.36
CGA CYC Q . 1.79 21.16 9.20
O1A CYC Q . 0.63 21.02 8.84
O2A CYC Q . 2.63 22.02 8.74
CHB CYC Q . -2.11 22.22 13.99
NB CYC Q . -2.70 20.05 13.16
C1B CYC Q . -2.93 21.07 13.97
C2B CYC Q . -4.17 20.74 14.63
C3B CYC Q . -4.65 19.57 14.15
C4B CYC Q . -3.70 19.13 13.18
CMB CYC Q . -4.80 21.50 15.78
CAB CYC Q . -6.00 18.75 14.57
CBB CYC Q . -6.65 17.79 13.43
OB CYC Q . -3.83 18.21 12.28
NC CYC Q . 1.05 30.59 12.83
C1C CYC Q . 0.90 31.85 13.34
C2C CYC Q . -0.56 32.03 14.00
C3C CYC Q . -1.17 30.63 13.78
C4C CYC Q . -0.11 29.87 12.97
CMC CYC Q . -0.60 32.59 15.52
CAC CYC Q . -2.63 30.72 13.13
CBC CYC Q . -3.65 31.63 13.97
OC CYC Q . 1.78 32.72 13.41
CHD CYC Q . -0.32 28.52 12.76
ND CYC Q . 0.39 26.21 12.19
C1D CYC Q . 0.48 27.61 12.02
C2D CYC Q . 1.70 27.73 11.17
C3D CYC Q . 2.16 26.43 10.85
C4D CYC Q . 1.34 25.47 11.54
CMD CYC Q . 2.16 28.96 10.55
CAD CYC Q . 3.17 25.99 9.67
CBD CYC Q . 4.43 26.13 10.39
CGD CYC Q . 5.70 25.88 9.61
O1D CYC Q . 5.59 25.41 8.53
O2D CYC Q . 6.80 26.20 10.23
CHA CYC R . -36.52 26.27 16.93
NA CYC R . -34.98 25.45 15.20
C1A CYC R . -36.15 25.46 15.82
C2A CYC R . -36.97 24.50 15.19
C3A CYC R . -36.28 23.94 14.18
C4A CYC R . -34.89 24.50 14.29
CMA CYC R . -36.79 22.94 13.08
CAA CYC R . -38.44 24.18 15.66
CBA CYC R . -39.28 25.44 15.11
CGA CYC R . -40.70 24.85 14.98
O1A CYC R . -41.01 24.34 13.88
O2A CYC R . -41.36 24.79 15.99
CHB CYC R . -33.67 24.42 13.61
NB CYC R . -33.67 22.01 13.28
C1B CYC R . -33.15 23.19 13.13
C2B CYC R . -32.18 23.07 12.10
C3B CYC R . -32.27 21.85 11.48
C4B CYC R . -33.27 21.18 12.25
CMB CYC R . -30.97 24.13 11.80
CAB CYC R . -31.30 21.48 10.18
CBB CYC R . -31.68 20.30 9.55
OB CYC R . -33.90 20.23 11.97
NC CYC R . -33.77 31.52 19.29
C1C CYC R . -33.17 32.62 19.78
C2C CYC R . -31.67 32.43 19.87
C3C CYC R . -31.50 31.17 19.01
C4C CYC R . -32.77 30.53 19.05
CMC CYC R . -30.91 33.56 19.19
CAC CYC R . -30.46 30.35 19.86
CBC CYC R . -29.88 29.02 19.18
OC CYC R . -33.72 33.81 19.85
CHD CYC R . -32.98 29.27 18.45
ND CYC R . -34.54 27.68 17.56
C1D CYC R . -34.13 28.47 18.58
C2D CYC R . -35.29 28.57 19.41
C3D CYC R . -36.30 27.83 18.87
C4D CYC R . -35.82 27.26 17.70
CMD CYC R . -35.37 29.52 20.72
CAD CYC R . -37.76 27.64 19.46
CBD CYC R . -37.85 26.68 20.70
CGD CYC R . -37.59 25.21 20.42
O1D CYC R . -36.84 24.71 21.19
O2D CYC R . -38.24 24.60 19.49
CHA CYC S . -3.46 41.03 2.06
NA CYC S . -1.84 39.66 0.88
C1A CYC S . -2.67 39.90 1.91
C2A CYC S . -2.53 38.84 2.86
C3A CYC S . -1.57 37.96 2.36
C4A CYC S . -1.04 38.53 1.17
CMA CYC S . -1.34 36.46 2.92
CAA CYC S . -3.55 38.61 4.12
CBA CYC S . -2.79 38.69 5.38
CGA CYC S . -2.05 40.09 5.57
O1A CYC S . -2.77 41.00 5.78
O2A CYC S . -0.79 40.16 5.41
CHB CYC S . 0.04 38.22 0.30
NB CYC S . 1.57 37.07 1.73
C1B CYC S . 1.18 37.49 0.59
C2B CYC S . 2.14 36.98 -0.31
C3B CYC S . 3.06 36.25 0.42
C4B CYC S . 2.61 36.37 1.75
CMB CYC S . 2.23 37.17 -1.97
CAB CYC S . 4.38 35.59 -0.10
CBB CYC S . 5.64 36.05 0.71
OB CYC S . 3.20 36.13 2.82
NC CYC S . -4.71 45.58 -2.42
C1C CYC S . -4.97 46.46 -3.35
C2C CYC S . -4.73 45.94 -4.75
C3C CYC S . -3.95 44.55 -4.45
C4C CYC S . -4.25 44.42 -2.90
CMC CYC S . -6.20 45.88 -5.32
CAC CYC S . -2.44 44.49 -4.97
CBC CYC S . -2.44 44.12 -6.41
OC CYC S . -5.01 47.76 -3.11
CHD CYC S . -3.74 43.50 -2.08
ND CYC S . -3.36 42.32 0.01
C1D CYC S . -4.03 43.20 -0.68
C2D CYC S . -4.94 43.66 0.26
C3D CYC S . -4.77 42.94 1.42
C4D CYC S . -3.75 42.08 1.22
CMD CYC S . -6.04 44.80 0.04
CAD CYC S . -5.64 43.03 2.76
CBD CYC S . -6.59 41.80 2.76
CGD CYC S . -7.65 41.90 3.93
O1D CYC S . -7.23 42.10 5.07
O2D CYC S . -8.79 41.56 3.65
CHA CYC T . 25.38 -0.99 9.58
NA CYC T . 25.32 1.33 8.96
C1A CYC T . 24.82 0.32 9.52
C2A CYC T . 23.48 0.67 9.81
C3A CYC T . 23.28 1.95 9.33
C4A CYC T . 24.47 2.37 8.64
CMA CYC T . 22.09 2.89 9.84
CAA CYC T . 22.36 -0.23 10.56
CBA CYC T . 21.30 -0.83 9.57
CGA CYC T . 21.87 -1.67 8.34
O1A CYC T . 21.65 -1.15 7.16
O2A CYC T . 22.53 -2.79 8.55
CHB CYC T . 24.83 3.71 8.24
NB CYC T . 22.56 4.04 7.20
C1B CYC T . 23.81 4.51 7.61
C2B CYC T . 23.90 5.83 7.08
C3B CYC T . 22.76 6.07 6.27
C4B CYC T . 21.90 4.89 6.34
CMB CYC T . 24.94 6.90 7.43
CAB CYC T . 22.37 7.38 5.53
CBB CYC T . 21.80 8.32 6.66
OB CYC T . 20.82 4.62 5.66
NC CYC T . 31.81 -2.21 10.22
C1C CYC T . 33.12 -2.19 10.46
C2C CYC T . 33.88 -1.04 9.82
C3C CYC T . 32.74 -0.26 9.13
C4C CYC T . 31.46 -1.21 9.42
CMC CYC T . 34.57 -0.14 10.89
CAC CYC T . 33.03 0.02 7.59
CBC CYC T . 34.30 1.06 7.39
OC CYC T . 33.73 -3.12 11.04
CHD CYC T . 30.18 -0.78 9.02
ND CYC T . 27.84 -0.69 9.15
C1D CYC T . 28.94 -1.45 9.14
C2D CYC T . 28.50 -2.71 9.54
C3D CYC T . 27.13 -2.68 9.67
C4D CYC T . 26.68 -1.39 9.42
CMD CYC T . 29.32 -4.00 9.72
CAD CYC T . 26.17 -3.96 9.85
CBD CYC T . 26.22 -4.23 11.36
CGD CYC T . 25.42 -5.58 11.64
O1D CYC T . 24.68 -6.07 10.62
O2D CYC T . 25.56 -6.05 12.87
CHA CYC U . 38.16 24.05 -16.33
NA CYC U . 36.68 21.99 -16.37
C1A CYC U . 37.13 23.25 -16.85
C2A CYC U . 36.33 23.55 -17.86
C3A CYC U . 35.34 22.52 -18.01
C4A CYC U . 35.48 21.60 -17.00
CMA CYC U . 34.10 22.66 -19.12
CAA CYC U . 36.47 24.82 -18.84
CBA CYC U . 37.24 24.17 -20.06
CGA CYC U . 37.53 25.03 -21.31
O1A CYC U . 36.97 26.15 -21.34
O2A CYC U . 38.34 24.47 -22.23
CHB CYC U . 34.88 20.39 -16.45
NB CYC U . 32.46 21.24 -16.67
C1B CYC U . 33.47 20.27 -16.32
C2B CYC U . 32.84 19.01 -16.01
C3B CYC U . 31.57 19.10 -16.44
C4B CYC U . 31.35 20.58 -16.86
CMB CYC U . 33.56 17.78 -15.23
CAB CYC U . 30.72 17.83 -16.84
CBB CYC U . 29.32 18.15 -17.35
OB CYC U . 30.55 20.98 -17.72
NC CYC U . 43.04 22.16 -12.45
C1C CYC U . 44.08 21.71 -11.69
C2C CYC U . 43.61 20.79 -10.58
C3C CYC U . 42.01 20.66 -10.98
C4C CYC U . 41.86 21.73 -12.02
CMC CYC U . 44.40 19.44 -10.60
CAC CYC U . 41.38 21.22 -9.79
CBC CYC U . 39.72 20.98 -9.46
OC CYC U . 45.25 21.91 -12.02
CHD CYC U . 40.59 21.97 -12.64
ND CYC U . 39.24 22.80 -14.41
C1D CYC U . 40.24 22.97 -13.42
C2D CYC U . 40.81 24.21 -13.84
C3D CYC U . 40.12 24.72 -14.96
C4D CYC U . 39.12 23.84 -15.26
CMD CYC U . 41.93 24.95 -13.01
CAD CYC U . 40.44 25.96 -15.86
CBD CYC U . 39.95 27.24 -15.21
CGD CYC U . 38.48 27.41 -14.96
O1D CYC U . 38.36 27.87 -13.80
O2D CYC U . 37.62 27.38 -15.96
CHA CYC V . -27.54 -29.35 8.28
NA CYC V . -25.14 -29.49 8.05
C1A CYC V . -26.34 -28.94 7.77
C2A CYC V . -26.17 -27.98 6.69
C3A CYC V . -24.85 -28.07 6.35
C4A CYC V . -24.22 -29.10 7.16
CMA CYC V . -24.12 -27.09 5.37
CAA CYC V . -27.31 -27.06 6.07
CBA CYC V . -27.42 -27.29 4.62
CGA CYC V . -28.09 -28.79 4.48
O1A CYC V . -29.29 -28.87 4.88
O2A CYC V . -27.39 -29.68 4.02
CHB CYC V . -22.82 -29.60 7.38
NB CYC V . -22.09 -29.39 5.05
C1B CYC V . -21.92 -29.64 6.28
C2B CYC V . -20.49 -30.09 6.37
C3B CYC V . -19.96 -30.02 5.16
C4B CYC V . -21.06 -29.55 4.28
CMB CYC V . -19.81 -30.41 7.79
CAB CYC V . -18.41 -30.20 4.80
CBB CYC V . -18.23 -31.24 3.61
OB CYC V . -21.05 -29.26 3.03
NC CYC V . -28.73 -33.22 13.58
C1C CYC V . -28.93 -33.93 14.67
C2C CYC V . -27.63 -33.84 15.56
C3C CYC V . -26.61 -33.08 14.65
C4C CYC V . -27.51 -32.53 13.53
CMC CYC V . -27.70 -33.35 17.05
CAC CYC V . -25.46 -34.05 14.15
CBC CYC V . -24.29 -33.79 15.02
OC CYC V . -30.02 -34.74 14.73
CHD CYC V . -27.10 -31.99 12.27
ND CYC V . -27.11 -30.96 10.14
C1D CYC V . -27.78 -31.41 11.25
C2D CYC V . -29.14 -30.98 11.08
C3D CYC V . -29.23 -30.24 9.91
C4D CYC V . -27.86 -30.23 9.33
CMD CYC V . -30.37 -31.29 12.08
CAD CYC V . -30.39 -29.58 9.24
CBD CYC V . -30.51 -28.10 9.76
CGD CYC V . -31.70 -27.27 9.04
O1D CYC V . -32.02 -27.52 7.88
O2D CYC V . -32.19 -26.38 9.71
CHA CYC W . 10.46 -12.32 -21.33
NA CYC W . 9.37 -14.30 -20.38
C1A CYC W . 9.45 -12.98 -20.62
C2A CYC W . 8.41 -12.35 -19.93
C3A CYC W . 7.84 -13.32 -19.20
C4A CYC W . 8.52 -14.56 -19.36
CMA CYC W . 6.34 -13.14 -18.55
CAA CYC W . 7.97 -10.81 -20.01
CBA CYC W . 8.21 -10.09 -18.67
CGA CYC W . 9.62 -10.14 -18.12
O1A CYC W . 9.74 -10.63 -16.92
O2A CYC W . 10.58 -9.75 -18.93
CHB CYC W . 8.19 -15.89 -18.92
NB CYC W . 7.38 -15.20 -16.72
C1B CYC W . 7.58 -16.10 -17.66
C2B CYC W . 7.11 -17.33 -17.06
C3B CYC W . 6.67 -17.05 -15.79
C4B CYC W . 6.93 -15.67 -15.54
CMB CYC W . 7.10 -18.73 -17.71
CAB CYC W . 5.57 -17.93 -15.01
CBB CYC W . 6.04 -17.94 -13.54
OB CYC W . 6.96 -15.02 -14.43
NC CYC W . 14.56 -15.28 -25.59
C1C CYC W . 15.24 -15.99 -26.48
C2C CYC W . 15.44 -17.44 -26.05
C3C CYC W . 14.54 -17.49 -24.72
C4C CYC W . 14.20 -16.03 -24.53
CMC CYC W . 14.92 -18.43 -27.28
CAC CYC W . 15.45 -18.23 -23.67
CBC CYC W . 15.58 -19.76 -23.89
OC CYC W . 15.77 -15.54 -27.50
CHD CYC W . 13.51 -15.61 -23.49
ND CYC W . 11.96 -14.22 -22.13
C1D CYC W . 13.09 -14.36 -23.05
C2D CYC W . 13.31 -13.05 -23.47
C3D CYC W . 12.46 -12.20 -22.90
C4D CYC W . 11.59 -12.94 -22.02
CMD CYC W . 14.60 -12.56 -24.15
CAD CYC W . 12.28 -10.65 -23.31
CBD CYC W . 12.88 -9.95 -22.10
CGD CYC W . 12.83 -8.33 -22.47
O1D CYC W . 13.29 -7.51 -21.52
O2D CYC W . 12.43 -8.01 -23.68
CHA CYC X . 17.62 -44.73 -1.67
NA CYC X . 17.73 -42.27 -1.39
C1A CYC X . 17.67 -43.52 -0.92
C2A CYC X . 17.57 -43.43 0.39
C3A CYC X . 17.53 -42.05 0.73
C4A CYC X . 17.55 -41.34 -0.43
CMA CYC X . 17.35 -41.44 2.14
CAA CYC X . 17.45 -44.75 1.36
CBA CYC X . 18.84 -44.76 1.86
CGA CYC X . 19.25 -45.98 2.48
O1A CYC X . 18.79 -46.10 3.68
O2A CYC X . 20.14 -46.67 1.78
CHB CYC X . 17.51 -39.95 -0.90
NB CYC X . 15.97 -39.13 0.91
C1B CYC X . 16.84 -39.00 -0.24
C2B CYC X . 17.12 -37.65 -0.36
C3B CYC X . 16.60 -37.03 0.75
C4B CYC X . 15.85 -37.99 1.55
CMB CYC X . 17.76 -36.96 -1.69
CAB CYC X . 16.98 -35.56 1.06
CBB CYC X . 16.88 -35.16 2.39
OB CYC X . 15.42 -37.86 2.80
NC CYC X . 19.45 -45.47 -7.80
C1C CYC X . 19.87 -45.54 -9.03
C2C CYC X . 19.31 -44.41 -9.92
C3C CYC X . 18.71 -43.45 -8.85
C4C CYC X . 18.54 -44.39 -7.64
CMC CYC X . 20.45 -43.78 -10.79
CAC CYC X . 17.32 -43.12 -9.35
CBC CYC X . 16.63 -41.88 -8.88
OC CYC X . 20.57 -46.44 -9.48
CHD CYC X . 18.01 -43.91 -6.49
ND CYC X . 17.70 -44.02 -4.13
C1D CYC X . 17.71 -44.61 -5.31
C2D CYC X . 17.69 -46.01 -4.99
C3D CYC X . 17.59 -46.20 -3.62
C4D CYC X . 17.63 -44.94 -3.05
CMD CYC X . 17.73 -47.25 -6.07
CAD CYC X . 17.41 -47.62 -2.94
CBD CYC X . 16.07 -48.15 -3.20
CGD CYC X . 14.91 -47.45 -2.41
O1D CYC X . 13.93 -47.22 -3.07
O2D CYC X . 15.06 -47.11 -1.19
CHA CYC Y . 30.29 -14.80 -24.06
NA CYC Y . 29.72 -12.53 -23.54
C1A CYC Y . 29.42 -13.83 -23.71
C2A CYC Y . 27.99 -14.03 -23.59
C3A CYC Y . 27.46 -12.80 -23.45
C4A CYC Y . 28.59 -11.78 -23.53
CMA CYC Y . 26.02 -12.55 -23.03
CAA CYC Y . 27.27 -15.43 -23.48
CBA CYC Y . 26.48 -15.80 -24.73
CGA CYC Y . 27.30 -15.77 -26.01
O1A CYC Y . 28.02 -16.78 -26.25
O2A CYC Y . 27.10 -14.75 -26.73
CHB CYC Y . 28.60 -10.40 -23.36
NB CYC Y . 26.38 -9.87 -24.44
C1B CYC Y . 27.47 -9.54 -23.77
C2B CYC Y . 27.34 -8.13 -23.61
C3B CYC Y . 26.19 -7.65 -24.24
C4B CYC Y . 25.57 -8.84 -24.76
CMB CYC Y . 28.40 -7.28 -23.04
CAB CYC Y . 25.66 -6.09 -24.28
CBB CYC Y . 25.23 -5.64 -25.80
OB CYC Y . 24.35 -9.05 -25.37
NC CYC Y . 36.59 -14.39 -23.03
C1C CYC Y . 37.95 -14.38 -22.85
C2C CYC Y . 38.57 -13.05 -23.15
C3C CYC Y . 37.25 -12.19 -22.88
C4C CYC Y . 36.13 -13.26 -23.29
CMC CYC Y . 39.65 -12.69 -22.02
CAC CYC Y . 37.24 -10.69 -23.55
CBC CYC Y . 37.40 -9.69 -22.52
OC CYC Y . 38.52 -15.35 -22.15
CHD CYC Y . 34.77 -13.00 -23.55
ND CYC Y . 32.49 -13.67 -23.88
C1D CYC Y . 33.79 -13.99 -23.88
C2D CYC Y . 33.77 -15.41 -24.10
C3D CYC Y . 32.51 -15.84 -24.25
C4D CYC Y . 31.68 -14.72 -24.12
CMD CYC Y . 35.06 -16.33 -24.68
CAD CYC Y . 31.94 -17.35 -24.55
CBD CYC Y . 31.73 -18.02 -23.11
CGD CYC Y . 30.89 -19.34 -23.13
O1D CYC Y . 30.43 -19.76 -24.18
O2D CYC Y . 30.83 -19.93 -22.08
CHA CYC Z . -12.48 13.06 -19.27
NA CYC Z . -10.30 12.86 -20.33
C1A CYC Z . -11.32 12.34 -19.73
C2A CYC Z . -10.88 11.18 -19.20
C3A CYC Z . -9.53 11.09 -19.50
C4A CYC Z . -9.11 12.26 -20.19
CMA CYC Z . -8.73 9.69 -19.25
CAA CYC Z . -11.74 10.22 -18.35
CBA CYC Z . -11.15 10.07 -16.90
CGA CYC Z . -11.32 11.40 -16.15
O1A CYC Z . -10.25 11.98 -15.82
O2A CYC Z . -12.52 11.82 -15.93
CHB CYC Z . -7.90 12.48 -21.11
NB CYC Z . -6.55 11.67 -19.14
C1B CYC Z . -6.74 12.09 -20.54
C2B CYC Z . -5.52 11.95 -21.13
C3B CYC Z . -4.56 11.45 -20.16
C4B CYC Z . -5.21 11.31 -18.91
CMB CYC Z . -5.09 12.27 -22.55
CAB CYC Z . -3.02 11.00 -20.43
CBB CYC Z . -2.08 11.64 -19.41
OB CYC Z . -4.62 11.06 -17.80
NC CYC Z . -15.20 17.68 -23.11
C1C CYC Z . -15.71 18.59 -24.08
C2C CYC Z . -14.64 19.27 -24.93
C3C CYC Z . -13.38 18.56 -24.31
C4C CYC Z . -13.92 17.64 -23.12
CMC CYC Z . -14.67 18.84 -26.54
CAC CYC Z . -12.27 19.76 -23.84
CBC CYC Z . -11.57 20.38 -25.10
OC CYC Z . -16.98 18.78 -24.22
CHD CYC Z . -13.01 16.77 -22.42
ND CYC Z . -12.50 15.02 -20.92
C1D CYC Z . -13.28 15.93 -21.26
C2D CYC Z . -14.38 15.78 -20.37
C3D CYC Z . -14.17 14.75 -19.48
C4D CYC Z . -13.01 14.27 -19.81
CMD CYC Z . -15.40 16.85 -20.11
CAD CYC Z . -15.08 14.30 -18.33
CBD CYC Z . -16.02 13.20 -18.82
CGD CYC Z . -17.16 12.98 -17.76
O1D CYC Z . -18.38 12.58 -18.20
O2D CYC Z . -16.85 13.30 -16.59
CHA CYC AA . 19.35 32.06 -29.68
NA CYC AA . 18.04 31.60 -27.53
C1A CYC AA . 19.18 31.82 -28.25
C2A CYC AA . 20.29 31.76 -27.33
C3A CYC AA . 19.80 31.48 -26.06
C4A CYC AA . 18.37 31.28 -26.20
CMA CYC AA . 20.67 31.40 -24.72
CAA CYC AA . 21.83 31.74 -27.82
CBA CYC AA . 22.74 32.59 -27.02
CGA CYC AA . 22.76 33.92 -27.60
O1A CYC AA . 21.64 34.49 -27.62
O2A CYC AA . 23.87 34.28 -28.08
CHB CYC AA . 17.31 30.67 -25.54
NB CYC AA . 18.56 29.01 -24.28
C1B CYC AA . 17.36 29.67 -24.62
C2B CYC AA . 16.45 29.48 -23.55
C3B CYC AA . 17.09 28.89 -22.57
C4B CYC AA . 18.50 28.60 -23.05
CMB CYC AA . 14.94 29.81 -23.64
CAB CYC AA . 16.44 28.50 -21.28
CBB CYC AA . 17.26 28.54 -20.10
OB CYC AA . 19.49 28.20 -22.46
NC CYC AA . 14.39 33.70 -33.61
C1C CYC AA . 13.43 34.07 -34.35
C2C CYC AA . 12.19 33.15 -34.20
C3C CYC AA . 12.64 32.33 -32.90
C4C CYC AA . 14.19 32.61 -32.89
CMC CYC AA . 10.98 33.95 -33.74
CAC CYC AA . 12.39 30.92 -33.29
CBC CYC AA . 12.38 29.89 -32.18
OC CYC AA . 13.54 35.22 -34.94
CHD CYC AA . 15.07 32.14 -31.91
ND CYC AA . 17.06 31.98 -30.62
C1D CYC AA . 16.42 32.11 -31.84
C2D CYC AA . 17.51 32.43 -32.77
C3D CYC AA . 18.73 32.42 -32.10
C4D CYC AA . 18.43 32.13 -30.72
CMD CYC AA . 17.29 32.43 -34.31
CAD CYC AA . 20.11 32.79 -32.70
CBD CYC AA . 20.66 31.63 -33.47
CGD CYC AA . 21.29 30.56 -32.51
O1D CYC AA . 21.95 30.85 -31.52
O2D CYC AA . 20.92 29.48 -32.78
CHA CYC BA . -18.19 32.26 -18.18
NA CYC BA . -19.05 30.92 -16.39
C1A CYC BA . -18.27 31.13 -17.43
C2A CYC BA . -17.75 29.92 -17.79
C3A CYC BA . -18.32 28.97 -16.95
C4A CYC BA . -19.24 29.61 -16.10
CMA CYC BA . -17.77 27.47 -16.84
CAA CYC BA . -16.60 29.69 -18.96
CBA CYC BA . -17.23 28.83 -20.03
CGA CYC BA . -18.57 29.58 -20.78
O1A CYC BA . -18.37 30.65 -21.40
O2A CYC BA . -19.77 29.15 -20.46
CHB CYC BA . -19.91 29.16 -14.89
NB CYC BA . -20.38 26.91 -15.73
C1B CYC BA . -20.37 27.87 -14.80
C2B CYC BA . -21.08 27.27 -13.72
C3B CYC BA . -21.45 26.00 -14.08
C4B CYC BA . -21.00 25.81 -15.36
CMB CYC BA . -21.44 28.09 -12.34
CAB CYC BA . -22.17 24.99 -13.22
CBB CYC BA . -23.40 24.34 -13.91
OB CYC BA . -21.03 24.74 -16.03
NC CYC BA . -19.40 38.17 -15.70
C1C CYC BA . -19.65 39.45 -15.12
C2C CYC BA . -20.68 39.43 -14.06
C3C CYC BA . -20.62 37.87 -13.64
C4C CYC BA . -20.02 37.17 -15.04
CMC CYC BA . -20.20 40.29 -13.02
CAC CYC BA . -21.90 37.34 -13.00
CBC CYC BA . -21.78 37.38 -11.46
OC CYC BA . -18.73 40.41 -15.12
CHD CYC BA . -20.01 35.85 -15.36
ND CYC BA . -19.25 33.89 -16.79
C1D CYC BA . -19.37 35.25 -16.58
C2D CYC BA . -18.62 35.76 -17.75
C3D CYC BA . -18.15 34.69 -18.54
C4D CYC BA . -18.62 33.52 -17.88
CMD CYC BA . -18.38 37.29 -18.16
CAD CYC BA . -17.20 34.76 -19.84
CBD CYC BA . -15.75 34.82 -19.34
CGD CYC BA . -14.69 34.61 -20.51
O1D CYC BA . -15.02 33.90 -21.45
O2D CYC BA . -13.52 34.82 -20.15
CHA CYC CA . -19.78 -17.43 -5.74
NA CYC CA . -21.02 -15.37 -5.89
C1A CYC CA . -19.97 -16.08 -6.12
C2A CYC CA . -18.96 -15.25 -6.63
C3A CYC CA . -19.42 -14.06 -6.65
C4A CYC CA . -20.83 -14.04 -6.06
CMA CYC CA . -18.66 -12.85 -7.47
CAA CYC CA . -17.41 -15.75 -7.11
CBA CYC CA . -16.32 -15.09 -6.22
CGA CYC CA . -16.50 -15.55 -4.75
O1A CYC CA . -16.30 -16.89 -4.52
O2A CYC CA . -16.82 -14.63 -3.99
CHB CYC CA . -21.86 -13.10 -6.31
NB CYC CA . -20.25 -11.20 -5.41
C1B CYC CA . -21.47 -11.67 -6.00
C2B CYC CA . -22.34 -10.49 -5.98
C3B CYC CA . -21.67 -9.39 -5.38
C4B CYC CA . -20.33 -9.87 -4.96
CMB CYC CA . -23.82 -10.51 -6.36
CAB CYC CA . -22.21 -7.87 -5.26
CBB CYC CA . -22.32 -7.41 -3.79
OB CYC CA . -19.46 -9.27 -4.19
NC CYC CA . -24.53 -21.92 -5.14
C1C CYC CA . -25.58 -22.69 -5.23
C2C CYC CA . -26.94 -21.98 -4.92
C3C CYC CA . -26.49 -20.47 -4.71
C4C CYC CA . -24.89 -20.63 -4.81
CMC CYC CA . -27.91 -22.20 -6.21
CAC CYC CA . -27.05 -19.79 -3.41
CBC CYC CA . -28.50 -19.51 -3.30
OC CYC CA . -25.50 -23.85 -5.52
CHD CYC CA . -24.11 -19.53 -4.72
ND CYC CA . -22.07 -18.27 -5.10
C1D CYC CA . -22.71 -19.43 -4.72
C2D CYC CA . -21.62 -20.34 -4.71
C3D CYC CA . -20.46 -19.67 -5.04
C4D CYC CA . -20.76 -18.38 -5.28
CMD CYC CA . -21.57 -21.83 -4.20
CAD CYC CA . -19.10 -20.16 -4.63
CBD CYC CA . -18.36 -20.73 -5.80
CGD CYC CA . -17.03 -21.17 -5.20
O1D CYC CA . -16.64 -20.69 -3.95
O2D CYC CA . -16.47 -21.98 -5.94
CHA CYC DA . -46.69 4.81 10.29
NA CYC DA . -44.49 4.13 10.86
C1A CYC DA . -45.49 4.93 10.97
C2A CYC DA . -45.08 6.02 11.68
C3A CYC DA . -43.66 5.86 11.91
C4A CYC DA . -43.31 4.67 11.28
CMA CYC DA . -42.82 6.68 13.06
CAA CYC DA . -45.92 7.18 12.15
CBA CYC DA . -46.23 6.95 13.58
CGA CYC DA . -47.10 8.11 13.98
O1A CYC DA . -46.68 9.34 13.87
O2A CYC DA . -48.17 7.78 14.39
CHB CYC DA . -42.12 3.90 11.07
NB CYC DA . -40.59 5.82 10.98
C1B CYC DA . -40.84 4.50 10.96
C2B CYC DA . -39.62 3.80 11.28
C3B CYC DA . -38.68 4.74 11.69
C4B CYC DA . -39.30 6.04 11.49
CMB CYC DA . -39.46 2.19 11.05
CAB CYC DA . -37.29 4.55 12.55
CBB CYC DA . -36.22 5.37 11.79
OB CYC DA . -38.78 7.12 11.84
NC CYC DA . -49.43 -0.58 8.09
C1C CYC DA . -49.99 -1.73 7.67
C2C CYC DA . -49.02 -2.52 6.83
C3C CYC DA . -47.65 -1.71 7.09
C4C CYC DA . -48.14 -0.41 7.62
CMC CYC DA . -48.80 -3.99 7.30
CAC CYC DA . -47.19 -1.46 5.67
CBC CYC DA . -45.54 -1.14 5.37
OC CYC DA . -51.12 -2.10 8.06
CHD CYC DA . -47.25 0.64 7.94
ND CYC DA . -46.64 2.68 9.05
C1D CYC DA . -47.51 1.96 8.29
C2D CYC DA . -48.76 2.72 8.27
C3D CYC DA . -48.58 3.82 8.95
C4D CYC DA . -47.22 3.82 9.46
CMD CYC DA . -50.06 2.26 7.54
CAD CYC DA . -49.66 4.94 9.24
CBD CYC DA . -49.77 5.93 8.06
CGD CYC DA . -48.69 7.00 8.15
O1D CYC DA . -48.47 7.56 9.29
O2D CYC DA . -48.08 7.20 7.09
#